data_7ORW
# 
_entry.id   7ORW 
# 
_audit_conform.dict_name       mmcif_pdbx.dic 
_audit_conform.dict_version    5.384 
_audit_conform.dict_location   http://mmcif.pdb.org/dictionaries/ascii/mmcif_pdbx.dic 
# 
loop_
_database_2.database_id 
_database_2.database_code 
_database_2.pdbx_database_accession 
_database_2.pdbx_DOI 
PDB   7ORW         pdb_00007orw 10.2210/pdb7orw/pdb 
WWPDB D_1292116326 ?            ?                   
# 
loop_
_pdbx_audit_revision_history.ordinal 
_pdbx_audit_revision_history.data_content_type 
_pdbx_audit_revision_history.major_revision 
_pdbx_audit_revision_history.minor_revision 
_pdbx_audit_revision_history.revision_date 
1 'Structure model' 1 0 2021-10-20 
2 'Structure model' 1 1 2022-02-23 
3 'Structure model' 1 2 2024-01-31 
# 
_pdbx_audit_revision_details.ordinal             1 
_pdbx_audit_revision_details.revision_ordinal    1 
_pdbx_audit_revision_details.data_content_type   'Structure model' 
_pdbx_audit_revision_details.provider            repository 
_pdbx_audit_revision_details.type                'Initial release' 
_pdbx_audit_revision_details.description         ? 
_pdbx_audit_revision_details.details             ? 
# 
loop_
_pdbx_audit_revision_group.ordinal 
_pdbx_audit_revision_group.revision_ordinal 
_pdbx_audit_revision_group.data_content_type 
_pdbx_audit_revision_group.group 
1 2 'Structure model' 'Database references'    
2 3 'Structure model' 'Data collection'        
3 3 'Structure model' 'Refinement description' 
# 
loop_
_pdbx_audit_revision_category.ordinal 
_pdbx_audit_revision_category.revision_ordinal 
_pdbx_audit_revision_category.data_content_type 
_pdbx_audit_revision_category.category 
1 2 'Structure model' citation                      
2 2 'Structure model' citation_author               
3 3 'Structure model' chem_comp_atom                
4 3 'Structure model' chem_comp_bond                
5 3 'Structure model' pdbx_initial_refinement_model 
# 
loop_
_pdbx_audit_revision_item.ordinal 
_pdbx_audit_revision_item.revision_ordinal 
_pdbx_audit_revision_item.data_content_type 
_pdbx_audit_revision_item.item 
1 2 'Structure model' '_citation.journal_volume'          
2 2 'Structure model' '_citation.page_first'              
3 2 'Structure model' '_citation.page_last'               
4 2 'Structure model' '_citation.pdbx_database_id_DOI'    
5 2 'Structure model' '_citation.pdbx_database_id_PubMed' 
6 2 'Structure model' '_citation.title'                   
7 2 'Structure model' '_citation.year'                    
8 2 'Structure model' '_citation_author.identifier_ORCID' 
# 
_pdbx_database_status.status_code                     REL 
_pdbx_database_status.status_code_sf                  REL 
_pdbx_database_status.status_code_mr                  ? 
_pdbx_database_status.entry_id                        7ORW 
_pdbx_database_status.recvd_initial_deposition_date   2021-06-06 
_pdbx_database_status.SG_entry                        N 
_pdbx_database_status.deposit_site                    PDBE 
_pdbx_database_status.process_site                    PDBE 
_pdbx_database_status.status_code_cs                  ? 
_pdbx_database_status.status_code_nmr_data            ? 
_pdbx_database_status.methods_development_category    ? 
_pdbx_database_status.pdb_format_compatible           Y 
# 
loop_
_audit_author.name 
_audit_author.pdbx_ordinal 
_audit_author.identifier_ORCID 
'Talibov, V.O.' 1  ? 
'Kozielski, F.' 2  ? 
'Sele, C.'      3  ? 
'Lou, J.'       4  ? 
'Dong, D.'      5  ? 
'Wang, Q.'      6  ? 
'Shi, X.'       7  ? 
'Nyblom, M.'    8  ? 
'Rogstam, A.'   9  ? 
'Krojer, T.'    10 ? 
'Knecht, W.'    11 ? 
'Fisher, S.Z.'  12 ? 
# 
_citation.abstract                  ? 
_citation.abstract_id_CAS           ? 
_citation.book_id_ISBN              ? 
_citation.book_publisher            ? 
_citation.book_publisher_city       ? 
_citation.book_title                ? 
_citation.coordinate_linkage        ? 
_citation.country                   UK 
_citation.database_id_Medline       ? 
_citation.details                   ? 
_citation.id                        primary 
_citation.journal_abbrev            'Rsc Chem Biol' 
_citation.journal_id_ASTM           ? 
_citation.journal_id_CSD            ? 
_citation.journal_id_ISSN           2633-0679 
_citation.journal_full              ? 
_citation.journal_issue             ? 
_citation.journal_volume            3 
_citation.language                  ? 
_citation.page_first                44 
_citation.page_last                 55 
_citation.title                     
;Identification of fragments binding to SARS-CoV-2 nsp10 reveals ligand-binding sites in conserved interfaces between nsp10 and nsp14/nsp16.
;
_citation.year                      2022 
_citation.database_id_CSD           ? 
_citation.pdbx_database_id_DOI      10.1039/d1cb00135c 
_citation.pdbx_database_id_PubMed   35128408 
_citation.pdbx_database_id_patent   ? 
_citation.unpublished_flag          ? 
# 
loop_
_citation_author.citation_id 
_citation_author.name 
_citation_author.ordinal 
_citation_author.identifier_ORCID 
primary 'Kozielski, F.' 1  ?                   
primary 'Sele, C.'      2  ?                   
primary 'Talibov, V.O.' 3  ?                   
primary 'Lou, J.'       4  ?                   
primary 'Dong, D.'      5  ?                   
primary 'Wang, Q.'      6  ?                   
primary 'Shi, X.'       7  ?                   
primary 'Nyblom, M.'    8  ?                   
primary 'Rogstam, A.'   9  ?                   
primary 'Krojer, T.'    10 ?                   
primary 'Fisher, Z.'    11 0000-0001-8287-0269 
primary 'Knecht, W.'    12 0000-0001-9530-7598 
# 
loop_
_entity.id 
_entity.type 
_entity.src_method 
_entity.pdbx_description 
_entity.formula_weight 
_entity.pdbx_number_of_molecules 
_entity.pdbx_ec 
_entity.pdbx_mutation 
_entity.pdbx_fragment 
_entity.details 
1 polymer     man 'Non-structural protein 10' 13284.236 1  ? ? ? ? 
2 non-polymer syn 'ZINC ION'                  65.409    2  ? ? ? ? 
3 non-polymer syn 1H-benzimidazol-4-amine     133.151   1  ? ? ? ? 
4 non-polymer syn GLYCEROL                    92.094    1  ? ? ? ? 
5 non-polymer syn 'DIMETHYL SULFOXIDE'        78.133    1  ? ? ? ? 
6 non-polymer syn 'CHLORIDE ION'              35.453    2  ? ? ? ? 
7 water       nat water                       18.015    86 ? ? ? ? 
# 
_entity_name_com.entity_id   1 
_entity_name_com.name        'nsp10,Growth factor-like peptide,GFL' 
# 
_entity_poly.entity_id                      1 
_entity_poly.type                           'polypeptide(L)' 
_entity_poly.nstd_linkage                   no 
_entity_poly.nstd_monomer                   no 
_entity_poly.pdbx_seq_one_letter_code       
;TMGNSTVLSFCAFAVDAAKAYKDYLASGGQPITNCVKMLCTHTGTGQAITVTPEANMDQESFGGASCCLYCRCHIDHPNP
KGFCDLKGKYVQIPTTCANDPVGFTLKNTVCTVCGMWKGYGCSCD
;
_entity_poly.pdbx_seq_one_letter_code_can   
;TMGNSTVLSFCAFAVDAAKAYKDYLASGGQPITNCVKMLCTHTGTGQAITVTPEANMDQESFGGASCCLYCRCHIDHPNP
KGFCDLKGKYVQIPTTCANDPVGFTLKNTVCTVCGMWKGYGCSCD
;
_entity_poly.pdbx_strand_id                 A 
_entity_poly.pdbx_target_identifier         ? 
# 
loop_
_pdbx_entity_nonpoly.entity_id 
_pdbx_entity_nonpoly.name 
_pdbx_entity_nonpoly.comp_id 
2 'ZINC ION'              ZN  
3 1H-benzimidazol-4-amine 7WA 
4 GLYCEROL                GOL 
5 'DIMETHYL SULFOXIDE'    DMS 
6 'CHLORIDE ION'          CL  
7 water                   HOH 
# 
loop_
_entity_poly_seq.entity_id 
_entity_poly_seq.num 
_entity_poly_seq.mon_id 
_entity_poly_seq.hetero 
1 1   THR n 
1 2   MET n 
1 3   GLY n 
1 4   ASN n 
1 5   SER n 
1 6   THR n 
1 7   VAL n 
1 8   LEU n 
1 9   SER n 
1 10  PHE n 
1 11  CYS n 
1 12  ALA n 
1 13  PHE n 
1 14  ALA n 
1 15  VAL n 
1 16  ASP n 
1 17  ALA n 
1 18  ALA n 
1 19  LYS n 
1 20  ALA n 
1 21  TYR n 
1 22  LYS n 
1 23  ASP n 
1 24  TYR n 
1 25  LEU n 
1 26  ALA n 
1 27  SER n 
1 28  GLY n 
1 29  GLY n 
1 30  GLN n 
1 31  PRO n 
1 32  ILE n 
1 33  THR n 
1 34  ASN n 
1 35  CYS n 
1 36  VAL n 
1 37  LYS n 
1 38  MET n 
1 39  LEU n 
1 40  CYS n 
1 41  THR n 
1 42  HIS n 
1 43  THR n 
1 44  GLY n 
1 45  THR n 
1 46  GLY n 
1 47  GLN n 
1 48  ALA n 
1 49  ILE n 
1 50  THR n 
1 51  VAL n 
1 52  THR n 
1 53  PRO n 
1 54  GLU n 
1 55  ALA n 
1 56  ASN n 
1 57  MET n 
1 58  ASP n 
1 59  GLN n 
1 60  GLU n 
1 61  SER n 
1 62  PHE n 
1 63  GLY n 
1 64  GLY n 
1 65  ALA n 
1 66  SER n 
1 67  CYS n 
1 68  CYS n 
1 69  LEU n 
1 70  TYR n 
1 71  CYS n 
1 72  ARG n 
1 73  CYS n 
1 74  HIS n 
1 75  ILE n 
1 76  ASP n 
1 77  HIS n 
1 78  PRO n 
1 79  ASN n 
1 80  PRO n 
1 81  LYS n 
1 82  GLY n 
1 83  PHE n 
1 84  CYS n 
1 85  ASP n 
1 86  LEU n 
1 87  LYS n 
1 88  GLY n 
1 89  LYS n 
1 90  TYR n 
1 91  VAL n 
1 92  GLN n 
1 93  ILE n 
1 94  PRO n 
1 95  THR n 
1 96  THR n 
1 97  CYS n 
1 98  ALA n 
1 99  ASN n 
1 100 ASP n 
1 101 PRO n 
1 102 VAL n 
1 103 GLY n 
1 104 PHE n 
1 105 THR n 
1 106 LEU n 
1 107 LYS n 
1 108 ASN n 
1 109 THR n 
1 110 VAL n 
1 111 CYS n 
1 112 THR n 
1 113 VAL n 
1 114 CYS n 
1 115 GLY n 
1 116 MET n 
1 117 TRP n 
1 118 LYS n 
1 119 GLY n 
1 120 TYR n 
1 121 GLY n 
1 122 CYS n 
1 123 SER n 
1 124 CYS n 
1 125 ASP n 
# 
_entity_src_gen.entity_id                          1 
_entity_src_gen.pdbx_src_id                        1 
_entity_src_gen.pdbx_alt_source_flag               sample 
_entity_src_gen.pdbx_seq_type                      'Biological sequence' 
_entity_src_gen.pdbx_beg_seq_num                   1 
_entity_src_gen.pdbx_end_seq_num                   125 
_entity_src_gen.gene_src_common_name               '2019-nCoV, SARS-CoV-2' 
_entity_src_gen.gene_src_genus                     ? 
_entity_src_gen.pdbx_gene_src_gene                 'rep, 1a-1b' 
_entity_src_gen.gene_src_species                   ? 
_entity_src_gen.gene_src_strain                    ? 
_entity_src_gen.gene_src_tissue                    ? 
_entity_src_gen.gene_src_tissue_fraction           ? 
_entity_src_gen.gene_src_details                   ? 
_entity_src_gen.pdbx_gene_src_fragment             ? 
_entity_src_gen.pdbx_gene_src_scientific_name      'Severe acute respiratory syndrome coronavirus 2' 
_entity_src_gen.pdbx_gene_src_ncbi_taxonomy_id     2697049 
_entity_src_gen.pdbx_gene_src_variant              ? 
_entity_src_gen.pdbx_gene_src_cell_line            ? 
_entity_src_gen.pdbx_gene_src_atcc                 ? 
_entity_src_gen.pdbx_gene_src_organ                ? 
_entity_src_gen.pdbx_gene_src_organelle            ? 
_entity_src_gen.pdbx_gene_src_cell                 ? 
_entity_src_gen.pdbx_gene_src_cellular_location    ? 
_entity_src_gen.host_org_common_name               ? 
_entity_src_gen.pdbx_host_org_scientific_name      'Escherichia coli' 
_entity_src_gen.pdbx_host_org_ncbi_taxonomy_id     562 
_entity_src_gen.host_org_genus                     ? 
_entity_src_gen.pdbx_host_org_gene                 ? 
_entity_src_gen.pdbx_host_org_organ                ? 
_entity_src_gen.host_org_species                   ? 
_entity_src_gen.pdbx_host_org_tissue               ? 
_entity_src_gen.pdbx_host_org_tissue_fraction      ? 
_entity_src_gen.pdbx_host_org_strain               ? 
_entity_src_gen.pdbx_host_org_variant              ? 
_entity_src_gen.pdbx_host_org_cell_line            ? 
_entity_src_gen.pdbx_host_org_atcc                 ? 
_entity_src_gen.pdbx_host_org_culture_collection   ? 
_entity_src_gen.pdbx_host_org_cell                 ? 
_entity_src_gen.pdbx_host_org_organelle            ? 
_entity_src_gen.pdbx_host_org_cellular_location    ? 
_entity_src_gen.pdbx_host_org_vector_type          ? 
_entity_src_gen.pdbx_host_org_vector               ? 
_entity_src_gen.host_org_details                   ? 
_entity_src_gen.expression_system_id               ? 
_entity_src_gen.plasmid_name                       ? 
_entity_src_gen.plasmid_details                    ? 
_entity_src_gen.pdbx_description                   ? 
# 
loop_
_chem_comp.id 
_chem_comp.type 
_chem_comp.mon_nstd_flag 
_chem_comp.name 
_chem_comp.pdbx_synonyms 
_chem_comp.formula 
_chem_comp.formula_weight 
7WA non-polymer         . 1H-benzimidazol-4-amine ?                               'C7 H7 N3'       133.151 
ALA 'L-peptide linking' y ALANINE                 ?                               'C3 H7 N O2'     89.093  
ARG 'L-peptide linking' y ARGININE                ?                               'C6 H15 N4 O2 1' 175.209 
ASN 'L-peptide linking' y ASPARAGINE              ?                               'C4 H8 N2 O3'    132.118 
ASP 'L-peptide linking' y 'ASPARTIC ACID'         ?                               'C4 H7 N O4'     133.103 
CL  non-polymer         . 'CHLORIDE ION'          ?                               'Cl -1'          35.453  
CYS 'L-peptide linking' y CYSTEINE                ?                               'C3 H7 N O2 S'   121.158 
DMS non-polymer         . 'DIMETHYL SULFOXIDE'    ?                               'C2 H6 O S'      78.133  
GLN 'L-peptide linking' y GLUTAMINE               ?                               'C5 H10 N2 O3'   146.144 
GLU 'L-peptide linking' y 'GLUTAMIC ACID'         ?                               'C5 H9 N O4'     147.129 
GLY 'peptide linking'   y GLYCINE                 ?                               'C2 H5 N O2'     75.067  
GOL non-polymer         . GLYCEROL                'GLYCERIN; PROPANE-1,2,3-TRIOL' 'C3 H8 O3'       92.094  
HIS 'L-peptide linking' y HISTIDINE               ?                               'C6 H10 N3 O2 1' 156.162 
HOH non-polymer         . WATER                   ?                               'H2 O'           18.015  
ILE 'L-peptide linking' y ISOLEUCINE              ?                               'C6 H13 N O2'    131.173 
LEU 'L-peptide linking' y LEUCINE                 ?                               'C6 H13 N O2'    131.173 
LYS 'L-peptide linking' y LYSINE                  ?                               'C6 H15 N2 O2 1' 147.195 
MET 'L-peptide linking' y METHIONINE              ?                               'C5 H11 N O2 S'  149.211 
PHE 'L-peptide linking' y PHENYLALANINE           ?                               'C9 H11 N O2'    165.189 
PRO 'L-peptide linking' y PROLINE                 ?                               'C5 H9 N O2'     115.130 
SER 'L-peptide linking' y SERINE                  ?                               'C3 H7 N O3'     105.093 
THR 'L-peptide linking' y THREONINE               ?                               'C4 H9 N O3'     119.119 
TRP 'L-peptide linking' y TRYPTOPHAN              ?                               'C11 H12 N2 O2'  204.225 
TYR 'L-peptide linking' y TYROSINE                ?                               'C9 H11 N O3'    181.189 
VAL 'L-peptide linking' y VALINE                  ?                               'C5 H11 N O2'    117.146 
ZN  non-polymer         . 'ZINC ION'              ?                               'Zn 2'           65.409  
# 
loop_
_pdbx_poly_seq_scheme.asym_id 
_pdbx_poly_seq_scheme.entity_id 
_pdbx_poly_seq_scheme.seq_id 
_pdbx_poly_seq_scheme.mon_id 
_pdbx_poly_seq_scheme.ndb_seq_num 
_pdbx_poly_seq_scheme.pdb_seq_num 
_pdbx_poly_seq_scheme.auth_seq_num 
_pdbx_poly_seq_scheme.pdb_mon_id 
_pdbx_poly_seq_scheme.auth_mon_id 
_pdbx_poly_seq_scheme.pdb_strand_id 
_pdbx_poly_seq_scheme.pdb_ins_code 
_pdbx_poly_seq_scheme.hetero 
A 1 1   THR 1   7   7   THR THR A . n 
A 1 2   MET 2   8   8   MET MET A . n 
A 1 3   GLY 3   9   9   GLY GLY A . n 
A 1 4   ASN 4   10  10  ASN ASN A . n 
A 1 5   SER 5   11  11  SER SER A . n 
A 1 6   THR 6   12  12  THR THR A . n 
A 1 7   VAL 7   13  13  VAL VAL A . n 
A 1 8   LEU 8   14  14  LEU LEU A . n 
A 1 9   SER 9   15  15  SER SER A . n 
A 1 10  PHE 10  16  16  PHE PHE A . n 
A 1 11  CYS 11  17  17  CYS CYS A . n 
A 1 12  ALA 12  18  18  ALA ALA A . n 
A 1 13  PHE 13  19  19  PHE PHE A . n 
A 1 14  ALA 14  20  20  ALA ALA A . n 
A 1 15  VAL 15  21  21  VAL VAL A . n 
A 1 16  ASP 16  22  22  ASP ASP A . n 
A 1 17  ALA 17  23  23  ALA ALA A . n 
A 1 18  ALA 18  24  24  ALA ALA A . n 
A 1 19  LYS 19  25  25  LYS LYS A . n 
A 1 20  ALA 20  26  26  ALA ALA A . n 
A 1 21  TYR 21  27  27  TYR TYR A . n 
A 1 22  LYS 22  28  28  LYS LYS A . n 
A 1 23  ASP 23  29  29  ASP ASP A . n 
A 1 24  TYR 24  30  30  TYR TYR A . n 
A 1 25  LEU 25  31  31  LEU LEU A . n 
A 1 26  ALA 26  32  32  ALA ALA A . n 
A 1 27  SER 27  33  33  SER SER A . n 
A 1 28  GLY 28  34  34  GLY GLY A . n 
A 1 29  GLY 29  35  35  GLY GLY A . n 
A 1 30  GLN 30  36  36  GLN GLN A . n 
A 1 31  PRO 31  37  37  PRO PRO A . n 
A 1 32  ILE 32  38  38  ILE ILE A . n 
A 1 33  THR 33  39  39  THR THR A . n 
A 1 34  ASN 34  40  40  ASN ASN A . n 
A 1 35  CYS 35  41  41  CYS CYS A . n 
A 1 36  VAL 36  42  42  VAL VAL A . n 
A 1 37  LYS 37  43  43  LYS LYS A . n 
A 1 38  MET 38  44  44  MET MET A . n 
A 1 39  LEU 39  45  45  LEU LEU A . n 
A 1 40  CYS 40  46  46  CYS CYS A . n 
A 1 41  THR 41  47  47  THR THR A . n 
A 1 42  HIS 42  48  48  HIS HIS A . n 
A 1 43  THR 43  49  49  THR THR A . n 
A 1 44  GLY 44  50  50  GLY GLY A . n 
A 1 45  THR 45  51  51  THR THR A . n 
A 1 46  GLY 46  52  52  GLY GLY A . n 
A 1 47  GLN 47  53  53  GLN GLN A . n 
A 1 48  ALA 48  54  54  ALA ALA A . n 
A 1 49  ILE 49  55  55  ILE ILE A . n 
A 1 50  THR 50  56  56  THR THR A . n 
A 1 51  VAL 51  57  57  VAL VAL A . n 
A 1 52  THR 52  58  58  THR THR A . n 
A 1 53  PRO 53  59  59  PRO PRO A . n 
A 1 54  GLU 54  60  60  GLU GLU A . n 
A 1 55  ALA 55  61  61  ALA ALA A . n 
A 1 56  ASN 56  62  62  ASN ASN A . n 
A 1 57  MET 57  63  63  MET MET A . n 
A 1 58  ASP 58  64  64  ASP ASP A . n 
A 1 59  GLN 59  65  65  GLN GLN A . n 
A 1 60  GLU 60  66  66  GLU GLU A . n 
A 1 61  SER 61  67  67  SER SER A . n 
A 1 62  PHE 62  68  68  PHE PHE A . n 
A 1 63  GLY 63  69  69  GLY GLY A . n 
A 1 64  GLY 64  70  70  GLY GLY A . n 
A 1 65  ALA 65  71  71  ALA ALA A . n 
A 1 66  SER 66  72  72  SER SER A . n 
A 1 67  CYS 67  73  73  CYS CYS A . n 
A 1 68  CYS 68  74  74  CYS CYS A . n 
A 1 69  LEU 69  75  75  LEU LEU A . n 
A 1 70  TYR 70  76  76  TYR TYR A . n 
A 1 71  CYS 71  77  77  CYS CYS A . n 
A 1 72  ARG 72  78  78  ARG ARG A . n 
A 1 73  CYS 73  79  79  CYS CYS A . n 
A 1 74  HIS 74  80  80  HIS HIS A . n 
A 1 75  ILE 75  81  81  ILE ILE A . n 
A 1 76  ASP 76  82  82  ASP ASP A . n 
A 1 77  HIS 77  83  83  HIS HIS A . n 
A 1 78  PRO 78  84  84  PRO PRO A . n 
A 1 79  ASN 79  85  85  ASN ASN A . n 
A 1 80  PRO 80  86  86  PRO PRO A . n 
A 1 81  LYS 81  87  87  LYS LYS A . n 
A 1 82  GLY 82  88  88  GLY GLY A . n 
A 1 83  PHE 83  89  89  PHE PHE A . n 
A 1 84  CYS 84  90  90  CYS CYS A . n 
A 1 85  ASP 85  91  91  ASP ASP A . n 
A 1 86  LEU 86  92  92  LEU LEU A . n 
A 1 87  LYS 87  93  93  LYS LYS A . n 
A 1 88  GLY 88  94  94  GLY GLY A . n 
A 1 89  LYS 89  95  95  LYS LYS A . n 
A 1 90  TYR 90  96  96  TYR TYR A . n 
A 1 91  VAL 91  97  97  VAL VAL A . n 
A 1 92  GLN 92  98  98  GLN GLN A . n 
A 1 93  ILE 93  99  99  ILE ILE A . n 
A 1 94  PRO 94  100 100 PRO PRO A . n 
A 1 95  THR 95  101 101 THR THR A . n 
A 1 96  THR 96  102 102 THR THR A . n 
A 1 97  CYS 97  103 103 CYS CYS A . n 
A 1 98  ALA 98  104 104 ALA ALA A . n 
A 1 99  ASN 99  105 105 ASN ASN A . n 
A 1 100 ASP 100 106 106 ASP ASP A . n 
A 1 101 PRO 101 107 107 PRO PRO A . n 
A 1 102 VAL 102 108 108 VAL VAL A . n 
A 1 103 GLY 103 109 109 GLY GLY A . n 
A 1 104 PHE 104 110 110 PHE PHE A . n 
A 1 105 THR 105 111 111 THR THR A . n 
A 1 106 LEU 106 112 112 LEU LEU A . n 
A 1 107 LYS 107 113 113 LYS LYS A . n 
A 1 108 ASN 108 114 114 ASN ASN A . n 
A 1 109 THR 109 115 115 THR THR A . n 
A 1 110 VAL 110 116 116 VAL VAL A . n 
A 1 111 CYS 111 117 117 CYS CYS A . n 
A 1 112 THR 112 118 118 THR THR A . n 
A 1 113 VAL 113 119 119 VAL VAL A . n 
A 1 114 CYS 114 120 120 CYS CYS A . n 
A 1 115 GLY 115 121 121 GLY GLY A . n 
A 1 116 MET 116 122 122 MET MET A . n 
A 1 117 TRP 117 123 123 TRP TRP A . n 
A 1 118 LYS 118 124 124 LYS LYS A . n 
A 1 119 GLY 119 125 125 GLY GLY A . n 
A 1 120 TYR 120 126 126 TYR TYR A . n 
A 1 121 GLY 121 127 127 GLY GLY A . n 
A 1 122 CYS 122 128 128 CYS CYS A . n 
A 1 123 SER 123 129 129 SER SER A . n 
A 1 124 CYS 124 130 130 CYS CYS A . n 
A 1 125 ASP 125 131 ?   ?   ?   A . n 
# 
loop_
_pdbx_nonpoly_scheme.asym_id 
_pdbx_nonpoly_scheme.entity_id 
_pdbx_nonpoly_scheme.mon_id 
_pdbx_nonpoly_scheme.ndb_seq_num 
_pdbx_nonpoly_scheme.pdb_seq_num 
_pdbx_nonpoly_scheme.auth_seq_num 
_pdbx_nonpoly_scheme.pdb_mon_id 
_pdbx_nonpoly_scheme.auth_mon_id 
_pdbx_nonpoly_scheme.pdb_strand_id 
_pdbx_nonpoly_scheme.pdb_ins_code 
B 2 ZN  1  201 201 ZN  ZN  A . 
C 2 ZN  1  202 202 ZN  ZN  A . 
D 3 7WA 1  203 203 7WA 7WA A . 
E 4 GOL 1  204 206 GOL GOL A . 
F 5 DMS 1  205 207 DMS DMS A . 
G 6 CL  1  206 1   CL  CL  A . 
H 6 CL  1  207 2   CL  CL  A . 
I 7 HOH 1  301 44  HOH HOH A . 
I 7 HOH 2  302 76  HOH HOH A . 
I 7 HOH 3  303 77  HOH HOH A . 
I 7 HOH 4  304 53  HOH HOH A . 
I 7 HOH 5  305 43  HOH HOH A . 
I 7 HOH 6  306 36  HOH HOH A . 
I 7 HOH 7  307 63  HOH HOH A . 
I 7 HOH 8  308 62  HOH HOH A . 
I 7 HOH 9  309 6   HOH HOH A . 
I 7 HOH 10 310 60  HOH HOH A . 
I 7 HOH 11 311 46  HOH HOH A . 
I 7 HOH 12 312 27  HOH HOH A . 
I 7 HOH 13 313 4   HOH HOH A . 
I 7 HOH 14 314 17  HOH HOH A . 
I 7 HOH 15 315 57  HOH HOH A . 
I 7 HOH 16 316 8   HOH HOH A . 
I 7 HOH 17 317 82  HOH HOH A . 
I 7 HOH 18 318 13  HOH HOH A . 
I 7 HOH 19 319 18  HOH HOH A . 
I 7 HOH 20 320 31  HOH HOH A . 
I 7 HOH 21 321 51  HOH HOH A . 
I 7 HOH 22 322 5   HOH HOH A . 
I 7 HOH 23 323 54  HOH HOH A . 
I 7 HOH 24 324 39  HOH HOH A . 
I 7 HOH 25 325 66  HOH HOH A . 
I 7 HOH 26 326 35  HOH HOH A . 
I 7 HOH 27 327 55  HOH HOH A . 
I 7 HOH 28 328 61  HOH HOH A . 
I 7 HOH 29 329 28  HOH HOH A . 
I 7 HOH 30 330 24  HOH HOH A . 
I 7 HOH 31 331 11  HOH HOH A . 
I 7 HOH 32 332 34  HOH HOH A . 
I 7 HOH 33 333 64  HOH HOH A . 
I 7 HOH 34 334 16  HOH HOH A . 
I 7 HOH 35 335 29  HOH HOH A . 
I 7 HOH 36 336 30  HOH HOH A . 
I 7 HOH 37 337 33  HOH HOH A . 
I 7 HOH 38 338 50  HOH HOH A . 
I 7 HOH 39 339 21  HOH HOH A . 
I 7 HOH 40 340 9   HOH HOH A . 
I 7 HOH 41 341 37  HOH HOH A . 
I 7 HOH 42 342 75  HOH HOH A . 
I 7 HOH 43 343 14  HOH HOH A . 
I 7 HOH 44 344 56  HOH HOH A . 
I 7 HOH 45 345 22  HOH HOH A . 
I 7 HOH 46 346 81  HOH HOH A . 
I 7 HOH 47 347 3   HOH HOH A . 
I 7 HOH 48 348 10  HOH HOH A . 
I 7 HOH 49 349 67  HOH HOH A . 
I 7 HOH 50 350 20  HOH HOH A . 
I 7 HOH 51 351 15  HOH HOH A . 
I 7 HOH 52 352 32  HOH HOH A . 
I 7 HOH 53 353 2   HOH HOH A . 
I 7 HOH 54 354 49  HOH HOH A . 
I 7 HOH 55 355 58  HOH HOH A . 
I 7 HOH 56 356 80  HOH HOH A . 
I 7 HOH 57 357 73  HOH HOH A . 
I 7 HOH 58 358 47  HOH HOH A . 
I 7 HOH 59 359 12  HOH HOH A . 
I 7 HOH 60 360 25  HOH HOH A . 
I 7 HOH 61 361 84  HOH HOH A . 
I 7 HOH 62 362 72  HOH HOH A . 
I 7 HOH 63 363 7   HOH HOH A . 
I 7 HOH 64 364 52  HOH HOH A . 
I 7 HOH 65 365 26  HOH HOH A . 
I 7 HOH 66 366 83  HOH HOH A . 
I 7 HOH 67 367 1   HOH HOH A . 
I 7 HOH 68 368 38  HOH HOH A . 
I 7 HOH 69 369 85  HOH HOH A . 
I 7 HOH 70 370 91  HOH HOH A . 
I 7 HOH 71 371 41  HOH HOH A . 
I 7 HOH 72 372 23  HOH HOH A . 
I 7 HOH 73 373 40  HOH HOH A . 
I 7 HOH 74 374 78  HOH HOH A . 
I 7 HOH 75 375 65  HOH HOH A . 
I 7 HOH 76 376 45  HOH HOH A . 
I 7 HOH 77 377 59  HOH HOH A . 
I 7 HOH 78 378 89  HOH HOH A . 
I 7 HOH 79 379 48  HOH HOH A . 
I 7 HOH 80 380 19  HOH HOH A . 
I 7 HOH 81 381 42  HOH HOH A . 
I 7 HOH 82 382 70  HOH HOH A . 
I 7 HOH 83 383 69  HOH HOH A . 
I 7 HOH 84 384 79  HOH HOH A . 
I 7 HOH 85 385 71  HOH HOH A . 
I 7 HOH 86 386 68  HOH HOH A . 
# 
loop_
_software.citation_id 
_software.classification 
_software.compiler_name 
_software.compiler_version 
_software.contact_author 
_software.contact_author_email 
_software.date 
_software.description 
_software.dependencies 
_software.hardware 
_software.language 
_software.location 
_software.mods 
_software.name 
_software.os 
_software.os_version 
_software.type 
_software.version 
_software.pdbx_ordinal 
? refinement        ? ? ? ? ? ? ? ? ? ? ? REFMAC      ? ? ? 5.8.0267 1 
? 'data scaling'    ? ? ? ? ? ? ? ? ? ? ? Aimless     ? ? ? 0.7.4    2 
? 'data extraction' ? ? ? ? ? ? ? ? ? ? ? PDB_EXTRACT ? ? ? 3.27     3 
? 'data reduction'  ? ? ? ? ? ? ? ? ? ? ? XDS         ? ? ? .        4 
? phasing           ? ? ? ? ? ? ? ? ? ? ? PHASER      ? ? ? .        5 
# 
_cell.angle_alpha                  90.000 
_cell.angle_alpha_esd              ? 
_cell.angle_beta                   90.000 
_cell.angle_beta_esd               ? 
_cell.angle_gamma                  90.000 
_cell.angle_gamma_esd              ? 
_cell.entry_id                     7ORW 
_cell.details                      ? 
_cell.formula_units_Z              ? 
_cell.length_a                     107.771 
_cell.length_a_esd                 ? 
_cell.length_b                     107.771 
_cell.length_b_esd                 ? 
_cell.length_c                     107.771 
_cell.length_c_esd                 ? 
_cell.volume                       ? 
_cell.volume_esd                   ? 
_cell.Z_PDB                        24 
_cell.reciprocal_angle_alpha       ? 
_cell.reciprocal_angle_beta        ? 
_cell.reciprocal_angle_gamma       ? 
_cell.reciprocal_angle_alpha_esd   ? 
_cell.reciprocal_angle_beta_esd    ? 
_cell.reciprocal_angle_gamma_esd   ? 
_cell.reciprocal_length_a          ? 
_cell.reciprocal_length_b          ? 
_cell.reciprocal_length_c          ? 
_cell.reciprocal_length_a_esd      ? 
_cell.reciprocal_length_b_esd      ? 
_cell.reciprocal_length_c_esd      ? 
_cell.pdbx_unique_axis             ? 
# 
_symmetry.entry_id                         7ORW 
_symmetry.cell_setting                     ? 
_symmetry.Int_Tables_number                199 
_symmetry.space_group_name_Hall            ? 
_symmetry.space_group_name_H-M             'I 21 3' 
_symmetry.pdbx_full_space_group_name_H-M   ? 
# 
_exptl.absorpt_coefficient_mu     ? 
_exptl.absorpt_correction_T_max   ? 
_exptl.absorpt_correction_T_min   ? 
_exptl.absorpt_correction_type    ? 
_exptl.absorpt_process_details    ? 
_exptl.entry_id                   7ORW 
_exptl.crystals_number            1 
_exptl.details                    ? 
_exptl.method                     'X-RAY DIFFRACTION' 
_exptl.method_details             ? 
# 
_exptl_crystal.colour                      ? 
_exptl_crystal.density_diffrn              ? 
_exptl_crystal.density_Matthews            3.93 
_exptl_crystal.density_method              ? 
_exptl_crystal.density_percent_sol         68.67 
_exptl_crystal.description                 ? 
_exptl_crystal.F_000                       ? 
_exptl_crystal.id                          1 
_exptl_crystal.preparation                 ? 
_exptl_crystal.size_max                    ? 
_exptl_crystal.size_mid                    ? 
_exptl_crystal.size_min                    ? 
_exptl_crystal.size_rad                    ? 
_exptl_crystal.colour_lustre               ? 
_exptl_crystal.colour_modifier             ? 
_exptl_crystal.colour_primary              ? 
_exptl_crystal.density_meas                ? 
_exptl_crystal.density_meas_esd            ? 
_exptl_crystal.density_meas_gt             ? 
_exptl_crystal.density_meas_lt             ? 
_exptl_crystal.density_meas_temp           ? 
_exptl_crystal.density_meas_temp_esd       ? 
_exptl_crystal.density_meas_temp_gt        ? 
_exptl_crystal.density_meas_temp_lt        ? 
_exptl_crystal.pdbx_crystal_image_url      ? 
_exptl_crystal.pdbx_crystal_image_format   ? 
_exptl_crystal.pdbx_mosaicity              ? 
_exptl_crystal.pdbx_mosaicity_esd          ? 
# 
_exptl_crystal_grow.apparatus       ? 
_exptl_crystal_grow.atmosphere      ? 
_exptl_crystal_grow.crystal_id      1 
_exptl_crystal_grow.details         ? 
_exptl_crystal_grow.method          'VAPOR DIFFUSION, SITTING DROP' 
_exptl_crystal_grow.method_ref      ? 
_exptl_crystal_grow.pH              6.7 
_exptl_crystal_grow.pressure        ? 
_exptl_crystal_grow.pressure_esd    ? 
_exptl_crystal_grow.seeding         ? 
_exptl_crystal_grow.seeding_ref     ? 
_exptl_crystal_grow.temp            293 
_exptl_crystal_grow.temp_details    ? 
_exptl_crystal_grow.temp_esd        ? 
_exptl_crystal_grow.time            ? 
_exptl_crystal_grow.pdbx_details    
;Protein - 63 mg/mL in 50 mM Tris/HCl pH 8.0, 150 mM NaCl; precipitant (reservoir) - 0.1 M Bis-Tris/HCl pH 6.7, 2.4 M NaCl; 1:1, 1:2, 2:1 protein-to-precipitant ratios, 300 nL total drop volume. Soaking: reservoir solution, supplemented to 50 mM ligand, 5% (v/v) DMSO, 15% (v/v) glycerol; 2 h, 293K.
;
_exptl_crystal_grow.pdbx_pH_range   ? 
# 
_diffrn.ambient_environment              ? 
_diffrn.ambient_temp                     100 
_diffrn.ambient_temp_details             ? 
_diffrn.ambient_temp_esd                 ? 
_diffrn.crystal_id                       1 
_diffrn.crystal_support                  ? 
_diffrn.crystal_treatment                ? 
_diffrn.details                          ? 
_diffrn.id                               1 
_diffrn.ambient_pressure                 ? 
_diffrn.ambient_pressure_esd             ? 
_diffrn.ambient_pressure_gt              ? 
_diffrn.ambient_pressure_lt              ? 
_diffrn.ambient_temp_gt                  ? 
_diffrn.ambient_temp_lt                  ? 
_diffrn.pdbx_serial_crystal_experiment   N 
# 
_diffrn_detector.details                      ? 
_diffrn_detector.detector                     PIXEL 
_diffrn_detector.diffrn_id                    1 
_diffrn_detector.type                         'DECTRIS EIGER X 16M' 
_diffrn_detector.area_resol_mean              ? 
_diffrn_detector.dtime                        ? 
_diffrn_detector.pdbx_frames_total            ? 
_diffrn_detector.pdbx_collection_time_total   ? 
_diffrn_detector.pdbx_collection_date         2020-11-06 
_diffrn_detector.pdbx_frequency               ? 
# 
_diffrn_radiation.collimation                      ? 
_diffrn_radiation.diffrn_id                        1 
_diffrn_radiation.filter_edge                      ? 
_diffrn_radiation.inhomogeneity                    ? 
_diffrn_radiation.monochromator                    ? 
_diffrn_radiation.polarisn_norm                    ? 
_diffrn_radiation.polarisn_ratio                   ? 
_diffrn_radiation.probe                            ? 
_diffrn_radiation.type                             ? 
_diffrn_radiation.xray_symbol                      ? 
_diffrn_radiation.wavelength_id                    1 
_diffrn_radiation.pdbx_monochromatic_or_laue_m_l   M 
_diffrn_radiation.pdbx_wavelength_list             ? 
_diffrn_radiation.pdbx_wavelength                  ? 
_diffrn_radiation.pdbx_diffrn_protocol             'SINGLE WAVELENGTH' 
_diffrn_radiation.pdbx_analyzer                    ? 
_diffrn_radiation.pdbx_scattering_type             x-ray 
# 
_diffrn_radiation_wavelength.id           1 
_diffrn_radiation_wavelength.wavelength   0.9788 
_diffrn_radiation_wavelength.wt           1.0 
# 
_diffrn_source.current                     ? 
_diffrn_source.details                     ? 
_diffrn_source.diffrn_id                   1 
_diffrn_source.power                       ? 
_diffrn_source.size                        ? 
_diffrn_source.source                      SYNCHROTRON 
_diffrn_source.target                      ? 
_diffrn_source.type                        'MAX IV BEAMLINE BioMAX' 
_diffrn_source.voltage                     ? 
_diffrn_source.take-off_angle              ? 
_diffrn_source.pdbx_wavelength_list        0.9788 
_diffrn_source.pdbx_wavelength             ? 
_diffrn_source.pdbx_synchrotron_beamline   BioMAX 
_diffrn_source.pdbx_synchrotron_site       'MAX IV' 
# 
_reflns.B_iso_Wilson_estimate                          ? 
_reflns.entry_id                                       7ORW 
_reflns.data_reduction_details                         ? 
_reflns.data_reduction_method                          ? 
_reflns.d_resolution_high                              1.950 
_reflns.d_resolution_low                               76.210 
_reflns.details                                        ? 
_reflns.limit_h_max                                    ? 
_reflns.limit_h_min                                    ? 
_reflns.limit_k_max                                    ? 
_reflns.limit_k_min                                    ? 
_reflns.limit_l_max                                    ? 
_reflns.limit_l_min                                    ? 
_reflns.number_all                                     ? 
_reflns.number_obs                                     15364 
_reflns.observed_criterion                             ? 
_reflns.observed_criterion_F_max                       ? 
_reflns.observed_criterion_F_min                       ? 
_reflns.observed_criterion_I_max                       ? 
_reflns.observed_criterion_I_min                       ? 
_reflns.observed_criterion_sigma_F                     ? 
_reflns.observed_criterion_sigma_I                     ? 
_reflns.percent_possible_obs                           100.000 
_reflns.R_free_details                                 ? 
_reflns.Rmerge_F_all                                   ? 
_reflns.Rmerge_F_obs                                   ? 
_reflns.Friedel_coverage                               ? 
_reflns.number_gt                                      ? 
_reflns.threshold_expression                           ? 
_reflns.pdbx_redundancy                                8.400 
_reflns.pdbx_Rmerge_I_obs                              0.075 
_reflns.pdbx_Rmerge_I_all                              ? 
_reflns.pdbx_Rsym_value                                ? 
_reflns.pdbx_netI_over_av_sigmaI                       ? 
_reflns.pdbx_netI_over_sigmaI                          13.500 
_reflns.pdbx_res_netI_over_av_sigmaI_2                 ? 
_reflns.pdbx_res_netI_over_sigmaI_2                    ? 
_reflns.pdbx_chi_squared                               ? 
_reflns.pdbx_scaling_rejects                           ? 
_reflns.pdbx_d_res_high_opt                            ? 
_reflns.pdbx_d_res_low_opt                             ? 
_reflns.pdbx_d_res_opt_method                          ? 
_reflns.phase_calculation_details                      ? 
_reflns.pdbx_Rrim_I_all                                0.080 
_reflns.pdbx_Rpim_I_all                                0.028 
_reflns.pdbx_d_opt                                     ? 
_reflns.pdbx_number_measured_all                       129317 
_reflns.pdbx_diffrn_id                                 1 
_reflns.pdbx_ordinal                                   1 
_reflns.pdbx_CC_half                                   0.998 
_reflns.pdbx_CC_star                                   ? 
_reflns.pdbx_R_split                                   ? 
_reflns.pdbx_aniso_diffraction_limit_axis_1_ortho[1]   ? 
_reflns.pdbx_aniso_diffraction_limit_axis_1_ortho[2]   ? 
_reflns.pdbx_aniso_diffraction_limit_axis_1_ortho[3]   ? 
_reflns.pdbx_aniso_diffraction_limit_axis_2_ortho[1]   ? 
_reflns.pdbx_aniso_diffraction_limit_axis_2_ortho[2]   ? 
_reflns.pdbx_aniso_diffraction_limit_axis_2_ortho[3]   ? 
_reflns.pdbx_aniso_diffraction_limit_axis_3_ortho[1]   ? 
_reflns.pdbx_aniso_diffraction_limit_axis_3_ortho[2]   ? 
_reflns.pdbx_aniso_diffraction_limit_axis_3_ortho[3]   ? 
_reflns.pdbx_aniso_diffraction_limit_1                 ? 
_reflns.pdbx_aniso_diffraction_limit_2                 ? 
_reflns.pdbx_aniso_diffraction_limit_3                 ? 
_reflns.pdbx_aniso_B_tensor_eigenvector_1_ortho[1]     ? 
_reflns.pdbx_aniso_B_tensor_eigenvector_1_ortho[2]     ? 
_reflns.pdbx_aniso_B_tensor_eigenvector_1_ortho[3]     ? 
_reflns.pdbx_aniso_B_tensor_eigenvector_2_ortho[1]     ? 
_reflns.pdbx_aniso_B_tensor_eigenvector_2_ortho[2]     ? 
_reflns.pdbx_aniso_B_tensor_eigenvector_2_ortho[3]     ? 
_reflns.pdbx_aniso_B_tensor_eigenvector_3_ortho[1]     ? 
_reflns.pdbx_aniso_B_tensor_eigenvector_3_ortho[2]     ? 
_reflns.pdbx_aniso_B_tensor_eigenvector_3_ortho[3]     ? 
_reflns.pdbx_aniso_B_tensor_eigenvalue_1               ? 
_reflns.pdbx_aniso_B_tensor_eigenvalue_2               ? 
_reflns.pdbx_aniso_B_tensor_eigenvalue_3               ? 
_reflns.pdbx_orthogonalization_convention              ? 
_reflns.pdbx_percent_possible_ellipsoidal              ? 
_reflns.pdbx_percent_possible_spherical                ? 
_reflns.pdbx_percent_possible_ellipsoidal_anomalous    ? 
_reflns.pdbx_percent_possible_spherical_anomalous      ? 
_reflns.pdbx_redundancy_anomalous                      ? 
_reflns.pdbx_CC_half_anomalous                         ? 
_reflns.pdbx_absDiff_over_sigma_anomalous              ? 
_reflns.pdbx_percent_possible_anomalous                ? 
_reflns.pdbx_observed_signal_threshold                 ? 
_reflns.pdbx_signal_type                               ? 
_reflns.pdbx_signal_details                            ? 
_reflns.pdbx_signal_software_id                        ? 
# 
loop_
_reflns_shell.d_res_high 
_reflns_shell.d_res_low 
_reflns_shell.meanI_over_sigI_all 
_reflns_shell.meanI_over_sigI_obs 
_reflns_shell.number_measured_all 
_reflns_shell.number_measured_obs 
_reflns_shell.number_possible 
_reflns_shell.number_unique_all 
_reflns_shell.number_unique_obs 
_reflns_shell.percent_possible_all 
_reflns_shell.percent_possible_obs 
_reflns_shell.Rmerge_F_all 
_reflns_shell.Rmerge_F_obs 
_reflns_shell.Rmerge_I_all 
_reflns_shell.Rmerge_I_obs 
_reflns_shell.meanI_over_sigI_gt 
_reflns_shell.meanI_over_uI_all 
_reflns_shell.meanI_over_uI_gt 
_reflns_shell.number_measured_gt 
_reflns_shell.number_unique_gt 
_reflns_shell.percent_possible_gt 
_reflns_shell.Rmerge_F_gt 
_reflns_shell.Rmerge_I_gt 
_reflns_shell.pdbx_redundancy 
_reflns_shell.pdbx_Rsym_value 
_reflns_shell.pdbx_chi_squared 
_reflns_shell.pdbx_netI_over_sigmaI_all 
_reflns_shell.pdbx_netI_over_sigmaI_obs 
_reflns_shell.pdbx_Rrim_I_all 
_reflns_shell.pdbx_Rpim_I_all 
_reflns_shell.pdbx_rejects 
_reflns_shell.pdbx_ordinal 
_reflns_shell.pdbx_diffrn_id 
_reflns_shell.pdbx_CC_half 
_reflns_shell.pdbx_CC_star 
_reflns_shell.pdbx_R_split 
_reflns_shell.pdbx_percent_possible_ellipsoidal 
_reflns_shell.pdbx_percent_possible_spherical 
_reflns_shell.pdbx_percent_possible_ellipsoidal_anomalous 
_reflns_shell.pdbx_percent_possible_spherical_anomalous 
_reflns_shell.pdbx_redundancy_anomalous 
_reflns_shell.pdbx_CC_half_anomalous 
_reflns_shell.pdbx_absDiff_over_sigma_anomalous 
_reflns_shell.pdbx_percent_possible_anomalous 
1.950 2.000  ? ? 8387 ? ? ? 1083 100.000 ? ? ? ? 1.325 ? ? ? ? ? ? ? ? 7.700 ? ? ? 1.500  1.420 0.506 ? 1 1 0.567 ? ? ? ? ? ? ? ? 
? ? 
8.940 76.210 ? ? 1208 ? ? ? 178  98.900  ? ? ? ? 0.052 ? ? ? ? ? ? ? ? 6.800 ? ? ? 31.200 0.057 0.022 ? 2 1 0.993 ? ? ? ? ? ? ? ? 
? ? 
# 
_refine.aniso_B[1][1]                            0.0000 
_refine.aniso_B[1][2]                            0.0000 
_refine.aniso_B[1][3]                            0.0000 
_refine.aniso_B[2][2]                            0.0000 
_refine.aniso_B[2][3]                            0.0000 
_refine.aniso_B[3][3]                            0.0000 
_refine.B_iso_max                                106.100 
_refine.B_iso_mean                               48.5390 
_refine.B_iso_min                                37.060 
_refine.correlation_coeff_Fo_to_Fc               0.9720 
_refine.correlation_coeff_Fo_to_Fc_free          0.9620 
_refine.details                                  
'HYDROGENS HAVE BEEN ADDED IN THE RIDING POSITIONS U VALUES      : REFINED INDIVIDUALLY' 
_refine.diff_density_max                         ? 
_refine.diff_density_max_esd                     ? 
_refine.diff_density_min                         ? 
_refine.diff_density_min_esd                     ? 
_refine.diff_density_rms                         ? 
_refine.diff_density_rms_esd                     ? 
_refine.entry_id                                 7ORW 
_refine.pdbx_refine_id                           'X-RAY DIFFRACTION' 
_refine.ls_abs_structure_details                 ? 
_refine.ls_abs_structure_Flack                   ? 
_refine.ls_abs_structure_Flack_esd               ? 
_refine.ls_abs_structure_Rogers                  ? 
_refine.ls_abs_structure_Rogers_esd              ? 
_refine.ls_d_res_high                            1.9500 
_refine.ls_d_res_low                             53.9400 
_refine.ls_extinction_coef                       ? 
_refine.ls_extinction_coef_esd                   ? 
_refine.ls_extinction_expression                 ? 
_refine.ls_extinction_method                     ? 
_refine.ls_goodness_of_fit_all                   ? 
_refine.ls_goodness_of_fit_all_esd               ? 
_refine.ls_goodness_of_fit_obs                   ? 
_refine.ls_goodness_of_fit_obs_esd               ? 
_refine.ls_hydrogen_treatment                    ? 
_refine.ls_matrix_type                           ? 
_refine.ls_number_constraints                    ? 
_refine.ls_number_parameters                     ? 
_refine.ls_number_reflns_all                     ? 
_refine.ls_number_reflns_obs                     14605 
_refine.ls_number_reflns_R_free                  759 
_refine.ls_number_reflns_R_work                  ? 
_refine.ls_number_restraints                     ? 
_refine.ls_percent_reflns_obs                    99.9800 
_refine.ls_percent_reflns_R_free                 4.9000 
_refine.ls_R_factor_all                          ? 
_refine.ls_R_factor_obs                          0.1761 
_refine.ls_R_factor_R_free                       0.2086 
_refine.ls_R_factor_R_free_error                 ? 
_refine.ls_R_factor_R_free_error_details         ? 
_refine.ls_R_factor_R_work                       0.1745 
_refine.ls_R_Fsqd_factor_obs                     ? 
_refine.ls_R_I_factor_obs                        ? 
_refine.ls_redundancy_reflns_all                 ? 
_refine.ls_redundancy_reflns_obs                 ? 
_refine.ls_restrained_S_all                      ? 
_refine.ls_restrained_S_obs                      ? 
_refine.ls_shift_over_esd_max                    ? 
_refine.ls_shift_over_esd_mean                   ? 
_refine.ls_structure_factor_coef                 ? 
_refine.ls_weighting_details                     ? 
_refine.ls_weighting_scheme                      ? 
_refine.ls_wR_factor_all                         ? 
_refine.ls_wR_factor_obs                         ? 
_refine.ls_wR_factor_R_free                      ? 
_refine.ls_wR_factor_R_work                      ? 
_refine.occupancy_max                            ? 
_refine.occupancy_min                            ? 
_refine.solvent_model_details                    MASK 
_refine.solvent_model_param_bsol                 ? 
_refine.solvent_model_param_ksol                 ? 
_refine.pdbx_R_complete                          ? 
_refine.ls_R_factor_gt                           ? 
_refine.ls_goodness_of_fit_gt                    ? 
_refine.ls_goodness_of_fit_ref                   ? 
_refine.ls_shift_over_su_max                     ? 
_refine.ls_shift_over_su_max_lt                  ? 
_refine.ls_shift_over_su_mean                    ? 
_refine.ls_shift_over_su_mean_lt                 ? 
_refine.pdbx_ls_sigma_I                          ? 
_refine.pdbx_ls_sigma_F                          0.000 
_refine.pdbx_ls_sigma_Fsqd                       ? 
_refine.pdbx_data_cutoff_high_absF               ? 
_refine.pdbx_data_cutoff_high_rms_absF           ? 
_refine.pdbx_data_cutoff_low_absF                ? 
_refine.pdbx_isotropic_thermal_model             ? 
_refine.pdbx_ls_cross_valid_method               THROUGHOUT 
_refine.pdbx_method_to_determine_struct          'MOLECULAR REPLACEMENT' 
_refine.pdbx_starting_model                      6ZPE 
_refine.pdbx_stereochemistry_target_values       'MAXIMUM LIKELIHOOD' 
_refine.pdbx_R_Free_selection_details            RANDOM 
_refine.pdbx_stereochem_target_val_spec_case     ? 
_refine.pdbx_overall_ESU_R                       0.1080 
_refine.pdbx_overall_ESU_R_Free                  0.1100 
_refine.pdbx_solvent_vdw_probe_radii             1.2000 
_refine.pdbx_solvent_ion_probe_radii             0.8000 
_refine.pdbx_solvent_shrinkage_radii             0.8000 
_refine.pdbx_real_space_R                        ? 
_refine.pdbx_density_correlation                 ? 
_refine.pdbx_pd_number_of_powder_patterns        ? 
_refine.pdbx_pd_number_of_points                 ? 
_refine.pdbx_pd_meas_number_of_points            ? 
_refine.pdbx_pd_proc_ls_prof_R_factor            ? 
_refine.pdbx_pd_proc_ls_prof_wR_factor           ? 
_refine.pdbx_pd_Marquardt_correlation_coeff      ? 
_refine.pdbx_pd_Fsqrd_R_factor                   ? 
_refine.pdbx_pd_ls_matrix_band_width             ? 
_refine.pdbx_overall_phase_error                 ? 
_refine.pdbx_overall_SU_R_free_Cruickshank_DPI   ? 
_refine.pdbx_overall_SU_R_free_Blow_DPI          ? 
_refine.pdbx_overall_SU_R_Blow_DPI               ? 
_refine.pdbx_TLS_residual_ADP_flag               ? 
_refine.pdbx_diffrn_id                           1 
_refine.overall_SU_B                             2.9390 
_refine.overall_SU_ML                            0.0820 
_refine.overall_SU_R_Cruickshank_DPI             ? 
_refine.overall_SU_R_free                        ? 
_refine.overall_FOM_free_R_set                   ? 
_refine.overall_FOM_work_R_set                   ? 
_refine.pdbx_average_fsc_overall                 ? 
_refine.pdbx_average_fsc_work                    ? 
_refine.pdbx_average_fsc_free                    ? 
# 
_refine_hist.pdbx_refine_id                   'X-RAY DIFFRACTION' 
_refine_hist.cycle_id                         final 
_refine_hist.details                          ? 
_refine_hist.d_res_high                       1.9500 
_refine_hist.d_res_low                        53.9400 
_refine_hist.number_atoms_solvent             86 
_refine_hist.number_atoms_total               1019 
_refine_hist.number_reflns_all                ? 
_refine_hist.number_reflns_obs                ? 
_refine_hist.number_reflns_R_free             ? 
_refine_hist.number_reflns_R_work             ? 
_refine_hist.R_factor_all                     ? 
_refine_hist.R_factor_obs                     ? 
_refine_hist.R_factor_R_free                  ? 
_refine_hist.R_factor_R_work                  ? 
_refine_hist.pdbx_number_residues_total       124 
_refine_hist.pdbx_B_iso_mean_ligand           62.14 
_refine_hist.pdbx_B_iso_mean_solvent          55.07 
_refine_hist.pdbx_number_atoms_protein        909 
_refine_hist.pdbx_number_atoms_nucleic_acid   0 
_refine_hist.pdbx_number_atoms_ligand         24 
_refine_hist.pdbx_number_atoms_lipid          ? 
_refine_hist.pdbx_number_atoms_carb           ? 
_refine_hist.pdbx_pseudo_atom_details         ? 
# 
loop_
_refine_ls_restr.pdbx_refine_id 
_refine_ls_restr.criterion 
_refine_ls_restr.dev_ideal 
_refine_ls_restr.dev_ideal_target 
_refine_ls_restr.number 
_refine_ls_restr.rejects 
_refine_ls_restr.type 
_refine_ls_restr.weight 
_refine_ls_restr.pdbx_restraint_function 
'X-RAY DIFFRACTION' ? 0.006  0.013  956  ? r_bond_refined_d       ? ? 
'X-RAY DIFFRACTION' ? 0.001  0.017  864  ? r_bond_other_d         ? ? 
'X-RAY DIFFRACTION' ? 1.313  1.650  1296 ? r_angle_refined_deg    ? ? 
'X-RAY DIFFRACTION' ? 1.327  1.581  2003 ? r_angle_other_deg      ? ? 
'X-RAY DIFFRACTION' ? 6.402  5.000  125  ? r_dihedral_angle_1_deg ? ? 
'X-RAY DIFFRACTION' ? 32.839 24.706 34   ? r_dihedral_angle_2_deg ? ? 
'X-RAY DIFFRACTION' ? 12.475 15.000 146  ? r_dihedral_angle_3_deg ? ? 
'X-RAY DIFFRACTION' ? 2.814  15.000 1    ? r_dihedral_angle_4_deg ? ? 
'X-RAY DIFFRACTION' ? 0.051  0.200  130  ? r_chiral_restr         ? ? 
'X-RAY DIFFRACTION' ? 0.006  0.020  1093 ? r_gen_planes_refined   ? ? 
'X-RAY DIFFRACTION' ? 0.001  0.020  208  ? r_gen_planes_other     ? ? 
# 
_refine_ls_shell.pdbx_refine_id                   'X-RAY DIFFRACTION' 
_refine_ls_shell.d_res_high                       1.9500 
_refine_ls_shell.d_res_low                        2.0010 
_refine_ls_shell.number_reflns_all                1137 
_refine_ls_shell.number_reflns_obs                ? 
_refine_ls_shell.number_reflns_R_free             67 
_refine_ls_shell.number_reflns_R_work             1070 
_refine_ls_shell.percent_reflns_obs               100.0000 
_refine_ls_shell.percent_reflns_R_free            ? 
_refine_ls_shell.R_factor_all                     ? 
_refine_ls_shell.R_factor_obs                     ? 
_refine_ls_shell.R_factor_R_free                  0.2880 
_refine_ls_shell.R_factor_R_free_error            0.0000 
_refine_ls_shell.R_factor_R_work                  0.2690 
_refine_ls_shell.redundancy_reflns_all            ? 
_refine_ls_shell.redundancy_reflns_obs            ? 
_refine_ls_shell.wR_factor_all                    ? 
_refine_ls_shell.wR_factor_obs                    ? 
_refine_ls_shell.wR_factor_R_free                 ? 
_refine_ls_shell.wR_factor_R_work                 ? 
_refine_ls_shell.pdbx_R_complete                  ? 
_refine_ls_shell.pdbx_total_number_of_bins_used   20 
_refine_ls_shell.pdbx_phase_error                 ? 
_refine_ls_shell.pdbx_fsc_work                    ? 
_refine_ls_shell.pdbx_fsc_free                    ? 
# 
_struct.entry_id                     7ORW 
_struct.title                        'Non-structural protein 10 (nsp10) from SARS CoV-2 in complex with fragment VT00265' 
_struct.pdbx_model_details           ? 
_struct.pdbx_formula_weight          ? 
_struct.pdbx_formula_weight_method   ? 
_struct.pdbx_model_type_details      ? 
_struct.pdbx_CASP_flag               N 
# 
_struct_keywords.entry_id        7ORW 
_struct_keywords.text            'Fragment, complex, small molecule, VIRAL PROTEIN' 
_struct_keywords.pdbx_keywords   'VIRAL PROTEIN' 
# 
loop_
_struct_asym.id 
_struct_asym.pdbx_blank_PDB_chainid_flag 
_struct_asym.pdbx_modified 
_struct_asym.entity_id 
_struct_asym.details 
A N N 1 ? 
B N N 2 ? 
C N N 2 ? 
D N N 3 ? 
E N N 4 ? 
F N N 5 ? 
G N N 6 ? 
H N N 6 ? 
I N N 7 ? 
# 
_struct_ref.id                         1 
_struct_ref.db_name                    UNP 
_struct_ref.db_code                    R1AB_SARS2 
_struct_ref.pdbx_db_accession          P0DTD1 
_struct_ref.pdbx_db_isoform            ? 
_struct_ref.entity_id                  1 
_struct_ref.pdbx_seq_one_letter_code   
;NSTVLSFCAFAVDAAKAYKDYLASGGQPITNCVKMLCTHTGTGQAITVTPEANMDQESFGGASCCLYCRCHIDHPNPKGF
CDLKGKYVQIPTTCANDPVGFTLKNTVCTVCGMWKGYGCSCD
;
_struct_ref.pdbx_align_begin           4263 
# 
_struct_ref_seq.align_id                      1 
_struct_ref_seq.ref_id                        1 
_struct_ref_seq.pdbx_PDB_id_code              7ORW 
_struct_ref_seq.pdbx_strand_id                A 
_struct_ref_seq.seq_align_beg                 4 
_struct_ref_seq.pdbx_seq_align_beg_ins_code   ? 
_struct_ref_seq.seq_align_end                 125 
_struct_ref_seq.pdbx_seq_align_end_ins_code   ? 
_struct_ref_seq.pdbx_db_accession             P0DTD1 
_struct_ref_seq.db_align_beg                  4263 
_struct_ref_seq.pdbx_db_align_beg_ins_code    ? 
_struct_ref_seq.db_align_end                  4384 
_struct_ref_seq.pdbx_db_align_end_ins_code    ? 
_struct_ref_seq.pdbx_auth_seq_align_beg       10 
_struct_ref_seq.pdbx_auth_seq_align_end       131 
# 
loop_
_struct_ref_seq_dif.align_id 
_struct_ref_seq_dif.pdbx_pdb_id_code 
_struct_ref_seq_dif.mon_id 
_struct_ref_seq_dif.pdbx_pdb_strand_id 
_struct_ref_seq_dif.seq_num 
_struct_ref_seq_dif.pdbx_pdb_ins_code 
_struct_ref_seq_dif.pdbx_seq_db_name 
_struct_ref_seq_dif.pdbx_seq_db_accession_code 
_struct_ref_seq_dif.db_mon_id 
_struct_ref_seq_dif.pdbx_seq_db_seq_num 
_struct_ref_seq_dif.details 
_struct_ref_seq_dif.pdbx_auth_seq_num 
_struct_ref_seq_dif.pdbx_ordinal 
1 7ORW THR A 1 ? UNP P0DTD1 ? ? 'expression tag' 7 1 
1 7ORW MET A 2 ? UNP P0DTD1 ? ? 'expression tag' 8 2 
1 7ORW GLY A 3 ? UNP P0DTD1 ? ? 'expression tag' 9 3 
# 
_pdbx_struct_assembly.id                   1 
_pdbx_struct_assembly.details              author_and_software_defined_assembly 
_pdbx_struct_assembly.method_details       PISA 
_pdbx_struct_assembly.oligomeric_details   monomeric 
_pdbx_struct_assembly.oligomeric_count     1 
# 
loop_
_pdbx_struct_assembly_prop.biol_id 
_pdbx_struct_assembly_prop.type 
_pdbx_struct_assembly_prop.value 
_pdbx_struct_assembly_prop.details 
1 'ABSA (A^2)' 510  ? 
1 MORE         -18  ? 
1 'SSA (A^2)'  7250 ? 
# 
_pdbx_struct_assembly_gen.assembly_id       1 
_pdbx_struct_assembly_gen.oper_expression   1 
_pdbx_struct_assembly_gen.asym_id_list      A,B,C,D,E,F,G,H,I 
# 
loop_
_pdbx_struct_assembly_auth_evidence.id 
_pdbx_struct_assembly_auth_evidence.assembly_id 
_pdbx_struct_assembly_auth_evidence.experimental_support 
_pdbx_struct_assembly_auth_evidence.details 
1 1 'gel filtration'             'mix of monomer and dimer'               
2 1 'equilibrium centrifugation' 'mix of monomer and dimer, >75% monomer' 
# 
_pdbx_struct_oper_list.id                   1 
_pdbx_struct_oper_list.type                 'identity operation' 
_pdbx_struct_oper_list.name                 1_555 
_pdbx_struct_oper_list.symmetry_operation   x,y,z 
_pdbx_struct_oper_list.matrix[1][1]         1.0000000000 
_pdbx_struct_oper_list.matrix[1][2]         0.0000000000 
_pdbx_struct_oper_list.matrix[1][3]         0.0000000000 
_pdbx_struct_oper_list.vector[1]            0.0000000000 
_pdbx_struct_oper_list.matrix[2][1]         0.0000000000 
_pdbx_struct_oper_list.matrix[2][2]         1.0000000000 
_pdbx_struct_oper_list.matrix[2][3]         0.0000000000 
_pdbx_struct_oper_list.vector[2]            0.0000000000 
_pdbx_struct_oper_list.matrix[3][1]         0.0000000000 
_pdbx_struct_oper_list.matrix[3][2]         0.0000000000 
_pdbx_struct_oper_list.matrix[3][3]         1.0000000000 
_pdbx_struct_oper_list.vector[3]            0.0000000000 
# 
loop_
_struct_conf.conf_type_id 
_struct_conf.id 
_struct_conf.pdbx_PDB_helix_id 
_struct_conf.beg_label_comp_id 
_struct_conf.beg_label_asym_id 
_struct_conf.beg_label_seq_id 
_struct_conf.pdbx_beg_PDB_ins_code 
_struct_conf.end_label_comp_id 
_struct_conf.end_label_asym_id 
_struct_conf.end_label_seq_id 
_struct_conf.pdbx_end_PDB_ins_code 
_struct_conf.beg_auth_comp_id 
_struct_conf.beg_auth_asym_id 
_struct_conf.beg_auth_seq_id 
_struct_conf.end_auth_comp_id 
_struct_conf.end_auth_asym_id 
_struct_conf.end_auth_seq_id 
_struct_conf.pdbx_PDB_helix_class 
_struct_conf.details 
_struct_conf.pdbx_PDB_helix_length 
HELX_P HELX_P1 AA1 GLY A 3   ? ALA A 14  ? GLY A 9   ALA A 20  1 ? 12 
HELX_P HELX_P2 AA2 ASP A 16  ? SER A 27  ? ASP A 22  SER A 33  1 ? 12 
HELX_P HELX_P3 AA3 ALA A 65  ? CYS A 67  ? ALA A 71  CYS A 73  5 ? 3  
HELX_P HELX_P4 AA4 CYS A 68  ? CYS A 73  ? CYS A 74  CYS A 79  1 ? 6  
HELX_P HELX_P5 AA5 THR A 96  ? ALA A 98  ? THR A 102 ALA A 104 5 ? 3  
HELX_P HELX_P6 AA6 ASP A 100 ? ASN A 108 ? ASP A 106 ASN A 114 1 ? 9  
# 
_struct_conf_type.id          HELX_P 
_struct_conf_type.criteria    ? 
_struct_conf_type.reference   ? 
# 
loop_
_struct_conn.id 
_struct_conn.conn_type_id 
_struct_conn.pdbx_leaving_atom_flag 
_struct_conn.pdbx_PDB_id 
_struct_conn.ptnr1_label_asym_id 
_struct_conn.ptnr1_label_comp_id 
_struct_conn.ptnr1_label_seq_id 
_struct_conn.ptnr1_label_atom_id 
_struct_conn.pdbx_ptnr1_label_alt_id 
_struct_conn.pdbx_ptnr1_PDB_ins_code 
_struct_conn.pdbx_ptnr1_standard_comp_id 
_struct_conn.ptnr1_symmetry 
_struct_conn.ptnr2_label_asym_id 
_struct_conn.ptnr2_label_comp_id 
_struct_conn.ptnr2_label_seq_id 
_struct_conn.ptnr2_label_atom_id 
_struct_conn.pdbx_ptnr2_label_alt_id 
_struct_conn.pdbx_ptnr2_PDB_ins_code 
_struct_conn.ptnr1_auth_asym_id 
_struct_conn.ptnr1_auth_comp_id 
_struct_conn.ptnr1_auth_seq_id 
_struct_conn.ptnr2_auth_asym_id 
_struct_conn.ptnr2_auth_comp_id 
_struct_conn.ptnr2_auth_seq_id 
_struct_conn.ptnr2_symmetry 
_struct_conn.pdbx_ptnr3_label_atom_id 
_struct_conn.pdbx_ptnr3_label_seq_id 
_struct_conn.pdbx_ptnr3_label_comp_id 
_struct_conn.pdbx_ptnr3_label_asym_id 
_struct_conn.pdbx_ptnr3_label_alt_id 
_struct_conn.pdbx_ptnr3_PDB_ins_code 
_struct_conn.details 
_struct_conn.pdbx_dist_value 
_struct_conn.pdbx_value_order 
_struct_conn.pdbx_role 
metalc1 metalc ? ? A CYS 68  SG  ? ? ? 1_555 B ZN . ZN ? ? A CYS 74  A ZN 201 1_555 ? ? ? ? ? ? ? 2.304 ? ? 
metalc2 metalc ? ? A CYS 71  SG  ? ? ? 1_555 B ZN . ZN ? ? A CYS 77  A ZN 201 1_555 ? ? ? ? ? ? ? 2.225 ? ? 
metalc3 metalc ? ? A HIS 77  NE2 ? ? ? 1_555 B ZN . ZN ? ? A HIS 83  A ZN 201 1_555 ? ? ? ? ? ? ? 2.071 ? ? 
metalc4 metalc ? ? A CYS 84  SG  ? ? ? 1_555 B ZN . ZN ? ? A CYS 90  A ZN 201 1_555 ? ? ? ? ? ? ? 2.260 ? ? 
metalc5 metalc ? ? A CYS 111 SG  ? ? ? 1_555 C ZN . ZN ? ? A CYS 117 A ZN 202 1_555 ? ? ? ? ? ? ? 2.191 ? ? 
metalc6 metalc ? ? A CYS 114 SG  ? ? ? 1_555 C ZN . ZN ? ? A CYS 120 A ZN 202 1_555 ? ? ? ? ? ? ? 2.334 ? ? 
metalc7 metalc ? ? A CYS 122 SG  ? ? ? 1_555 C ZN . ZN ? ? A CYS 128 A ZN 202 1_555 ? ? ? ? ? ? ? 2.163 ? ? 
metalc8 metalc ? ? A CYS 124 SG  ? ? ? 1_555 C ZN . ZN ? ? A CYS 130 A ZN 202 1_555 ? ? ? ? ? ? ? 2.563 ? ? 
# 
_struct_conn_type.id          metalc 
_struct_conn_type.criteria    ? 
_struct_conn_type.reference   ? 
# 
loop_
_pdbx_struct_conn_angle.id 
_pdbx_struct_conn_angle.ptnr1_label_atom_id 
_pdbx_struct_conn_angle.ptnr1_label_alt_id 
_pdbx_struct_conn_angle.ptnr1_label_asym_id 
_pdbx_struct_conn_angle.ptnr1_label_comp_id 
_pdbx_struct_conn_angle.ptnr1_label_seq_id 
_pdbx_struct_conn_angle.ptnr1_auth_atom_id 
_pdbx_struct_conn_angle.ptnr1_auth_asym_id 
_pdbx_struct_conn_angle.ptnr1_auth_comp_id 
_pdbx_struct_conn_angle.ptnr1_auth_seq_id 
_pdbx_struct_conn_angle.ptnr1_PDB_ins_code 
_pdbx_struct_conn_angle.ptnr1_symmetry 
_pdbx_struct_conn_angle.ptnr2_label_atom_id 
_pdbx_struct_conn_angle.ptnr2_label_alt_id 
_pdbx_struct_conn_angle.ptnr2_label_asym_id 
_pdbx_struct_conn_angle.ptnr2_label_comp_id 
_pdbx_struct_conn_angle.ptnr2_label_seq_id 
_pdbx_struct_conn_angle.ptnr2_auth_atom_id 
_pdbx_struct_conn_angle.ptnr2_auth_asym_id 
_pdbx_struct_conn_angle.ptnr2_auth_comp_id 
_pdbx_struct_conn_angle.ptnr2_auth_seq_id 
_pdbx_struct_conn_angle.ptnr2_PDB_ins_code 
_pdbx_struct_conn_angle.ptnr2_symmetry 
_pdbx_struct_conn_angle.ptnr3_label_atom_id 
_pdbx_struct_conn_angle.ptnr3_label_alt_id 
_pdbx_struct_conn_angle.ptnr3_label_asym_id 
_pdbx_struct_conn_angle.ptnr3_label_comp_id 
_pdbx_struct_conn_angle.ptnr3_label_seq_id 
_pdbx_struct_conn_angle.ptnr3_auth_atom_id 
_pdbx_struct_conn_angle.ptnr3_auth_asym_id 
_pdbx_struct_conn_angle.ptnr3_auth_comp_id 
_pdbx_struct_conn_angle.ptnr3_auth_seq_id 
_pdbx_struct_conn_angle.ptnr3_PDB_ins_code 
_pdbx_struct_conn_angle.ptnr3_symmetry 
_pdbx_struct_conn_angle.value 
_pdbx_struct_conn_angle.value_esd 
1  SG  ? A CYS 68  ? A CYS 74  ? 1_555 ZN ? B ZN . ? A ZN 201 ? 1_555 SG  ? A CYS 71  ? A CYS 77  ? 1_555 113.0 ? 
2  SG  ? A CYS 68  ? A CYS 74  ? 1_555 ZN ? B ZN . ? A ZN 201 ? 1_555 NE2 ? A HIS 77  ? A HIS 83  ? 1_555 105.5 ? 
3  SG  ? A CYS 71  ? A CYS 77  ? 1_555 ZN ? B ZN . ? A ZN 201 ? 1_555 NE2 ? A HIS 77  ? A HIS 83  ? 1_555 106.9 ? 
4  SG  ? A CYS 68  ? A CYS 74  ? 1_555 ZN ? B ZN . ? A ZN 201 ? 1_555 SG  ? A CYS 84  ? A CYS 90  ? 1_555 115.1 ? 
5  SG  ? A CYS 71  ? A CYS 77  ? 1_555 ZN ? B ZN . ? A ZN 201 ? 1_555 SG  ? A CYS 84  ? A CYS 90  ? 1_555 113.6 ? 
6  NE2 ? A HIS 77  ? A HIS 83  ? 1_555 ZN ? B ZN . ? A ZN 201 ? 1_555 SG  ? A CYS 84  ? A CYS 90  ? 1_555 101.3 ? 
7  SG  ? A CYS 111 ? A CYS 117 ? 1_555 ZN ? C ZN . ? A ZN 202 ? 1_555 SG  ? A CYS 114 ? A CYS 120 ? 1_555 106.7 ? 
8  SG  ? A CYS 111 ? A CYS 117 ? 1_555 ZN ? C ZN . ? A ZN 202 ? 1_555 SG  ? A CYS 122 ? A CYS 128 ? 1_555 117.3 ? 
9  SG  ? A CYS 114 ? A CYS 120 ? 1_555 ZN ? C ZN . ? A ZN 202 ? 1_555 SG  ? A CYS 122 ? A CYS 128 ? 1_555 108.2 ? 
10 SG  ? A CYS 111 ? A CYS 117 ? 1_555 ZN ? C ZN . ? A ZN 202 ? 1_555 SG  ? A CYS 124 ? A CYS 130 ? 1_555 106.6 ? 
11 SG  ? A CYS 114 ? A CYS 120 ? 1_555 ZN ? C ZN . ? A ZN 202 ? 1_555 SG  ? A CYS 124 ? A CYS 130 ? 1_555 111.4 ? 
12 SG  ? A CYS 122 ? A CYS 128 ? 1_555 ZN ? C ZN . ? A ZN 202 ? 1_555 SG  ? A CYS 124 ? A CYS 130 ? 1_555 106.8 ? 
# 
_struct_sheet.id               AA1 
_struct_sheet.type             ? 
_struct_sheet.number_strands   3 
_struct_sheet.details          ? 
# 
loop_
_struct_sheet_order.sheet_id 
_struct_sheet_order.range_id_1 
_struct_sheet_order.range_id_2 
_struct_sheet_order.offset 
_struct_sheet_order.sense 
AA1 1 2 ? anti-parallel 
AA1 2 3 ? anti-parallel 
# 
loop_
_struct_sheet_range.sheet_id 
_struct_sheet_range.id 
_struct_sheet_range.beg_label_comp_id 
_struct_sheet_range.beg_label_asym_id 
_struct_sheet_range.beg_label_seq_id 
_struct_sheet_range.pdbx_beg_PDB_ins_code 
_struct_sheet_range.end_label_comp_id 
_struct_sheet_range.end_label_asym_id 
_struct_sheet_range.end_label_seq_id 
_struct_sheet_range.pdbx_end_PDB_ins_code 
_struct_sheet_range.beg_auth_comp_id 
_struct_sheet_range.beg_auth_asym_id 
_struct_sheet_range.beg_auth_seq_id 
_struct_sheet_range.end_auth_comp_id 
_struct_sheet_range.end_auth_asym_id 
_struct_sheet_range.end_auth_seq_id 
AA1 1 ILE A 49 ? THR A 50 ? ILE A 55 THR A 56  
AA1 2 TYR A 90 ? PRO A 94 ? TYR A 96 PRO A 100 
AA1 3 GLN A 59 ? GLY A 63 ? GLN A 65 GLY A 69  
# 
loop_
_pdbx_struct_sheet_hbond.sheet_id 
_pdbx_struct_sheet_hbond.range_id_1 
_pdbx_struct_sheet_hbond.range_id_2 
_pdbx_struct_sheet_hbond.range_1_label_atom_id 
_pdbx_struct_sheet_hbond.range_1_label_comp_id 
_pdbx_struct_sheet_hbond.range_1_label_asym_id 
_pdbx_struct_sheet_hbond.range_1_label_seq_id 
_pdbx_struct_sheet_hbond.range_1_PDB_ins_code 
_pdbx_struct_sheet_hbond.range_1_auth_atom_id 
_pdbx_struct_sheet_hbond.range_1_auth_comp_id 
_pdbx_struct_sheet_hbond.range_1_auth_asym_id 
_pdbx_struct_sheet_hbond.range_1_auth_seq_id 
_pdbx_struct_sheet_hbond.range_2_label_atom_id 
_pdbx_struct_sheet_hbond.range_2_label_comp_id 
_pdbx_struct_sheet_hbond.range_2_label_asym_id 
_pdbx_struct_sheet_hbond.range_2_label_seq_id 
_pdbx_struct_sheet_hbond.range_2_PDB_ins_code 
_pdbx_struct_sheet_hbond.range_2_auth_atom_id 
_pdbx_struct_sheet_hbond.range_2_auth_comp_id 
_pdbx_struct_sheet_hbond.range_2_auth_asym_id 
_pdbx_struct_sheet_hbond.range_2_auth_seq_id 
AA1 1 2 N THR A 50 ? N THR A 56 O TYR A 90 ? O TYR A 96 
AA1 2 3 O ILE A 93 ? O ILE A 99 N GLU A 60 ? N GLU A 66 
# 
loop_
_pdbx_validate_torsion.id 
_pdbx_validate_torsion.PDB_model_num 
_pdbx_validate_torsion.auth_comp_id 
_pdbx_validate_torsion.auth_asym_id 
_pdbx_validate_torsion.auth_seq_id 
_pdbx_validate_torsion.PDB_ins_code 
_pdbx_validate_torsion.label_alt_id 
_pdbx_validate_torsion.phi 
_pdbx_validate_torsion.psi 
1 1 VAL A 119 ? ? -79.31  -72.54  
2 1 TYR A 126 ? ? -128.91 -101.36 
# 
_pdbx_struct_special_symmetry.id              1 
_pdbx_struct_special_symmetry.PDB_model_num   1 
_pdbx_struct_special_symmetry.auth_asym_id    A 
_pdbx_struct_special_symmetry.auth_comp_id    DMS 
_pdbx_struct_special_symmetry.auth_seq_id     205 
_pdbx_struct_special_symmetry.PDB_ins_code    ? 
_pdbx_struct_special_symmetry.label_asym_id   F 
_pdbx_struct_special_symmetry.label_comp_id   DMS 
_pdbx_struct_special_symmetry.label_seq_id    . 
# 
_pdbx_entry_details.entry_id                 7ORW 
_pdbx_entry_details.has_ligand_of_interest   Y 
_pdbx_entry_details.compound_details         ? 
_pdbx_entry_details.source_details           ? 
_pdbx_entry_details.nonpolymer_details       ? 
_pdbx_entry_details.sequence_details         ? 
# 
_pdbx_unobs_or_zero_occ_residues.id               1 
_pdbx_unobs_or_zero_occ_residues.PDB_model_num    1 
_pdbx_unobs_or_zero_occ_residues.polymer_flag     Y 
_pdbx_unobs_or_zero_occ_residues.occupancy_flag   1 
_pdbx_unobs_or_zero_occ_residues.auth_asym_id     A 
_pdbx_unobs_or_zero_occ_residues.auth_comp_id     ASP 
_pdbx_unobs_or_zero_occ_residues.auth_seq_id      131 
_pdbx_unobs_or_zero_occ_residues.PDB_ins_code     ? 
_pdbx_unobs_or_zero_occ_residues.label_asym_id    A 
_pdbx_unobs_or_zero_occ_residues.label_comp_id    ASP 
_pdbx_unobs_or_zero_occ_residues.label_seq_id     125 
# 
loop_
_chem_comp_atom.comp_id 
_chem_comp_atom.atom_id 
_chem_comp_atom.type_symbol 
_chem_comp_atom.pdbx_aromatic_flag 
_chem_comp_atom.pdbx_stereo_config 
_chem_comp_atom.pdbx_ordinal 
7WA C10  C  Y N 1   
7WA N01  N  N N 2   
7WA C02  C  Y N 3   
7WA C03  C  Y N 4   
7WA C04  C  Y N 5   
7WA C05  C  Y N 6   
7WA C06  C  Y N 7   
7WA N07  N  Y N 8   
7WA C08  C  Y N 9   
7WA N09  N  Y N 10  
7WA H1   H  N N 11  
7WA H2   H  N N 12  
7WA H3   H  N N 13  
7WA H4   H  N N 14  
7WA H5   H  N N 15  
7WA H6   H  N N 16  
7WA H7   H  N N 17  
ALA N    N  N N 18  
ALA CA   C  N S 19  
ALA C    C  N N 20  
ALA O    O  N N 21  
ALA CB   C  N N 22  
ALA OXT  O  N N 23  
ALA H    H  N N 24  
ALA H2   H  N N 25  
ALA HA   H  N N 26  
ALA HB1  H  N N 27  
ALA HB2  H  N N 28  
ALA HB3  H  N N 29  
ALA HXT  H  N N 30  
ARG N    N  N N 31  
ARG CA   C  N S 32  
ARG C    C  N N 33  
ARG O    O  N N 34  
ARG CB   C  N N 35  
ARG CG   C  N N 36  
ARG CD   C  N N 37  
ARG NE   N  N N 38  
ARG CZ   C  N N 39  
ARG NH1  N  N N 40  
ARG NH2  N  N N 41  
ARG OXT  O  N N 42  
ARG H    H  N N 43  
ARG H2   H  N N 44  
ARG HA   H  N N 45  
ARG HB2  H  N N 46  
ARG HB3  H  N N 47  
ARG HG2  H  N N 48  
ARG HG3  H  N N 49  
ARG HD2  H  N N 50  
ARG HD3  H  N N 51  
ARG HE   H  N N 52  
ARG HH11 H  N N 53  
ARG HH12 H  N N 54  
ARG HH21 H  N N 55  
ARG HH22 H  N N 56  
ARG HXT  H  N N 57  
ASN N    N  N N 58  
ASN CA   C  N S 59  
ASN C    C  N N 60  
ASN O    O  N N 61  
ASN CB   C  N N 62  
ASN CG   C  N N 63  
ASN OD1  O  N N 64  
ASN ND2  N  N N 65  
ASN OXT  O  N N 66  
ASN H    H  N N 67  
ASN H2   H  N N 68  
ASN HA   H  N N 69  
ASN HB2  H  N N 70  
ASN HB3  H  N N 71  
ASN HD21 H  N N 72  
ASN HD22 H  N N 73  
ASN HXT  H  N N 74  
ASP N    N  N N 75  
ASP CA   C  N S 76  
ASP C    C  N N 77  
ASP O    O  N N 78  
ASP CB   C  N N 79  
ASP CG   C  N N 80  
ASP OD1  O  N N 81  
ASP OD2  O  N N 82  
ASP OXT  O  N N 83  
ASP H    H  N N 84  
ASP H2   H  N N 85  
ASP HA   H  N N 86  
ASP HB2  H  N N 87  
ASP HB3  H  N N 88  
ASP HD2  H  N N 89  
ASP HXT  H  N N 90  
CL  CL   CL N N 91  
CYS N    N  N N 92  
CYS CA   C  N R 93  
CYS C    C  N N 94  
CYS O    O  N N 95  
CYS CB   C  N N 96  
CYS SG   S  N N 97  
CYS OXT  O  N N 98  
CYS H    H  N N 99  
CYS H2   H  N N 100 
CYS HA   H  N N 101 
CYS HB2  H  N N 102 
CYS HB3  H  N N 103 
CYS HG   H  N N 104 
CYS HXT  H  N N 105 
DMS S    S  N N 106 
DMS O    O  N N 107 
DMS C1   C  N N 108 
DMS C2   C  N N 109 
DMS H11  H  N N 110 
DMS H12  H  N N 111 
DMS H13  H  N N 112 
DMS H21  H  N N 113 
DMS H22  H  N N 114 
DMS H23  H  N N 115 
GLN N    N  N N 116 
GLN CA   C  N S 117 
GLN C    C  N N 118 
GLN O    O  N N 119 
GLN CB   C  N N 120 
GLN CG   C  N N 121 
GLN CD   C  N N 122 
GLN OE1  O  N N 123 
GLN NE2  N  N N 124 
GLN OXT  O  N N 125 
GLN H    H  N N 126 
GLN H2   H  N N 127 
GLN HA   H  N N 128 
GLN HB2  H  N N 129 
GLN HB3  H  N N 130 
GLN HG2  H  N N 131 
GLN HG3  H  N N 132 
GLN HE21 H  N N 133 
GLN HE22 H  N N 134 
GLN HXT  H  N N 135 
GLU N    N  N N 136 
GLU CA   C  N S 137 
GLU C    C  N N 138 
GLU O    O  N N 139 
GLU CB   C  N N 140 
GLU CG   C  N N 141 
GLU CD   C  N N 142 
GLU OE1  O  N N 143 
GLU OE2  O  N N 144 
GLU OXT  O  N N 145 
GLU H    H  N N 146 
GLU H2   H  N N 147 
GLU HA   H  N N 148 
GLU HB2  H  N N 149 
GLU HB3  H  N N 150 
GLU HG2  H  N N 151 
GLU HG3  H  N N 152 
GLU HE2  H  N N 153 
GLU HXT  H  N N 154 
GLY N    N  N N 155 
GLY CA   C  N N 156 
GLY C    C  N N 157 
GLY O    O  N N 158 
GLY OXT  O  N N 159 
GLY H    H  N N 160 
GLY H2   H  N N 161 
GLY HA2  H  N N 162 
GLY HA3  H  N N 163 
GLY HXT  H  N N 164 
GOL C1   C  N N 165 
GOL O1   O  N N 166 
GOL C2   C  N N 167 
GOL O2   O  N N 168 
GOL C3   C  N N 169 
GOL O3   O  N N 170 
GOL H11  H  N N 171 
GOL H12  H  N N 172 
GOL HO1  H  N N 173 
GOL H2   H  N N 174 
GOL HO2  H  N N 175 
GOL H31  H  N N 176 
GOL H32  H  N N 177 
GOL HO3  H  N N 178 
HIS N    N  N N 179 
HIS CA   C  N S 180 
HIS C    C  N N 181 
HIS O    O  N N 182 
HIS CB   C  N N 183 
HIS CG   C  Y N 184 
HIS ND1  N  Y N 185 
HIS CD2  C  Y N 186 
HIS CE1  C  Y N 187 
HIS NE2  N  Y N 188 
HIS OXT  O  N N 189 
HIS H    H  N N 190 
HIS H2   H  N N 191 
HIS HA   H  N N 192 
HIS HB2  H  N N 193 
HIS HB3  H  N N 194 
HIS HD1  H  N N 195 
HIS HD2  H  N N 196 
HIS HE1  H  N N 197 
HIS HE2  H  N N 198 
HIS HXT  H  N N 199 
HOH O    O  N N 200 
HOH H1   H  N N 201 
HOH H2   H  N N 202 
ILE N    N  N N 203 
ILE CA   C  N S 204 
ILE C    C  N N 205 
ILE O    O  N N 206 
ILE CB   C  N S 207 
ILE CG1  C  N N 208 
ILE CG2  C  N N 209 
ILE CD1  C  N N 210 
ILE OXT  O  N N 211 
ILE H    H  N N 212 
ILE H2   H  N N 213 
ILE HA   H  N N 214 
ILE HB   H  N N 215 
ILE HG12 H  N N 216 
ILE HG13 H  N N 217 
ILE HG21 H  N N 218 
ILE HG22 H  N N 219 
ILE HG23 H  N N 220 
ILE HD11 H  N N 221 
ILE HD12 H  N N 222 
ILE HD13 H  N N 223 
ILE HXT  H  N N 224 
LEU N    N  N N 225 
LEU CA   C  N S 226 
LEU C    C  N N 227 
LEU O    O  N N 228 
LEU CB   C  N N 229 
LEU CG   C  N N 230 
LEU CD1  C  N N 231 
LEU CD2  C  N N 232 
LEU OXT  O  N N 233 
LEU H    H  N N 234 
LEU H2   H  N N 235 
LEU HA   H  N N 236 
LEU HB2  H  N N 237 
LEU HB3  H  N N 238 
LEU HG   H  N N 239 
LEU HD11 H  N N 240 
LEU HD12 H  N N 241 
LEU HD13 H  N N 242 
LEU HD21 H  N N 243 
LEU HD22 H  N N 244 
LEU HD23 H  N N 245 
LEU HXT  H  N N 246 
LYS N    N  N N 247 
LYS CA   C  N S 248 
LYS C    C  N N 249 
LYS O    O  N N 250 
LYS CB   C  N N 251 
LYS CG   C  N N 252 
LYS CD   C  N N 253 
LYS CE   C  N N 254 
LYS NZ   N  N N 255 
LYS OXT  O  N N 256 
LYS H    H  N N 257 
LYS H2   H  N N 258 
LYS HA   H  N N 259 
LYS HB2  H  N N 260 
LYS HB3  H  N N 261 
LYS HG2  H  N N 262 
LYS HG3  H  N N 263 
LYS HD2  H  N N 264 
LYS HD3  H  N N 265 
LYS HE2  H  N N 266 
LYS HE3  H  N N 267 
LYS HZ1  H  N N 268 
LYS HZ2  H  N N 269 
LYS HZ3  H  N N 270 
LYS HXT  H  N N 271 
MET N    N  N N 272 
MET CA   C  N S 273 
MET C    C  N N 274 
MET O    O  N N 275 
MET CB   C  N N 276 
MET CG   C  N N 277 
MET SD   S  N N 278 
MET CE   C  N N 279 
MET OXT  O  N N 280 
MET H    H  N N 281 
MET H2   H  N N 282 
MET HA   H  N N 283 
MET HB2  H  N N 284 
MET HB3  H  N N 285 
MET HG2  H  N N 286 
MET HG3  H  N N 287 
MET HE1  H  N N 288 
MET HE2  H  N N 289 
MET HE3  H  N N 290 
MET HXT  H  N N 291 
PHE N    N  N N 292 
PHE CA   C  N S 293 
PHE C    C  N N 294 
PHE O    O  N N 295 
PHE CB   C  N N 296 
PHE CG   C  Y N 297 
PHE CD1  C  Y N 298 
PHE CD2  C  Y N 299 
PHE CE1  C  Y N 300 
PHE CE2  C  Y N 301 
PHE CZ   C  Y N 302 
PHE OXT  O  N N 303 
PHE H    H  N N 304 
PHE H2   H  N N 305 
PHE HA   H  N N 306 
PHE HB2  H  N N 307 
PHE HB3  H  N N 308 
PHE HD1  H  N N 309 
PHE HD2  H  N N 310 
PHE HE1  H  N N 311 
PHE HE2  H  N N 312 
PHE HZ   H  N N 313 
PHE HXT  H  N N 314 
PRO N    N  N N 315 
PRO CA   C  N S 316 
PRO C    C  N N 317 
PRO O    O  N N 318 
PRO CB   C  N N 319 
PRO CG   C  N N 320 
PRO CD   C  N N 321 
PRO OXT  O  N N 322 
PRO H    H  N N 323 
PRO HA   H  N N 324 
PRO HB2  H  N N 325 
PRO HB3  H  N N 326 
PRO HG2  H  N N 327 
PRO HG3  H  N N 328 
PRO HD2  H  N N 329 
PRO HD3  H  N N 330 
PRO HXT  H  N N 331 
SER N    N  N N 332 
SER CA   C  N S 333 
SER C    C  N N 334 
SER O    O  N N 335 
SER CB   C  N N 336 
SER OG   O  N N 337 
SER OXT  O  N N 338 
SER H    H  N N 339 
SER H2   H  N N 340 
SER HA   H  N N 341 
SER HB2  H  N N 342 
SER HB3  H  N N 343 
SER HG   H  N N 344 
SER HXT  H  N N 345 
THR N    N  N N 346 
THR CA   C  N S 347 
THR C    C  N N 348 
THR O    O  N N 349 
THR CB   C  N R 350 
THR OG1  O  N N 351 
THR CG2  C  N N 352 
THR OXT  O  N N 353 
THR H    H  N N 354 
THR H2   H  N N 355 
THR HA   H  N N 356 
THR HB   H  N N 357 
THR HG1  H  N N 358 
THR HG21 H  N N 359 
THR HG22 H  N N 360 
THR HG23 H  N N 361 
THR HXT  H  N N 362 
TRP N    N  N N 363 
TRP CA   C  N S 364 
TRP C    C  N N 365 
TRP O    O  N N 366 
TRP CB   C  N N 367 
TRP CG   C  Y N 368 
TRP CD1  C  Y N 369 
TRP CD2  C  Y N 370 
TRP NE1  N  Y N 371 
TRP CE2  C  Y N 372 
TRP CE3  C  Y N 373 
TRP CZ2  C  Y N 374 
TRP CZ3  C  Y N 375 
TRP CH2  C  Y N 376 
TRP OXT  O  N N 377 
TRP H    H  N N 378 
TRP H2   H  N N 379 
TRP HA   H  N N 380 
TRP HB2  H  N N 381 
TRP HB3  H  N N 382 
TRP HD1  H  N N 383 
TRP HE1  H  N N 384 
TRP HE3  H  N N 385 
TRP HZ2  H  N N 386 
TRP HZ3  H  N N 387 
TRP HH2  H  N N 388 
TRP HXT  H  N N 389 
TYR N    N  N N 390 
TYR CA   C  N S 391 
TYR C    C  N N 392 
TYR O    O  N N 393 
TYR CB   C  N N 394 
TYR CG   C  Y N 395 
TYR CD1  C  Y N 396 
TYR CD2  C  Y N 397 
TYR CE1  C  Y N 398 
TYR CE2  C  Y N 399 
TYR CZ   C  Y N 400 
TYR OH   O  N N 401 
TYR OXT  O  N N 402 
TYR H    H  N N 403 
TYR H2   H  N N 404 
TYR HA   H  N N 405 
TYR HB2  H  N N 406 
TYR HB3  H  N N 407 
TYR HD1  H  N N 408 
TYR HD2  H  N N 409 
TYR HE1  H  N N 410 
TYR HE2  H  N N 411 
TYR HH   H  N N 412 
TYR HXT  H  N N 413 
VAL N    N  N N 414 
VAL CA   C  N S 415 
VAL C    C  N N 416 
VAL O    O  N N 417 
VAL CB   C  N N 418 
VAL CG1  C  N N 419 
VAL CG2  C  N N 420 
VAL OXT  O  N N 421 
VAL H    H  N N 422 
VAL H2   H  N N 423 
VAL HA   H  N N 424 
VAL HB   H  N N 425 
VAL HG11 H  N N 426 
VAL HG12 H  N N 427 
VAL HG13 H  N N 428 
VAL HG21 H  N N 429 
VAL HG22 H  N N 430 
VAL HG23 H  N N 431 
VAL HXT  H  N N 432 
ZN  ZN   ZN N N 433 
# 
loop_
_chem_comp_bond.comp_id 
_chem_comp_bond.atom_id_1 
_chem_comp_bond.atom_id_2 
_chem_comp_bond.value_order 
_chem_comp_bond.pdbx_aromatic_flag 
_chem_comp_bond.pdbx_stereo_config 
_chem_comp_bond.pdbx_ordinal 
7WA N01 C02  sing N N 1   
7WA C03 C02  doub Y N 2   
7WA C03 C04  sing Y N 3   
7WA C02 C10  sing Y N 4   
7WA C04 C05  doub Y N 5   
7WA C05 C06  sing Y N 6   
7WA C10 C06  doub Y N 7   
7WA C10 N09  sing Y N 8   
7WA C06 N07  sing Y N 9   
7WA N09 C08  doub Y N 10  
7WA N07 C08  sing Y N 11  
7WA N01 H1   sing N N 12  
7WA N01 H2   sing N N 13  
7WA C03 H3   sing N N 14  
7WA C04 H4   sing N N 15  
7WA C05 H5   sing N N 16  
7WA N07 H6   sing N N 17  
7WA C08 H7   sing N N 18  
ALA N   CA   sing N N 19  
ALA N   H    sing N N 20  
ALA N   H2   sing N N 21  
ALA CA  C    sing N N 22  
ALA CA  CB   sing N N 23  
ALA CA  HA   sing N N 24  
ALA C   O    doub N N 25  
ALA C   OXT  sing N N 26  
ALA CB  HB1  sing N N 27  
ALA CB  HB2  sing N N 28  
ALA CB  HB3  sing N N 29  
ALA OXT HXT  sing N N 30  
ARG N   CA   sing N N 31  
ARG N   H    sing N N 32  
ARG N   H2   sing N N 33  
ARG CA  C    sing N N 34  
ARG CA  CB   sing N N 35  
ARG CA  HA   sing N N 36  
ARG C   O    doub N N 37  
ARG C   OXT  sing N N 38  
ARG CB  CG   sing N N 39  
ARG CB  HB2  sing N N 40  
ARG CB  HB3  sing N N 41  
ARG CG  CD   sing N N 42  
ARG CG  HG2  sing N N 43  
ARG CG  HG3  sing N N 44  
ARG CD  NE   sing N N 45  
ARG CD  HD2  sing N N 46  
ARG CD  HD3  sing N N 47  
ARG NE  CZ   sing N N 48  
ARG NE  HE   sing N N 49  
ARG CZ  NH1  sing N N 50  
ARG CZ  NH2  doub N N 51  
ARG NH1 HH11 sing N N 52  
ARG NH1 HH12 sing N N 53  
ARG NH2 HH21 sing N N 54  
ARG NH2 HH22 sing N N 55  
ARG OXT HXT  sing N N 56  
ASN N   CA   sing N N 57  
ASN N   H    sing N N 58  
ASN N   H2   sing N N 59  
ASN CA  C    sing N N 60  
ASN CA  CB   sing N N 61  
ASN CA  HA   sing N N 62  
ASN C   O    doub N N 63  
ASN C   OXT  sing N N 64  
ASN CB  CG   sing N N 65  
ASN CB  HB2  sing N N 66  
ASN CB  HB3  sing N N 67  
ASN CG  OD1  doub N N 68  
ASN CG  ND2  sing N N 69  
ASN ND2 HD21 sing N N 70  
ASN ND2 HD22 sing N N 71  
ASN OXT HXT  sing N N 72  
ASP N   CA   sing N N 73  
ASP N   H    sing N N 74  
ASP N   H2   sing N N 75  
ASP CA  C    sing N N 76  
ASP CA  CB   sing N N 77  
ASP CA  HA   sing N N 78  
ASP C   O    doub N N 79  
ASP C   OXT  sing N N 80  
ASP CB  CG   sing N N 81  
ASP CB  HB2  sing N N 82  
ASP CB  HB3  sing N N 83  
ASP CG  OD1  doub N N 84  
ASP CG  OD2  sing N N 85  
ASP OD2 HD2  sing N N 86  
ASP OXT HXT  sing N N 87  
CYS N   CA   sing N N 88  
CYS N   H    sing N N 89  
CYS N   H2   sing N N 90  
CYS CA  C    sing N N 91  
CYS CA  CB   sing N N 92  
CYS CA  HA   sing N N 93  
CYS C   O    doub N N 94  
CYS C   OXT  sing N N 95  
CYS CB  SG   sing N N 96  
CYS CB  HB2  sing N N 97  
CYS CB  HB3  sing N N 98  
CYS SG  HG   sing N N 99  
CYS OXT HXT  sing N N 100 
DMS S   O    doub N N 101 
DMS S   C1   sing N N 102 
DMS S   C2   sing N N 103 
DMS C1  H11  sing N N 104 
DMS C1  H12  sing N N 105 
DMS C1  H13  sing N N 106 
DMS C2  H21  sing N N 107 
DMS C2  H22  sing N N 108 
DMS C2  H23  sing N N 109 
GLN N   CA   sing N N 110 
GLN N   H    sing N N 111 
GLN N   H2   sing N N 112 
GLN CA  C    sing N N 113 
GLN CA  CB   sing N N 114 
GLN CA  HA   sing N N 115 
GLN C   O    doub N N 116 
GLN C   OXT  sing N N 117 
GLN CB  CG   sing N N 118 
GLN CB  HB2  sing N N 119 
GLN CB  HB3  sing N N 120 
GLN CG  CD   sing N N 121 
GLN CG  HG2  sing N N 122 
GLN CG  HG3  sing N N 123 
GLN CD  OE1  doub N N 124 
GLN CD  NE2  sing N N 125 
GLN NE2 HE21 sing N N 126 
GLN NE2 HE22 sing N N 127 
GLN OXT HXT  sing N N 128 
GLU N   CA   sing N N 129 
GLU N   H    sing N N 130 
GLU N   H2   sing N N 131 
GLU CA  C    sing N N 132 
GLU CA  CB   sing N N 133 
GLU CA  HA   sing N N 134 
GLU C   O    doub N N 135 
GLU C   OXT  sing N N 136 
GLU CB  CG   sing N N 137 
GLU CB  HB2  sing N N 138 
GLU CB  HB3  sing N N 139 
GLU CG  CD   sing N N 140 
GLU CG  HG2  sing N N 141 
GLU CG  HG3  sing N N 142 
GLU CD  OE1  doub N N 143 
GLU CD  OE2  sing N N 144 
GLU OE2 HE2  sing N N 145 
GLU OXT HXT  sing N N 146 
GLY N   CA   sing N N 147 
GLY N   H    sing N N 148 
GLY N   H2   sing N N 149 
GLY CA  C    sing N N 150 
GLY CA  HA2  sing N N 151 
GLY CA  HA3  sing N N 152 
GLY C   O    doub N N 153 
GLY C   OXT  sing N N 154 
GLY OXT HXT  sing N N 155 
GOL C1  O1   sing N N 156 
GOL C1  C2   sing N N 157 
GOL C1  H11  sing N N 158 
GOL C1  H12  sing N N 159 
GOL O1  HO1  sing N N 160 
GOL C2  O2   sing N N 161 
GOL C2  C3   sing N N 162 
GOL C2  H2   sing N N 163 
GOL O2  HO2  sing N N 164 
GOL C3  O3   sing N N 165 
GOL C3  H31  sing N N 166 
GOL C3  H32  sing N N 167 
GOL O3  HO3  sing N N 168 
HIS N   CA   sing N N 169 
HIS N   H    sing N N 170 
HIS N   H2   sing N N 171 
HIS CA  C    sing N N 172 
HIS CA  CB   sing N N 173 
HIS CA  HA   sing N N 174 
HIS C   O    doub N N 175 
HIS C   OXT  sing N N 176 
HIS CB  CG   sing N N 177 
HIS CB  HB2  sing N N 178 
HIS CB  HB3  sing N N 179 
HIS CG  ND1  sing Y N 180 
HIS CG  CD2  doub Y N 181 
HIS ND1 CE1  doub Y N 182 
HIS ND1 HD1  sing N N 183 
HIS CD2 NE2  sing Y N 184 
HIS CD2 HD2  sing N N 185 
HIS CE1 NE2  sing Y N 186 
HIS CE1 HE1  sing N N 187 
HIS NE2 HE2  sing N N 188 
HIS OXT HXT  sing N N 189 
HOH O   H1   sing N N 190 
HOH O   H2   sing N N 191 
ILE N   CA   sing N N 192 
ILE N   H    sing N N 193 
ILE N   H2   sing N N 194 
ILE CA  C    sing N N 195 
ILE CA  CB   sing N N 196 
ILE CA  HA   sing N N 197 
ILE C   O    doub N N 198 
ILE C   OXT  sing N N 199 
ILE CB  CG1  sing N N 200 
ILE CB  CG2  sing N N 201 
ILE CB  HB   sing N N 202 
ILE CG1 CD1  sing N N 203 
ILE CG1 HG12 sing N N 204 
ILE CG1 HG13 sing N N 205 
ILE CG2 HG21 sing N N 206 
ILE CG2 HG22 sing N N 207 
ILE CG2 HG23 sing N N 208 
ILE CD1 HD11 sing N N 209 
ILE CD1 HD12 sing N N 210 
ILE CD1 HD13 sing N N 211 
ILE OXT HXT  sing N N 212 
LEU N   CA   sing N N 213 
LEU N   H    sing N N 214 
LEU N   H2   sing N N 215 
LEU CA  C    sing N N 216 
LEU CA  CB   sing N N 217 
LEU CA  HA   sing N N 218 
LEU C   O    doub N N 219 
LEU C   OXT  sing N N 220 
LEU CB  CG   sing N N 221 
LEU CB  HB2  sing N N 222 
LEU CB  HB3  sing N N 223 
LEU CG  CD1  sing N N 224 
LEU CG  CD2  sing N N 225 
LEU CG  HG   sing N N 226 
LEU CD1 HD11 sing N N 227 
LEU CD1 HD12 sing N N 228 
LEU CD1 HD13 sing N N 229 
LEU CD2 HD21 sing N N 230 
LEU CD2 HD22 sing N N 231 
LEU CD2 HD23 sing N N 232 
LEU OXT HXT  sing N N 233 
LYS N   CA   sing N N 234 
LYS N   H    sing N N 235 
LYS N   H2   sing N N 236 
LYS CA  C    sing N N 237 
LYS CA  CB   sing N N 238 
LYS CA  HA   sing N N 239 
LYS C   O    doub N N 240 
LYS C   OXT  sing N N 241 
LYS CB  CG   sing N N 242 
LYS CB  HB2  sing N N 243 
LYS CB  HB3  sing N N 244 
LYS CG  CD   sing N N 245 
LYS CG  HG2  sing N N 246 
LYS CG  HG3  sing N N 247 
LYS CD  CE   sing N N 248 
LYS CD  HD2  sing N N 249 
LYS CD  HD3  sing N N 250 
LYS CE  NZ   sing N N 251 
LYS CE  HE2  sing N N 252 
LYS CE  HE3  sing N N 253 
LYS NZ  HZ1  sing N N 254 
LYS NZ  HZ2  sing N N 255 
LYS NZ  HZ3  sing N N 256 
LYS OXT HXT  sing N N 257 
MET N   CA   sing N N 258 
MET N   H    sing N N 259 
MET N   H2   sing N N 260 
MET CA  C    sing N N 261 
MET CA  CB   sing N N 262 
MET CA  HA   sing N N 263 
MET C   O    doub N N 264 
MET C   OXT  sing N N 265 
MET CB  CG   sing N N 266 
MET CB  HB2  sing N N 267 
MET CB  HB3  sing N N 268 
MET CG  SD   sing N N 269 
MET CG  HG2  sing N N 270 
MET CG  HG3  sing N N 271 
MET SD  CE   sing N N 272 
MET CE  HE1  sing N N 273 
MET CE  HE2  sing N N 274 
MET CE  HE3  sing N N 275 
MET OXT HXT  sing N N 276 
PHE N   CA   sing N N 277 
PHE N   H    sing N N 278 
PHE N   H2   sing N N 279 
PHE CA  C    sing N N 280 
PHE CA  CB   sing N N 281 
PHE CA  HA   sing N N 282 
PHE C   O    doub N N 283 
PHE C   OXT  sing N N 284 
PHE CB  CG   sing N N 285 
PHE CB  HB2  sing N N 286 
PHE CB  HB3  sing N N 287 
PHE CG  CD1  doub Y N 288 
PHE CG  CD2  sing Y N 289 
PHE CD1 CE1  sing Y N 290 
PHE CD1 HD1  sing N N 291 
PHE CD2 CE2  doub Y N 292 
PHE CD2 HD2  sing N N 293 
PHE CE1 CZ   doub Y N 294 
PHE CE1 HE1  sing N N 295 
PHE CE2 CZ   sing Y N 296 
PHE CE2 HE2  sing N N 297 
PHE CZ  HZ   sing N N 298 
PHE OXT HXT  sing N N 299 
PRO N   CA   sing N N 300 
PRO N   CD   sing N N 301 
PRO N   H    sing N N 302 
PRO CA  C    sing N N 303 
PRO CA  CB   sing N N 304 
PRO CA  HA   sing N N 305 
PRO C   O    doub N N 306 
PRO C   OXT  sing N N 307 
PRO CB  CG   sing N N 308 
PRO CB  HB2  sing N N 309 
PRO CB  HB3  sing N N 310 
PRO CG  CD   sing N N 311 
PRO CG  HG2  sing N N 312 
PRO CG  HG3  sing N N 313 
PRO CD  HD2  sing N N 314 
PRO CD  HD3  sing N N 315 
PRO OXT HXT  sing N N 316 
SER N   CA   sing N N 317 
SER N   H    sing N N 318 
SER N   H2   sing N N 319 
SER CA  C    sing N N 320 
SER CA  CB   sing N N 321 
SER CA  HA   sing N N 322 
SER C   O    doub N N 323 
SER C   OXT  sing N N 324 
SER CB  OG   sing N N 325 
SER CB  HB2  sing N N 326 
SER CB  HB3  sing N N 327 
SER OG  HG   sing N N 328 
SER OXT HXT  sing N N 329 
THR N   CA   sing N N 330 
THR N   H    sing N N 331 
THR N   H2   sing N N 332 
THR CA  C    sing N N 333 
THR CA  CB   sing N N 334 
THR CA  HA   sing N N 335 
THR C   O    doub N N 336 
THR C   OXT  sing N N 337 
THR CB  OG1  sing N N 338 
THR CB  CG2  sing N N 339 
THR CB  HB   sing N N 340 
THR OG1 HG1  sing N N 341 
THR CG2 HG21 sing N N 342 
THR CG2 HG22 sing N N 343 
THR CG2 HG23 sing N N 344 
THR OXT HXT  sing N N 345 
TRP N   CA   sing N N 346 
TRP N   H    sing N N 347 
TRP N   H2   sing N N 348 
TRP CA  C    sing N N 349 
TRP CA  CB   sing N N 350 
TRP CA  HA   sing N N 351 
TRP C   O    doub N N 352 
TRP C   OXT  sing N N 353 
TRP CB  CG   sing N N 354 
TRP CB  HB2  sing N N 355 
TRP CB  HB3  sing N N 356 
TRP CG  CD1  doub Y N 357 
TRP CG  CD2  sing Y N 358 
TRP CD1 NE1  sing Y N 359 
TRP CD1 HD1  sing N N 360 
TRP CD2 CE2  doub Y N 361 
TRP CD2 CE3  sing Y N 362 
TRP NE1 CE2  sing Y N 363 
TRP NE1 HE1  sing N N 364 
TRP CE2 CZ2  sing Y N 365 
TRP CE3 CZ3  doub Y N 366 
TRP CE3 HE3  sing N N 367 
TRP CZ2 CH2  doub Y N 368 
TRP CZ2 HZ2  sing N N 369 
TRP CZ3 CH2  sing Y N 370 
TRP CZ3 HZ3  sing N N 371 
TRP CH2 HH2  sing N N 372 
TRP OXT HXT  sing N N 373 
TYR N   CA   sing N N 374 
TYR N   H    sing N N 375 
TYR N   H2   sing N N 376 
TYR CA  C    sing N N 377 
TYR CA  CB   sing N N 378 
TYR CA  HA   sing N N 379 
TYR C   O    doub N N 380 
TYR C   OXT  sing N N 381 
TYR CB  CG   sing N N 382 
TYR CB  HB2  sing N N 383 
TYR CB  HB3  sing N N 384 
TYR CG  CD1  doub Y N 385 
TYR CG  CD2  sing Y N 386 
TYR CD1 CE1  sing Y N 387 
TYR CD1 HD1  sing N N 388 
TYR CD2 CE2  doub Y N 389 
TYR CD2 HD2  sing N N 390 
TYR CE1 CZ   doub Y N 391 
TYR CE1 HE1  sing N N 392 
TYR CE2 CZ   sing Y N 393 
TYR CE2 HE2  sing N N 394 
TYR CZ  OH   sing N N 395 
TYR OH  HH   sing N N 396 
TYR OXT HXT  sing N N 397 
VAL N   CA   sing N N 398 
VAL N   H    sing N N 399 
VAL N   H2   sing N N 400 
VAL CA  C    sing N N 401 
VAL CA  CB   sing N N 402 
VAL CA  HA   sing N N 403 
VAL C   O    doub N N 404 
VAL C   OXT  sing N N 405 
VAL CB  CG1  sing N N 406 
VAL CB  CG2  sing N N 407 
VAL CB  HB   sing N N 408 
VAL CG1 HG11 sing N N 409 
VAL CG1 HG12 sing N N 410 
VAL CG1 HG13 sing N N 411 
VAL CG2 HG21 sing N N 412 
VAL CG2 HG22 sing N N 413 
VAL CG2 HG23 sing N N 414 
VAL OXT HXT  sing N N 415 
# 
loop_
_pdbx_audit_support.funding_organization 
_pdbx_audit_support.country 
_pdbx_audit_support.grant_number 
_pdbx_audit_support.ordinal 
'Swedish Research Council'                       Sweden           2018-06454              1 
'Medical Research Council (MRC, United Kingdom)' 'United Kingdom' 'CiC8 2019 MC_PC_19054' 2 
# 
_pdbx_entity_instance_feature.ordinal        1 
_pdbx_entity_instance_feature.comp_id        7WA 
_pdbx_entity_instance_feature.asym_id        ? 
_pdbx_entity_instance_feature.seq_num        ? 
_pdbx_entity_instance_feature.auth_comp_id   7WA 
_pdbx_entity_instance_feature.auth_asym_id   ? 
_pdbx_entity_instance_feature.auth_seq_num   ? 
_pdbx_entity_instance_feature.feature_type   'SUBJECT OF INVESTIGATION' 
_pdbx_entity_instance_feature.details        ? 
# 
_pdbx_initial_refinement_model.id               1 
_pdbx_initial_refinement_model.entity_id_list   ? 
_pdbx_initial_refinement_model.type             'experimental model' 
_pdbx_initial_refinement_model.source_name      PDB 
_pdbx_initial_refinement_model.accession_code   6ZPE 
_pdbx_initial_refinement_model.details          ? 
# 
_atom_sites.entry_id                    7ORW 
_atom_sites.Cartn_transf_matrix[1][1]   ? 
_atom_sites.Cartn_transf_matrix[1][2]   ? 
_atom_sites.Cartn_transf_matrix[1][3]   ? 
_atom_sites.Cartn_transf_matrix[2][1]   ? 
_atom_sites.Cartn_transf_matrix[2][2]   ? 
_atom_sites.Cartn_transf_matrix[2][3]   ? 
_atom_sites.Cartn_transf_matrix[3][1]   ? 
_atom_sites.Cartn_transf_matrix[3][2]   ? 
_atom_sites.Cartn_transf_matrix[3][3]   ? 
_atom_sites.Cartn_transf_vector[1]      ? 
_atom_sites.Cartn_transf_vector[2]      ? 
_atom_sites.Cartn_transf_vector[3]      ? 
_atom_sites.fract_transf_matrix[1][1]   -0.00628834 
_atom_sites.fract_transf_matrix[1][2]   -0.00573516 
_atom_sites.fract_transf_matrix[1][3]   0.00369657 
_atom_sites.fract_transf_matrix[2][1]   0.00640501 
_atom_sites.fract_transf_matrix[2][2]   -0.00669449 
_atom_sites.fract_transf_matrix[2][3]   0.00050937 
_atom_sites.fract_transf_matrix[3][1]   0.00235213 
_atom_sites.fract_transf_matrix[3][2]   0.00289683 
_atom_sites.fract_transf_matrix[3][3]   0.00849563 
_atom_sites.fract_transf_vector[1]      0.058701 
_atom_sites.fract_transf_vector[2]      0.881055 
_atom_sites.fract_transf_vector[3]      0.189863 
_atom_sites.solution_primary            ? 
_atom_sites.solution_secondary          ? 
_atom_sites.solution_hydrogens          ? 
_atom_sites.special_details             ? 
# 
loop_
_atom_type.symbol 
C  
CL 
N  
O  
S  
ZN 
# 
loop_
_atom_site.group_PDB 
_atom_site.id 
_atom_site.type_symbol 
_atom_site.label_atom_id 
_atom_site.label_alt_id 
_atom_site.label_comp_id 
_atom_site.label_asym_id 
_atom_site.label_entity_id 
_atom_site.label_seq_id 
_atom_site.pdbx_PDB_ins_code 
_atom_site.Cartn_x 
_atom_site.Cartn_y 
_atom_site.Cartn_z 
_atom_site.occupancy 
_atom_site.B_iso_or_equiv 
_atom_site.pdbx_formal_charge 
_atom_site.auth_seq_id 
_atom_site.auth_comp_id 
_atom_site.auth_asym_id 
_atom_site.auth_atom_id 
_atom_site.pdbx_PDB_model_num 
ATOM   1    N  N   . THR A 1 1   ? 16.132  -0.761  14.593  1.00 76.94  ? 7   THR A N   1 
ATOM   2    C  CA  . THR A 1 1   ? 14.804  -0.477  13.958  1.00 79.85  ? 7   THR A CA  1 
ATOM   3    C  C   . THR A 1 1   ? 13.781  -0.117  15.046  1.00 71.40  ? 7   THR A C   1 
ATOM   4    O  O   . THR A 1 1   ? 13.862  -0.676  16.153  1.00 70.72  ? 7   THR A O   1 
ATOM   5    C  CB  . THR A 1 1   ? 14.342  -1.672  13.110  1.00 85.97  ? 7   THR A CB  1 
ATOM   6    O  OG1 . THR A 1 1   ? 15.268  -1.821  12.032  1.00 91.94  ? 7   THR A OG1 1 
ATOM   7    C  CG2 . THR A 1 1   ? 12.939  -1.531  12.560  1.00 85.62  ? 7   THR A CG2 1 
ATOM   8    N  N   . MET A 1 2   ? 12.837  0.765   14.729  1.00 67.62  ? 8   MET A N   1 
ATOM   9    C  CA  . MET A 1 2   ? 11.772  1.190   15.673  1.00 67.58  ? 8   MET A CA  1 
ATOM   10   C  C   . MET A 1 2   ? 10.856  -0.006  15.967  1.00 64.67  ? 8   MET A C   1 
ATOM   11   O  O   . MET A 1 2   ? 10.475  -0.207  17.154  1.00 72.24  ? 8   MET A O   1 
ATOM   12   C  CB  . MET A 1 2   ? 10.955  2.337   15.075  1.00 68.80  ? 8   MET A CB  1 
ATOM   13   C  CG  . MET A 1 2   ? 10.786  3.496   16.021  1.00 75.47  ? 8   MET A CG  1 
ATOM   14   S  SD  . MET A 1 2   ? 12.353  4.102   16.673  1.00 70.24  ? 8   MET A SD  1 
ATOM   15   C  CE  . MET A 1 2   ? 13.042  4.836   15.191  1.00 78.32  ? 8   MET A CE  1 
ATOM   16   N  N   . GLY A 1 3   ? 10.516  -0.761  14.920  1.00 53.85  ? 9   GLY A N   1 
ATOM   17   C  CA  . GLY A 1 3   ? 9.608   -1.921  14.977  1.00 48.81  ? 9   GLY A CA  1 
ATOM   18   C  C   . GLY A 1 3   ? 8.199   -1.535  14.564  1.00 44.99  ? 9   GLY A C   1 
ATOM   19   O  O   . GLY A 1 3   ? 7.779   -0.392  14.864  1.00 45.52  ? 9   GLY A O   1 
ATOM   20   N  N   . ASN A 1 4   ? 7.452   -2.472  13.973  1.00 41.78  ? 10  ASN A N   1 
ATOM   21   C  CA  . ASN A 1 4   ? 6.112   -2.210  13.395  1.00 41.16  ? 10  ASN A CA  1 
ATOM   22   C  C   . ASN A 1 4   ? 5.183   -1.591  14.445  1.00 45.18  ? 10  ASN A C   1 
ATOM   23   O  O   . ASN A 1 4   ? 4.570   -0.563  14.133  1.00 42.85  ? 10  ASN A O   1 
ATOM   24   C  CB  . ASN A 1 4   ? 5.492   -3.469  12.796  1.00 44.85  ? 10  ASN A CB  1 
ATOM   25   C  CG  . ASN A 1 4   ? 6.186   -3.901  11.526  1.00 46.52  ? 10  ASN A CG  1 
ATOM   26   O  OD1 . ASN A 1 4   ? 6.718   -3.069  10.791  1.00 45.97  ? 10  ASN A OD1 1 
ATOM   27   N  ND2 . ASN A 1 4   ? 6.185   -5.197  11.270  1.00 47.70  ? 10  ASN A ND2 1 
ATOM   28   N  N   . SER A 1 5   ? 5.066   -2.183  15.639  1.00 43.07  ? 11  SER A N   1 
ATOM   29   C  CA  . SER A 1 5   ? 4.086   -1.736  16.668  1.00 45.24  ? 11  SER A CA  1 
ATOM   30   C  C   . SER A 1 5   ? 4.412   -0.308  17.128  1.00 43.28  ? 11  SER A C   1 
ATOM   31   O  O   . SER A 1 5   ? 3.472   0.478   17.269  1.00 45.22  ? 11  SER A O   1 
ATOM   32   C  CB  . SER A 1 5   ? 4.002   -2.708  17.808  1.00 46.61  ? 11  SER A CB  1 
ATOM   33   O  OG  . SER A 1 5   ? 3.389   -3.914  17.352  1.00 50.16  ? 11  SER A OG  1 
ATOM   34   N  N   . THR A 1 6   ? 5.696   0.014   17.302  1.00 43.06  ? 12  THR A N   1 
ATOM   35   C  CA  . THR A 1 6   ? 6.160   1.354   17.722  1.00 44.71  ? 12  THR A CA  1 
ATOM   36   C  C   . THR A 1 6   ? 5.776   2.379   16.643  1.00 43.09  ? 12  THR A C   1 
ATOM   37   O  O   . THR A 1 6   ? 5.210   3.424   17.003  1.00 42.42  ? 12  THR A O   1 
ATOM   38   C  CB  . THR A 1 6   ? 7.669   1.362   17.994  1.00 46.34  ? 12  THR A CB  1 
ATOM   39   O  OG1 . THR A 1 6   ? 7.946   0.379   18.986  1.00 44.57  ? 12  THR A OG1 1 
ATOM   40   C  CG2 . THR A 1 6   ? 8.184   2.696   18.478  1.00 46.80  ? 12  THR A CG2 1 
ATOM   41   N  N   . VAL A 1 7   ? 6.069   2.093   15.373  1.00 42.87  ? 13  VAL A N   1 
ATOM   42   C  CA  . VAL A 1 7   ? 5.758   3.003   14.233  1.00 42.06  ? 13  VAL A CA  1 
ATOM   43   C  C   . VAL A 1 7   ? 4.243   3.160   14.103  1.00 40.39  ? 13  VAL A C   1 
ATOM   44   O  O   . VAL A 1 7   ? 3.774   4.301   13.963  1.00 40.59  ? 13  VAL A O   1 
ATOM   45   C  CB  . VAL A 1 7   ? 6.361   2.510   12.908  1.00 40.04  ? 13  VAL A CB  1 
ATOM   46   C  CG1 . VAL A 1 7   ? 6.008   3.453   11.772  1.00 41.71  ? 13  VAL A CG1 1 
ATOM   47   C  CG2 . VAL A 1 7   ? 7.862   2.343   13.013  1.00 43.54  ? 13  VAL A CG2 1 
ATOM   48   N  N   . LEU A 1 8   ? 3.497   2.057   14.102  1.00 37.73  ? 14  LEU A N   1 
ATOM   49   C  CA  . LEU A 1 8   ? 2.040   2.093   13.836  1.00 40.15  ? 14  LEU A CA  1 
ATOM   50   C  C   . LEU A 1 8   ? 1.324   2.814   14.984  1.00 40.33  ? 14  LEU A C   1 
ATOM   51   O  O   . LEU A 1 8   ? 0.324   3.501   14.714  1.00 41.16  ? 14  LEU A O   1 
ATOM   52   C  CB  . LEU A 1 8   ? 1.495   0.668   13.657  1.00 38.91  ? 14  LEU A CB  1 
ATOM   53   C  CG  . LEU A 1 8   ? 1.934   -0.034  12.370  1.00 40.00  ? 14  LEU A CG  1 
ATOM   54   C  CD1 . LEU A 1 8   ? 1.653   -1.528  12.431  1.00 39.83  ? 14  LEU A CD1 1 
ATOM   55   C  CD2 . LEU A 1 8   ? 1.266   0.590   11.153  1.00 42.56  ? 14  LEU A CD2 1 
ATOM   56   N  N   . SER A 1 9   ? 1.752   2.585   16.223  1.00 39.48  ? 15  SER A N   1 
ATOM   57   C  CA  . SER A 1 9   ? 1.202   3.291   17.401  1.00 41.94  ? 15  SER A CA  1 
ATOM   58   C  C   . SER A 1 9   ? 1.448   4.795   17.250  1.00 40.81  ? 15  SER A C   1 
ATOM   59   O  O   . SER A 1 9   ? 0.526   5.570   17.493  1.00 43.58  ? 15  SER A O   1 
ATOM   60   C  CB  . SER A 1 9   ? 1.799   2.794   18.695  1.00 42.30  ? 15  SER A CB  1 
ATOM   61   O  OG  . SER A 1 9   ? 1.167   3.452   19.781  1.00 48.33  ? 15  SER A OG  1 
ATOM   62   N  N   . PHE A 1 10  ? 2.667   5.188   16.901  1.00 41.61  ? 16  PHE A N   1 
ATOM   63   C  CA  . PHE A 1 10  ? 3.054   6.615   16.725  1.00 41.96  ? 16  PHE A CA  1 
ATOM   64   C  C   . PHE A 1 10  ? 2.129   7.266   15.689  1.00 41.13  ? 16  PHE A C   1 
ATOM   65   O  O   . PHE A 1 10  ? 1.613   8.365   15.940  1.00 41.71  ? 16  PHE A O   1 
ATOM   66   C  CB  . PHE A 1 10  ? 4.529   6.724   16.341  1.00 41.90  ? 16  PHE A CB  1 
ATOM   67   C  CG  . PHE A 1 10  ? 5.009   8.131   16.104  1.00 42.73  ? 16  PHE A CG  1 
ATOM   68   C  CD1 . PHE A 1 10  ? 5.368   8.942   17.168  1.00 46.09  ? 16  PHE A CD1 1 
ATOM   69   C  CD2 . PHE A 1 10  ? 5.125   8.631   14.814  1.00 48.73  ? 16  PHE A CD2 1 
ATOM   70   C  CE1 . PHE A 1 10  ? 5.793   10.246  16.947  1.00 48.63  ? 16  PHE A CE1 1 
ATOM   71   C  CE2 . PHE A 1 10  ? 5.553   9.932   14.594  1.00 49.21  ? 16  PHE A CE2 1 
ATOM   72   C  CZ  . PHE A 1 10  ? 5.899   10.733  15.662  1.00 48.00  ? 16  PHE A CZ  1 
ATOM   73   N  N   . CYS A 1 11  ? 1.913   6.620   14.544  1.00 41.20  ? 17  CYS A N   1 
ATOM   74   C  CA  . CYS A 1 11  ? 1.036   7.140   13.457  1.00 39.18  ? 17  CYS A CA  1 
ATOM   75   C  C   . CYS A 1 11  ? -0.437  7.115   13.890  1.00 42.67  ? 17  CYS A C   1 
ATOM   76   O  O   . CYS A 1 11  ? -1.138  8.083   13.608  1.00 43.64  ? 17  CYS A O   1 
ATOM   77   C  CB  . CYS A 1 11  ? 1.217   6.371   12.157  1.00 40.58  ? 17  CYS A CB  1 
ATOM   78   S  SG  . CYS A 1 11  ? 2.918   6.458   11.554  1.00 45.21  ? 17  CYS A SG  1 
ATOM   79   N  N   . ALA A 1 12  ? -0.886  6.056   14.562  1.00 40.21  ? 18  ALA A N   1 
ATOM   80   C  CA  . ALA A 1 12  ? -2.317  5.822   14.880  1.00 43.15  ? 18  ALA A CA  1 
ATOM   81   C  C   . ALA A 1 12  ? -2.850  6.956   15.762  1.00 42.55  ? 18  ALA A C   1 
ATOM   82   O  O   . ALA A 1 12  ? -4.025  7.341   15.587  1.00 39.61  ? 18  ALA A O   1 
ATOM   83   C  CB  . ALA A 1 12  ? -2.499  4.494   15.577  1.00 41.06  ? 18  ALA A CB  1 
ATOM   84   N  N   . PHE A 1 13  ? -2.039  7.425   16.708  1.00 41.79  ? 19  PHE A N   1 
ATOM   85   C  CA  . PHE A 1 13  ? -2.460  8.406   17.748  1.00 42.96  ? 19  PHE A CA  1 
ATOM   86   C  C   . PHE A 1 13  ? -2.080  9.823   17.311  1.00 40.86  ? 19  PHE A C   1 
ATOM   87   O  O   . PHE A 1 13  ? -2.497  10.785  17.987  1.00 43.49  ? 19  PHE A O   1 
ATOM   88   C  CB  . PHE A 1 13  ? -1.863  8.042   19.104  1.00 43.63  ? 19  PHE A CB  1 
ATOM   89   C  CG  . PHE A 1 13  ? -2.422  6.762   19.664  1.00 44.00  ? 19  PHE A CG  1 
ATOM   90   C  CD1 . PHE A 1 13  ? -3.728  6.708   20.120  1.00 42.86  ? 19  PHE A CD1 1 
ATOM   91   C  CD2 . PHE A 1 13  ? -1.665  5.604   19.691  1.00 43.10  ? 19  PHE A CD2 1 
ATOM   92   C  CE1 . PHE A 1 13  ? -4.254  5.528   20.625  1.00 43.95  ? 19  PHE A CE1 1 
ATOM   93   C  CE2 . PHE A 1 13  ? -2.194  4.424   20.195  1.00 44.43  ? 19  PHE A CE2 1 
ATOM   94   C  CZ  . PHE A 1 13  ? -3.485  4.390   20.675  1.00 42.05  ? 19  PHE A CZ  1 
ATOM   95   N  N   . ALA A 1 14  ? -1.354  9.955   16.204  1.00 43.00  ? 20  ALA A N   1 
ATOM   96   C  CA  . ALA A 1 14  ? -1.103  11.251  15.535  1.00 42.89  ? 20  ALA A CA  1 
ATOM   97   C  C   . ALA A 1 14  ? -2.437  11.844  15.078  1.00 43.86  ? 20  ALA A C   1 
ATOM   98   O  O   . ALA A 1 14  ? -3.343  11.094  14.675  1.00 45.15  ? 20  ALA A O   1 
ATOM   99   C  CB  . ALA A 1 14  ? -0.154  11.087  14.371  1.00 44.22  ? 20  ALA A CB  1 
ATOM   100  N  N   . VAL A 1 15  ? -2.546  13.167  15.087  1.00 47.26  ? 21  VAL A N   1 
ATOM   101  C  CA  . VAL A 1 15  ? -3.769  13.836  14.564  1.00 50.60  ? 21  VAL A CA  1 
ATOM   102  C  C   . VAL A 1 15  ? -3.862  13.531  13.065  1.00 47.58  ? 21  VAL A C   1 
ATOM   103  O  O   . VAL A 1 15  ? -4.972  13.371  12.594  1.00 46.48  ? 21  VAL A O   1 
ATOM   104  C  CB  . VAL A 1 15  ? -3.783  15.343  14.881  1.00 54.27  ? 21  VAL A CB  1 
ATOM   105  C  CG1 . VAL A 1 15  ? -4.129  15.589  16.343  1.00 53.43  ? 21  VAL A CG1 1 
ATOM   106  C  CG2 . VAL A 1 15  ? -2.478  16.026  14.514  1.00 59.91  ? 21  VAL A CG2 1 
ATOM   107  N  N   . ASP A 1 16  ? -2.724  13.431  12.367  1.00 44.85  ? 22  ASP A N   1 
ATOM   108  C  CA  . ASP A 1 16  ? -2.647  13.085  10.920  1.00 47.47  ? 22  ASP A CA  1 
ATOM   109  C  C   . ASP A 1 16  ? -1.718  11.875  10.734  1.00 44.40  ? 22  ASP A C   1 
ATOM   110  O  O   . ASP A 1 16  ? -0.489  12.057  10.691  1.00 42.06  ? 22  ASP A O   1 
ATOM   111  C  CB  . ASP A 1 16  ? -2.174  14.305  10.129  1.00 51.73  ? 22  ASP A CB  1 
ATOM   112  C  CG  . ASP A 1 16  ? -2.215  14.124  8.623   1.00 55.34  ? 22  ASP A CG  1 
ATOM   113  O  OD1 . ASP A 1 16  ? -2.276  12.963  8.174   1.00 55.27  ? 22  ASP A OD1 1 
ATOM   114  O  OD2 . ASP A 1 16  ? -2.179  15.155  7.916   1.00 55.90  ? 22  ASP A OD2 1 
ATOM   115  N  N   . ALA A 1 17  ? -2.276  10.671  10.656  1.00 44.58  ? 23  ALA A N   1 
ATOM   116  C  CA  . ALA A 1 17  ? -1.504  9.409   10.599  1.00 43.09  ? 23  ALA A CA  1 
ATOM   117  C  C   . ALA A 1 17  ? -0.687  9.360   9.301   1.00 39.54  ? 23  ALA A C   1 
ATOM   118  O  O   . ALA A 1 17  ? 0.485   8.959   9.360   1.00 41.21  ? 23  ALA A O   1 
ATOM   119  C  CB  . ALA A 1 17  ? -2.443  8.236   10.715  1.00 44.68  ? 23  ALA A CB  1 
ATOM   120  N  N   . ALA A 1 18  ? -1.284  9.750   8.175   1.00 41.47  ? 24  ALA A N   1 
ATOM   121  C  CA  . ALA A 1 18  ? -0.620  9.767   6.845   1.00 44.84  ? 24  ALA A CA  1 
ATOM   122  C  C   . ALA A 1 18  ? 0.644   10.616  6.913   1.00 44.14  ? 24  ALA A C   1 
ATOM   123  O  O   . ALA A 1 18  ? 1.694   10.162  6.460   1.00 42.72  ? 24  ALA A O   1 
ATOM   124  C  CB  . ALA A 1 18  ? -1.554  10.290  5.788   1.00 47.32  ? 24  ALA A CB  1 
ATOM   125  N  N   . LYS A 1 19  ? 0.540   11.817  7.473   1.00 44.57  ? 25  LYS A N   1 
ATOM   126  C  CA  . LYS A 1 19  ? 1.676   12.762  7.544   1.00 43.12  ? 25  LYS A CA  1 
ATOM   127  C  C   . LYS A 1 19  ? 2.730   12.210  8.503   1.00 41.03  ? 25  LYS A C   1 
ATOM   128  O  O   . LYS A 1 19  ? 3.951   12.313  8.193   1.00 44.28  ? 25  LYS A O   1 
ATOM   129  C  CB  . LYS A 1 19  ? 1.181   14.159  7.959   1.00 48.16  ? 25  LYS A CB  1 
ATOM   130  C  CG  . LYS A 1 19  ? 2.294   15.194  8.111   1.00 51.54  ? 25  LYS A CG  1 
ATOM   131  C  CD  . LYS A 1 19  ? 1.833   16.628  7.886   1.00 58.08  ? 25  LYS A CD  1 
ATOM   132  C  CE  . LYS A 1 19  ? 2.565   17.671  8.705   1.00 63.10  ? 25  LYS A CE  1 
ATOM   133  N  NZ  . LYS A 1 19  ? 4.009   17.372  8.862   1.00 64.84  ? 25  LYS A NZ  1 
ATOM   134  N  N   . ALA A 1 20  ? 2.306   11.629  9.633   1.00 40.13  ? 26  ALA A N   1 
ATOM   135  C  CA  . ALA A 1 20  ? 3.229   10.977  10.586  1.00 38.90  ? 26  ALA A CA  1 
ATOM   136  C  C   . ALA A 1 20  ? 4.071   9.916   9.848   1.00 37.11  ? 26  ALA A C   1 
ATOM   137  O  O   . ALA A 1 20  ? 5.306   9.926   9.982   1.00 39.39  ? 26  ALA A O   1 
ATOM   138  C  CB  . ALA A 1 20  ? 2.461   10.401  11.760  1.00 39.83  ? 26  ALA A CB  1 
ATOM   139  N  N   . TYR A 1 21  ? 3.459   9.011   9.086   1.00 40.94  ? 27  TYR A N   1 
ATOM   140  C  CA  . TYR A 1 21  ? 4.227   7.928   8.409   1.00 39.68  ? 27  TYR A CA  1 
ATOM   141  C  C   . TYR A 1 21  ? 5.128   8.532   7.310   1.00 39.99  ? 27  TYR A C   1 
ATOM   142  O  O   . TYR A 1 21  ? 6.305   8.143   7.176   1.00 42.39  ? 27  TYR A O   1 
ATOM   143  C  CB  . TYR A 1 21  ? 3.293   6.838   7.867   1.00 40.60  ? 27  TYR A CB  1 
ATOM   144  C  CG  . TYR A 1 21  ? 4.027   5.626   7.342   1.00 40.17  ? 27  TYR A CG  1 
ATOM   145  C  CD1 . TYR A 1 21  ? 4.957   4.966   8.124   1.00 41.96  ? 27  TYR A CD1 1 
ATOM   146  C  CD2 . TYR A 1 21  ? 3.842   5.164   6.048   1.00 42.22  ? 27  TYR A CD2 1 
ATOM   147  C  CE1 . TYR A 1 21  ? 5.678   3.884   7.647   1.00 45.38  ? 27  TYR A CE1 1 
ATOM   148  C  CE2 . TYR A 1 21  ? 4.549   4.075   5.558   1.00 41.74  ? 27  TYR A CE2 1 
ATOM   149  C  CZ  . TYR A 1 21  ? 5.459   3.414   6.366   1.00 44.20  ? 27  TYR A CZ  1 
ATOM   150  O  OH  . TYR A 1 21  ? 6.192   2.350   5.912   1.00 42.43  ? 27  TYR A OH  1 
ATOM   151  N  N   . LYS A 1 22  ? 4.611   9.463   6.519   1.00 43.56  ? 28  LYS A N   1 
ATOM   152  C  CA  . LYS A 1 22  ? 5.422   10.073  5.422   1.00 46.33  ? 28  LYS A CA  1 
ATOM   153  C  C   . LYS A 1 22  ? 6.645   10.779  6.020   1.00 43.17  ? 28  LYS A C   1 
ATOM   154  O  O   . LYS A 1 22  ? 7.766   10.583  5.502   1.00 40.67  ? 28  LYS A O   1 
ATOM   155  C  CB  . LYS A 1 22  ? 4.583   11.040  4.584   1.00 45.65  ? 28  LYS A CB  1 
ATOM   156  C  CG  . LYS A 1 22  ? 3.509   10.382  3.739   1.00 48.62  ? 28  LYS A CG  1 
ATOM   157  C  CD  . LYS A 1 22  ? 2.526   11.378  3.168   1.00 54.55  ? 28  LYS A CD  1 
ATOM   158  C  CE  . LYS A 1 22  ? 1.419   10.716  2.378   1.00 58.18  ? 28  LYS A CE  1 
ATOM   159  N  NZ  . LYS A 1 22  ? 0.364   11.685  2.002   1.00 59.53  ? 28  LYS A NZ  1 
ATOM   160  N  N   . ASP A 1 23  ? 6.451   11.535  7.103   1.00 45.06  ? 29  ASP A N   1 
ATOM   161  C  CA  . ASP A 1 23  ? 7.556   12.258  7.790   1.00 45.31  ? 29  ASP A CA  1 
ATOM   162  C  C   . ASP A 1 23  ? 8.540   11.245  8.377   1.00 44.75  ? 29  ASP A C   1 
ATOM   163  O  O   . ASP A 1 23  ? 9.764   11.481  8.319   1.00 43.99  ? 29  ASP A O   1 
ATOM   164  C  CB  . ASP A 1 23  ? 7.002   13.226  8.842   1.00 46.77  ? 29  ASP A CB  1 
ATOM   165  C  CG  . ASP A 1 23  ? 6.347   14.456  8.235   1.00 49.73  ? 29  ASP A CG  1 
ATOM   166  O  OD1 . ASP A 1 23  ? 6.575   14.708  7.040   1.00 55.28  ? 29  ASP A OD1 1 
ATOM   167  O  OD2 . ASP A 1 23  ? 5.604   15.144  8.952   1.00 50.51  ? 29  ASP A OD2 1 
ATOM   168  N  N   . TYR A 1 24  ? 8.039   10.152  8.947   1.00 45.75  ? 30  TYR A N   1 
ATOM   169  C  CA  . TYR A 1 24  ? 8.895   9.073   9.501   1.00 41.96  ? 30  TYR A CA  1 
ATOM   170  C  C   . TYR A 1 24  ? 9.764   8.511   8.364   1.00 45.13  ? 30  TYR A C   1 
ATOM   171  O  O   . TYR A 1 24  ? 10.996  8.411   8.528   1.00 43.13  ? 30  TYR A O   1 
ATOM   172  C  CB  . TYR A 1 24  ? 8.040   7.999   10.173  1.00 43.63  ? 30  TYR A CB  1 
ATOM   173  C  CG  . TYR A 1 24  ? 8.730   6.686   10.438  1.00 44.12  ? 30  TYR A CG  1 
ATOM   174  C  CD1 . TYR A 1 24  ? 9.583   6.512   11.520  1.00 44.40  ? 30  TYR A CD1 1 
ATOM   175  C  CD2 . TYR A 1 24  ? 8.500   5.600   9.604   1.00 45.84  ? 30  TYR A CD2 1 
ATOM   176  C  CE1 . TYR A 1 24  ? 10.198  5.290   11.765  1.00 48.35  ? 30  TYR A CE1 1 
ATOM   177  C  CE2 . TYR A 1 24  ? 9.106   4.379   9.834   1.00 44.84  ? 30  TYR A CE2 1 
ATOM   178  C  CZ  . TYR A 1 24  ? 9.960   4.222   10.912  1.00 45.30  ? 30  TYR A CZ  1 
ATOM   179  O  OH  . TYR A 1 24  ? 10.529  3.005   11.128  1.00 54.14  ? 30  TYR A OH  1 
ATOM   180  N  N   . LEU A 1 25  ? 9.155   8.191   7.225   1.00 41.95  ? 31  LEU A N   1 
ATOM   181  C  CA  . LEU A 1 25  ? 9.912   7.648   6.060   1.00 46.84  ? 31  LEU A CA  1 
ATOM   182  C  C   . LEU A 1 25  ? 10.962  8.666   5.597   1.00 46.35  ? 31  LEU A C   1 
ATOM   183  O  O   . LEU A 1 25  ? 12.111  8.253   5.369   1.00 44.18  ? 31  LEU A O   1 
ATOM   184  C  CB  . LEU A 1 25  ? 8.952   7.335   4.915   1.00 45.89  ? 31  LEU A CB  1 
ATOM   185  C  CG  . LEU A 1 25  ? 8.038   6.135   5.146   1.00 45.32  ? 31  LEU A CG  1 
ATOM   186  C  CD1 . LEU A 1 25  ? 7.035   6.027   4.016   1.00 44.28  ? 31  LEU A CD1 1 
ATOM   187  C  CD2 . LEU A 1 25  ? 8.828   4.848   5.298   1.00 46.26  ? 31  LEU A CD2 1 
ATOM   188  N  N   . ALA A 1 26  ? 10.570  9.937   5.454   1.00 48.10  ? 32  ALA A N   1 
ATOM   189  C  CA  . ALA A 1 26  ? 11.474  11.019  4.998   1.00 50.83  ? 32  ALA A CA  1 
ATOM   190  C  C   . ALA A 1 26  ? 12.648  11.125  5.973   1.00 50.38  ? 32  ALA A C   1 
ATOM   191  O  O   . ALA A 1 26  ? 13.747  11.436  5.514   1.00 48.34  ? 32  ALA A O   1 
ATOM   192  C  CB  . ALA A 1 26  ? 10.723  12.318  4.858   1.00 52.56  ? 32  ALA A CB  1 
ATOM   193  N  N   . SER A 1 27  ? 12.452  10.783  7.254   1.00 50.55  ? 33  SER A N   1 
ATOM   194  C  CA  . SER A 1 27  ? 13.499  10.876  8.309   1.00 48.65  ? 33  SER A CA  1 
ATOM   195  C  C   . SER A 1 27  ? 14.491  9.710   8.220   1.00 49.63  ? 33  SER A C   1 
ATOM   196  O  O   . SER A 1 27  ? 15.463  9.707   8.994   1.00 46.95  ? 33  SER A O   1 
ATOM   197  C  CB  . SER A 1 27  ? 12.869  10.934  9.676   1.00 51.42  ? 33  SER A CB  1 
ATOM   198  O  OG  . SER A 1 27  ? 12.631  9.623   10.156  1.00 50.02  ? 33  SER A OG  1 
ATOM   199  N  N   . GLY A 1 28  ? 14.228  8.726   7.358   1.00 50.05  ? 34  GLY A N   1 
ATOM   200  C  CA  . GLY A 1 28  ? 15.066  7.522   7.199   1.00 50.45  ? 34  GLY A CA  1 
ATOM   201  C  C   . GLY A 1 28  ? 14.518  6.340   7.975   1.00 50.77  ? 34  GLY A C   1 
ATOM   202  O  O   . GLY A 1 28  ? 15.223  5.347   8.101   1.00 48.42  ? 34  GLY A O   1 
ATOM   203  N  N   . GLY A 1 29  ? 13.289  6.425   8.484   1.00 48.72  ? 35  GLY A N   1 
ATOM   204  C  CA  . GLY A 1 29  ? 12.699  5.312   9.248   1.00 49.65  ? 35  GLY A CA  1 
ATOM   205  C  C   . GLY A 1 29  ? 12.547  4.067   8.381   1.00 46.08  ? 35  GLY A C   1 
ATOM   206  O  O   . GLY A 1 29  ? 12.286  4.213   7.182   1.00 46.25  ? 35  GLY A O   1 
ATOM   207  N  N   . GLN A 1 30  ? 12.711  2.889   8.976   1.00 47.02  ? 36  GLN A N   1 
ATOM   208  C  CA  . GLN A 1 30  ? 12.460  1.570   8.342   1.00 53.99  ? 36  GLN A CA  1 
ATOM   209  C  C   . GLN A 1 30  ? 10.984  1.451   7.973   1.00 49.59  ? 36  GLN A C   1 
ATOM   210  O  O   . GLN A 1 30  ? 10.110  1.567   8.833   1.00 48.36  ? 36  GLN A O   1 
ATOM   211  C  CB  . GLN A 1 30  ? 12.825  0.445   9.311   1.00 63.70  ? 36  GLN A CB  1 
ATOM   212  C  CG  . GLN A 1 30  ? 14.302  0.093   9.292   1.00 76.56  ? 36  GLN A CG  1 
ATOM   213  C  CD  . GLN A 1 30  ? 14.718  -0.481  7.959   1.00 83.57  ? 36  GLN A CD  1 
ATOM   214  O  OE1 . GLN A 1 30  ? 14.021  -1.311  7.376   1.00 85.01  ? 36  GLN A OE1 1 
ATOM   215  N  NE2 . GLN A 1 30  ? 15.863  -0.041  7.465   1.00 86.80  ? 36  GLN A NE2 1 
ATOM   216  N  N   . PRO A 1 31  ? 10.639  1.154   6.705   1.00 46.39  ? 37  PRO A N   1 
ATOM   217  C  CA  . PRO A 1 31  ? 9.240   0.896   6.365   1.00 46.15  ? 37  PRO A CA  1 
ATOM   218  C  C   . PRO A 1 31  ? 8.590   -0.171  7.263   1.00 44.91  ? 37  PRO A C   1 
ATOM   219  O  O   . PRO A 1 31  ? 9.260   -1.028  7.864   1.00 45.08  ? 37  PRO A O   1 
ATOM   220  C  CB  . PRO A 1 31  ? 9.295   0.444   4.895   1.00 46.51  ? 37  PRO A CB  1 
ATOM   221  C  CG  . PRO A 1 31  ? 10.572  1.087   4.372   1.00 48.01  ? 37  PRO A CG  1 
ATOM   222  C  CD  . PRO A 1 31  ? 11.535  1.024   5.543   1.00 48.59  ? 37  PRO A CD  1 
ATOM   223  N  N   . ILE A 1 32  ? 7.270   -0.078  7.357   1.00 42.44  ? 38  ILE A N   1 
ATOM   224  C  CA  . ILE A 1 32  ? 6.423   -1.122  7.983   1.00 43.77  ? 38  ILE A CA  1 
ATOM   225  C  C   . ILE A 1 32  ? 6.637   -2.426  7.210   1.00 44.25  ? 38  ILE A C   1 
ATOM   226  O  O   . ILE A 1 32  ? 6.607   -2.383  5.960   1.00 41.85  ? 38  ILE A O   1 
ATOM   227  C  CB  . ILE A 1 32  ? 4.957   -0.667  7.972   1.00 43.39  ? 38  ILE A CB  1 
ATOM   228  C  CG1 . ILE A 1 32  ? 4.735   0.546   8.884   1.00 42.72  ? 38  ILE A CG1 1 
ATOM   229  C  CG2 . ILE A 1 32  ? 4.055   -1.824  8.342   1.00 45.30  ? 38  ILE A CG2 1 
ATOM   230  C  CD1 . ILE A 1 32  ? 3.496   1.323   8.541   1.00 47.02  ? 38  ILE A CD1 1 
ATOM   231  N  N   . THR A 1 33  ? 6.811   -3.541  7.927   1.00 45.18  ? 39  THR A N   1 
ATOM   232  C  CA  . THR A 1 33  ? 7.075   -4.874  7.335   1.00 45.63  ? 39  THR A CA  1 
ATOM   233  C  C   . THR A 1 33  ? 5.867   -5.782  7.562   1.00 45.85  ? 39  THR A C   1 
ATOM   234  O  O   . THR A 1 33  ? 4.798   -5.295  8.025   1.00 40.32  ? 39  THR A O   1 
ATOM   235  C  CB  . THR A 1 33  ? 8.371   -5.476  7.893   1.00 46.02  ? 39  THR A CB  1 
ATOM   236  O  OG1 . THR A 1 33  ? 8.143   -5.840  9.255   1.00 46.02  ? 39  THR A OG1 1 
ATOM   237  C  CG2 . THR A 1 33  ? 9.540   -4.522  7.798   1.00 48.86  ? 39  THR A CG2 1 
ATOM   238  N  N   . ASN A 1 34  ? 6.021   -7.054  7.190   1.00 41.62  ? 40  ASN A N   1 
ATOM   239  C  CA  . ASN A 1 34  ? 5.017   -8.110  7.457   1.00 44.16  ? 40  ASN A CA  1 
ATOM   240  C  C   . ASN A 1 34  ? 3.777   -7.810  6.632   1.00 41.80  ? 40  ASN A C   1 
ATOM   241  O  O   . ASN A 1 34  ? 2.718   -8.232  7.055   1.00 44.66  ? 40  ASN A O   1 
ATOM   242  C  CB  . ASN A 1 34  ? 4.640   -8.232  8.941   1.00 51.55  ? 40  ASN A CB  1 
ATOM   243  C  CG  . ASN A 1 34  ? 5.795   -8.614  9.844   1.00 58.12  ? 40  ASN A CG  1 
ATOM   244  O  OD1 . ASN A 1 34  ? 5.913   -8.146  10.974  1.00 66.18  ? 40  ASN A OD1 1 
ATOM   245  N  ND2 . ASN A 1 34  ? 6.653   -9.497  9.380   1.00 65.75  ? 40  ASN A ND2 1 
ATOM   246  N  N   . CYS A 1 35  ? 3.896   -7.124  5.484   1.00 40.42  ? 41  CYS A N   1 
ATOM   247  C  CA  . CYS A 1 35  ? 2.833   -7.124  4.449   1.00 41.94  ? 41  CYS A CA  1 
ATOM   248  C  C   . CYS A 1 35  ? 2.734   -8.548  3.872   1.00 45.08  ? 41  CYS A C   1 
ATOM   249  O  O   . CYS A 1 35  ? 3.766   -9.228  3.798   1.00 46.30  ? 41  CYS A O   1 
ATOM   250  C  CB  . CYS A 1 35  ? 3.113   -6.090  3.371   1.00 42.75  ? 41  CYS A CB  1 
ATOM   251  S  SG  . CYS A 1 35  ? 3.265   -4.418  4.049   1.00 45.00  ? 41  CYS A SG  1 
ATOM   252  N  N   . VAL A 1 36  ? 1.543   -9.014  3.519   1.00 42.31  ? 42  VAL A N   1 
ATOM   253  C  CA  . VAL A 1 36  ? 1.332   -10.450 3.167   1.00 44.23  ? 42  VAL A CA  1 
ATOM   254  C  C   . VAL A 1 36  ? 1.639   -10.628 1.671   1.00 43.33  ? 42  VAL A C   1 
ATOM   255  O  O   . VAL A 1 36  ? 0.808   -10.243 0.841   1.00 44.42  ? 42  VAL A O   1 
ATOM   256  C  CB  . VAL A 1 36  ? -0.080  -10.914 3.556   1.00 47.16  ? 42  VAL A CB  1 
ATOM   257  C  CG1 . VAL A 1 36  ? -0.302  -12.388 3.227   1.00 47.30  ? 42  VAL A CG1 1 
ATOM   258  C  CG2 . VAL A 1 36  ? -0.366  -10.643 5.033   1.00 47.23  ? 42  VAL A CG2 1 
ATOM   259  N  N   . LYS A 1 37  ? 2.826   -11.138 1.343   1.00 42.42  ? 43  LYS A N   1 
ATOM   260  C  CA  . LYS A 1 37  ? 3.246   -11.343 -0.067  1.00 44.47  ? 43  LYS A CA  1 
ATOM   261  C  C   . LYS A 1 37  ? 2.502   -12.557 -0.615  1.00 46.21  ? 43  LYS A C   1 
ATOM   262  O  O   . LYS A 1 37  ? 2.403   -13.560 0.110   1.00 44.47  ? 43  LYS A O   1 
ATOM   263  C  CB  . LYS A 1 37  ? 4.752   -11.569 -0.221  1.00 48.73  ? 43  LYS A CB  1 
ATOM   264  C  CG  . LYS A 1 37  ? 5.194   -11.527 -1.677  1.00 53.48  ? 43  LYS A CG  1 
ATOM   265  C  CD  . LYS A 1 37  ? 6.690   -11.504 -1.929  1.00 63.27  ? 43  LYS A CD  1 
ATOM   266  C  CE  . LYS A 1 37  ? 6.993   -11.384 -3.412  1.00 68.73  ? 43  LYS A CE  1 
ATOM   267  N  NZ  . LYS A 1 37  ? 8.438   -11.524 -3.694  1.00 82.86  ? 43  LYS A NZ  1 
ATOM   268  N  N   . MET A 1 38  ? 2.005   -12.472 -1.845  1.00 42.73  ? 44  MET A N   1 
ATOM   269  C  CA  . MET A 1 38  ? 1.191   -13.553 -2.459  1.00 45.10  ? 44  MET A CA  1 
ATOM   270  C  C   . MET A 1 38  ? 2.045   -14.331 -3.470  1.00 43.38  ? 44  MET A C   1 
ATOM   271  O  O   . MET A 1 38  ? 2.810   -13.714 -4.225  1.00 42.13  ? 44  MET A O   1 
ATOM   272  C  CB  . MET A 1 38  ? -0.049  -12.975 -3.150  1.00 48.49  ? 44  MET A CB  1 
ATOM   273  C  CG  . MET A 1 38  ? -0.939  -12.172 -2.204  1.00 53.48  ? 44  MET A CG  1 
ATOM   274  S  SD  . MET A 1 38  ? -1.446  -13.090 -0.714  1.00 59.80  ? 44  MET A SD  1 
ATOM   275  C  CE  . MET A 1 38  ? -2.574  -14.229 -1.492  1.00 59.57  ? 44  MET A CE  1 
ATOM   276  N  N   . LEU A 1 39  ? 1.875   -15.652 -3.500  1.00 42.62  ? 45  LEU A N   1 
ATOM   277  C  CA  . LEU A 1 39  ? 2.417   -16.534 -4.564  1.00 42.53  ? 45  LEU A CA  1 
ATOM   278  C  C   . LEU A 1 39  ? 1.677   -16.208 -5.868  1.00 44.45  ? 45  LEU A C   1 
ATOM   279  O  O   . LEU A 1 39  ? 0.447   -16.242 -5.861  1.00 45.93  ? 45  LEU A O   1 
ATOM   280  C  CB  . LEU A 1 39  ? 2.210   -17.992 -4.119  1.00 41.03  ? 45  LEU A CB  1 
ATOM   281  C  CG  . LEU A 1 39  ? 2.756   -19.049 -5.074  1.00 43.31  ? 45  LEU A CG  1 
ATOM   282  C  CD1 . LEU A 1 39  ? 4.257   -18.877 -5.293  1.00 46.30  ? 45  LEU A CD1 1 
ATOM   283  C  CD2 . LEU A 1 39  ? 2.434   -20.443 -4.561  1.00 44.78  ? 45  LEU A CD2 1 
ATOM   284  N  N   . CYS A 1 40  ? 2.383   -15.839 -6.938  1.00 43.89  ? 46  CYS A N   1 
ATOM   285  C  CA  . CYS A 1 40  ? 1.760   -15.519 -8.252  1.00 46.62  ? 46  CYS A CA  1 
ATOM   286  C  C   . CYS A 1 40  ? 2.760   -15.780 -9.381  1.00 48.81  ? 46  CYS A C   1 
ATOM   287  O  O   . CYS A 1 40  ? 3.949   -15.999 -9.080  1.00 47.89  ? 46  CYS A O   1 
ATOM   288  C  CB  . CYS A 1 40  ? 1.275   -14.076 -8.290  1.00 48.76  ? 46  CYS A CB  1 
ATOM   289  S  SG  . CYS A 1 40  ? 2.621   -12.883 -8.069  1.00 53.21  ? 46  CYS A SG  1 
ATOM   290  N  N   . THR A 1 41  ? 2.296   -15.730 -10.627 1.00 49.85  ? 47  THR A N   1 
ATOM   291  C  CA  . THR A 1 41  ? 3.078   -16.112 -11.831 1.00 50.60  ? 47  THR A CA  1 
ATOM   292  C  C   . THR A 1 41  ? 3.798   -14.894 -12.407 1.00 50.32  ? 47  THR A C   1 
ATOM   293  O  O   . THR A 1 41  ? 4.741   -15.097 -13.202 1.00 51.84  ? 47  THR A O   1 
ATOM   294  C  CB  . THR A 1 41  ? 2.160   -16.735 -12.883 1.00 57.57  ? 47  THR A CB  1 
ATOM   295  O  OG1 . THR A 1 41  ? 1.163   -15.759 -13.187 1.00 53.42  ? 47  THR A OG1 1 
ATOM   296  C  CG2 . THR A 1 41  ? 1.528   -18.024 -12.405 1.00 58.88  ? 47  THR A CG2 1 
ATOM   297  N  N   . HIS A 1 42  ? 3.378   -13.683 -12.029 1.00 44.66  ? 48  HIS A N   1 
ATOM   298  C  CA  . HIS A 1 42  ? 3.887   -12.399 -12.582 1.00 44.98  ? 48  HIS A CA  1 
ATOM   299  C  C   . HIS A 1 42  ? 3.469   -12.223 -14.049 1.00 46.92  ? 48  HIS A C   1 
ATOM   300  O  O   . HIS A 1 42  ? 4.138   -11.451 -14.765 1.00 50.65  ? 48  HIS A O   1 
ATOM   301  C  CB  . HIS A 1 42  ? 5.396   -12.291 -12.360 1.00 45.21  ? 48  HIS A CB  1 
ATOM   302  C  CG  . HIS A 1 42  ? 5.739   -12.177 -10.917 1.00 47.78  ? 48  HIS A CG  1 
ATOM   303  N  ND1 . HIS A 1 42  ? 5.659   -10.970 -10.242 1.00 49.05  ? 48  HIS A ND1 1 
ATOM   304  C  CD2 . HIS A 1 42  ? 6.124   -13.098 -10.009 1.00 51.24  ? 48  HIS A CD2 1 
ATOM   305  C  CE1 . HIS A 1 42  ? 5.998   -11.160 -8.986  1.00 48.86  ? 48  HIS A CE1 1 
ATOM   306  N  NE2 . HIS A 1 42  ? 6.290   -12.450 -8.815  1.00 52.80  ? 48  HIS A NE2 1 
ATOM   307  N  N   . THR A 1 43  ? 2.365   -12.860 -14.454 1.00 47.40  ? 49  THR A N   1 
ATOM   308  C  CA  . THR A 1 43  ? 1.775   -12.769 -15.810 1.00 51.27  ? 49  THR A CA  1 
ATOM   309  C  C   . THR A 1 43  ? 0.350   -12.199 -15.723 1.00 55.41  ? 49  THR A C   1 
ATOM   310  O  O   . THR A 1 43  ? -0.441  -12.459 -16.639 1.00 55.56  ? 49  THR A O   1 
ATOM   311  C  CB  . THR A 1 43  ? 1.813   -14.144 -16.495 1.00 52.79  ? 49  THR A CB  1 
ATOM   312  O  OG1 . THR A 1 43  ? 0.932   -14.999 -15.774 1.00 51.75  ? 49  THR A OG1 1 
ATOM   313  C  CG2 . THR A 1 43  ? 3.194   -14.758 -16.525 1.00 53.04  ? 49  THR A CG2 1 
ATOM   314  N  N   . GLY A 1 44  ? 0.023   -11.432 -14.675 1.00 54.44  ? 50  GLY A N   1 
ATOM   315  C  CA  . GLY A 1 44  ? -1.323  -10.847 -14.506 1.00 51.14  ? 50  GLY A CA  1 
ATOM   316  C  C   . GLY A 1 44  ? -1.488  -9.560  -15.303 1.00 50.27  ? 50  GLY A C   1 
ATOM   317  O  O   . GLY A 1 44  ? -0.543  -9.165  -16.006 1.00 48.55  ? 50  GLY A O   1 
ATOM   318  N  N   . THR A 1 45  ? -2.633  -8.894  -15.135 1.00 50.48  ? 51  THR A N   1 
ATOM   319  C  CA  . THR A 1 45  ? -3.066  -7.681  -15.882 1.00 51.25  ? 51  THR A CA  1 
ATOM   320  C  C   . THR A 1 45  ? -2.205  -6.486  -15.469 1.00 46.93  ? 51  THR A C   1 
ATOM   321  O  O   . THR A 1 45  ? -2.077  -5.570  -16.270 1.00 47.94  ? 51  THR A O   1 
ATOM   322  C  CB  . THR A 1 45  ? -4.556  -7.382  -15.642 1.00 54.90  ? 51  THR A CB  1 
ATOM   323  O  OG1 . THR A 1 45  ? -4.727  -7.079  -14.255 1.00 55.63  ? 51  THR A OG1 1 
ATOM   324  C  CG2 . THR A 1 45  ? -5.461  -8.539  -16.003 1.00 52.76  ? 51  THR A CG2 1 
ATOM   325  N  N   . GLY A 1 46  ? -1.610  -6.508  -14.271 1.00 45.87  ? 52  GLY A N   1 
ATOM   326  C  CA  . GLY A 1 46  ? -0.812  -5.379  -13.759 1.00 48.24  ? 52  GLY A CA  1 
ATOM   327  C  C   . GLY A 1 46  ? -1.686  -4.241  -13.251 1.00 47.43  ? 52  GLY A C   1 
ATOM   328  O  O   . GLY A 1 46  ? -1.147  -3.173  -12.920 1.00 45.01  ? 52  GLY A O   1 
ATOM   329  N  N   . GLN A 1 47  ? -2.999  -4.454  -13.150 1.00 49.26  ? 53  GLN A N   1 
ATOM   330  C  CA  . GLN A 1 47  ? -3.929  -3.479  -12.517 1.00 49.50  ? 53  GLN A CA  1 
ATOM   331  C  C   . GLN A 1 47  ? -3.633  -3.362  -11.016 1.00 48.32  ? 53  GLN A C   1 
ATOM   332  O  O   . GLN A 1 47  ? -3.088  -4.322  -10.422 1.00 44.93  ? 53  GLN A O   1 
ATOM   333  C  CB  . GLN A 1 47  ? -5.368  -3.901  -12.790 1.00 51.57  ? 53  GLN A CB  1 
ATOM   334  C  CG  . GLN A 1 47  ? -5.767  -3.699  -14.241 1.00 56.51  ? 53  GLN A CG  1 
ATOM   335  C  CD  . GLN A 1 47  ? -7.184  -3.202  -14.311 1.00 59.14  ? 53  GLN A CD  1 
ATOM   336  O  OE1 . GLN A 1 47  ? -7.478  -2.076  -13.934 1.00 69.68  ? 53  GLN A OE1 1 
ATOM   337  N  NE2 . GLN A 1 47  ? -8.084  -4.060  -14.742 1.00 63.96  ? 53  GLN A NE2 1 
ATOM   338  N  N   . ALA A 1 48  ? -3.987  -2.224  -10.418 1.00 47.22  ? 54  ALA A N   1 
ATOM   339  C  CA  . ALA A 1 48  ? -3.444  -1.770  -9.125  1.00 47.22  ? 54  ALA A CA  1 
ATOM   340  C  C   . ALA A 1 48  ? -4.082  -2.568  -7.990  1.00 45.85  ? 54  ALA A C   1 
ATOM   341  O  O   . ALA A 1 48  ? -3.336  -3.019  -7.128  1.00 43.31  ? 54  ALA A O   1 
ATOM   342  C  CB  . ALA A 1 48  ? -3.637  -0.283  -8.947  1.00 49.52  ? 54  ALA A CB  1 
ATOM   343  N  N   . ILE A 1 49  ? -5.410  -2.699  -7.994  1.00 45.16  ? 55  ILE A N   1 
ATOM   344  C  CA  . ILE A 1 49  ? -6.195  -3.333  -6.902  1.00 44.44  ? 55  ILE A CA  1 
ATOM   345  C  C   . ILE A 1 49  ? -7.216  -4.265  -7.557  1.00 50.50  ? 55  ILE A C   1 
ATOM   346  O  O   . ILE A 1 49  ? -8.019  -3.761  -8.351  1.00 50.75  ? 55  ILE A O   1 
ATOM   347  C  CB  . ILE A 1 49  ? -6.867  -2.275  -6.006  1.00 46.48  ? 55  ILE A CB  1 
ATOM   348  C  CG1 . ILE A 1 49  ? -5.855  -1.250  -5.482  1.00 48.64  ? 55  ILE A CG1 1 
ATOM   349  C  CG2 . ILE A 1 49  ? -7.609  -2.956  -4.866  1.00 45.63  ? 55  ILE A CG2 1 
ATOM   350  C  CD1 . ILE A 1 49  ? -6.473  -0.098  -4.692  1.00 50.26  ? 55  ILE A CD1 1 
ATOM   351  N  N   . THR A 1 50  ? -7.170  -5.561  -7.228  1.00 48.72  ? 56  THR A N   1 
ATOM   352  C  CA  . THR A 1 50  ? -7.817  -6.661  -7.999  1.00 50.16  ? 56  THR A CA  1 
ATOM   353  C  C   . THR A 1 50  ? -8.406  -7.700  -7.040  1.00 49.09  ? 56  THR A C   1 
ATOM   354  O  O   . THR A 1 50  ? -7.964  -7.746  -5.874  1.00 47.80  ? 56  THR A O   1 
ATOM   355  C  CB  . THR A 1 50  ? -6.802  -7.261  -8.982  1.00 50.67  ? 56  THR A CB  1 
ATOM   356  O  OG1 . THR A 1 50  ? -5.661  -7.696  -8.244  1.00 48.52  ? 56  THR A OG1 1 
ATOM   357  C  CG2 . THR A 1 50  ? -6.358  -6.274  -10.038 1.00 49.06  ? 56  THR A CG2 1 
ATOM   358  N  N   . VAL A 1 51  ? -9.381  -8.490  -7.514  1.00 51.73  ? 57  VAL A N   1 
ATOM   359  C  CA  . VAL A 1 51  ? -10.067 -9.557  -6.721  1.00 51.78  ? 57  VAL A CA  1 
ATOM   360  C  C   . VAL A 1 51  ? -9.094  -10.702 -6.463  1.00 45.52  ? 57  VAL A C   1 
ATOM   361  O  O   . VAL A 1 51  ? -9.233  -11.344 -5.422  1.00 45.42  ? 57  VAL A O   1 
ATOM   362  C  CB  . VAL A 1 51  ? -11.364 -10.074 -7.381  1.00 59.55  ? 57  VAL A CB  1 
ATOM   363  C  CG1 . VAL A 1 51  ? -12.473 -9.039  -7.323  1.00 61.98  ? 57  VAL A CG1 1 
ATOM   364  C  CG2 . VAL A 1 51  ? -11.148 -10.536 -8.814  1.00 62.22  ? 57  VAL A CG2 1 
ATOM   365  N  N   . THR A 1 52  ? -8.168  -10.970 -7.387  1.00 49.61  ? 58  THR A N   1 
ATOM   366  C  CA  . THR A 1 52  ? -7.099  -11.989 -7.230  1.00 50.05  ? 58  THR A CA  1 
ATOM   367  C  C   . THR A 1 52  ? -5.762  -11.349 -7.610  1.00 50.51  ? 58  THR A C   1 
ATOM   368  O  O   . THR A 1 52  ? -5.743  -10.331 -8.296  1.00 48.05  ? 58  THR A O   1 
ATOM   369  C  CB  . THR A 1 52  ? -7.385  -13.236 -8.076  1.00 52.12  ? 58  THR A CB  1 
ATOM   370  O  OG1 . THR A 1 52  ? -7.231  -12.847 -9.439  1.00 53.61  ? 58  THR A OG1 1 
ATOM   371  C  CG2 . THR A 1 52  ? -8.770  -13.805 -7.865  1.00 54.72  ? 58  THR A CG2 1 
ATOM   372  N  N   . PRO A 1 53  ? -4.617  -11.912 -7.163  1.00 45.31  ? 59  PRO A N   1 
ATOM   373  C  CA  . PRO A 1 53  ? -3.297  -11.383 -7.516  1.00 47.17  ? 59  PRO A CA  1 
ATOM   374  C  C   . PRO A 1 53  ? -3.133  -11.201 -9.032  1.00 47.18  ? 59  PRO A C   1 
ATOM   375  O  O   . PRO A 1 53  ? -3.386  -12.129 -9.782  1.00 48.62  ? 59  PRO A O   1 
ATOM   376  C  CB  . PRO A 1 53  ? -2.342  -12.456 -6.965  1.00 43.29  ? 59  PRO A CB  1 
ATOM   377  C  CG  . PRO A 1 53  ? -3.096  -12.985 -5.764  1.00 46.53  ? 59  PRO A CG  1 
ATOM   378  C  CD  . PRO A 1 53  ? -4.525  -13.071 -6.265  1.00 47.40  ? 59  PRO A CD  1 
ATOM   379  N  N   . GLU A 1 54  ? -2.713  -10.009 -9.452  1.00 43.87  ? 60  GLU A N   1 
ATOM   380  C  CA  . GLU A 1 54  ? -2.556  -9.650  -10.879 1.00 43.33  ? 60  GLU A CA  1 
ATOM   381  C  C   . GLU A 1 54  ? -1.185  -9.023  -11.148 1.00 42.36  ? 60  GLU A C   1 
ATOM   382  O  O   . GLU A 1 54  ? -1.071  -8.297  -12.141 1.00 44.38  ? 60  GLU A O   1 
ATOM   383  C  CB  . GLU A 1 54  ? -3.665  -8.692  -11.309 1.00 44.79  ? 60  GLU A CB  1 
ATOM   384  C  CG  . GLU A 1 54  ? -5.027  -9.340  -11.415 1.00 50.46  ? 60  GLU A CG  1 
ATOM   385  C  CD  . GLU A 1 54  ? -5.141  -10.439 -12.459 1.00 54.00  ? 60  GLU A CD  1 
ATOM   386  O  OE1 . GLU A 1 54  ? -4.196  -10.604 -13.252 1.00 53.82  ? 60  GLU A OE1 1 
ATOM   387  O  OE2 . GLU A 1 54  ? -6.185  -11.120 -12.475 1.00 56.49  ? 60  GLU A OE2 1 
ATOM   388  N  N   . ALA A 1 55  ? -0.155  -9.306  -10.355 1.00 41.49  ? 61  ALA A N   1 
ATOM   389  C  CA  . ALA A 1 55  ? 1.194   -8.751  -10.624 1.00 43.48  ? 61  ALA A CA  1 
ATOM   390  C  C   . ALA A 1 55  ? 1.640   -9.085  -12.059 1.00 48.30  ? 61  ALA A C   1 
ATOM   391  O  O   . ALA A 1 55  ? 1.503   -10.256 -12.492 1.00 46.31  ? 61  ALA A O   1 
ATOM   392  C  CB  . ALA A 1 55  ? 2.191   -9.253  -9.618  1.00 43.22  ? 61  ALA A CB  1 
ATOM   393  N  N   . ASN A 1 56  ? 2.167   -8.093  -12.773 1.00 45.55  ? 62  ASN A N   1 
ATOM   394  C  CA  . ASN A 1 56  ? 2.935   -8.318  -14.026 1.00 46.31  ? 62  ASN A CA  1 
ATOM   395  C  C   . ASN A 1 56  ? 4.410   -8.526  -13.646 1.00 47.53  ? 62  ASN A C   1 
ATOM   396  O  O   . ASN A 1 56  ? 4.710   -8.680  -12.440 1.00 47.36  ? 62  ASN A O   1 
ATOM   397  C  CB  . ASN A 1 56  ? 2.689   -7.201  -15.038 1.00 47.05  ? 62  ASN A CB  1 
ATOM   398  C  CG  . ASN A 1 56  ? 3.225   -5.863  -14.580 1.00 48.60  ? 62  ASN A CG  1 
ATOM   399  O  OD1 . ASN A 1 56  ? 4.133   -5.799  -13.759 1.00 48.24  ? 62  ASN A OD1 1 
ATOM   400  N  ND2 . ASN A 1 56  ? 2.681   -4.792  -15.122 1.00 51.26  ? 62  ASN A ND2 1 
ATOM   401  N  N   . MET A 1 57  ? 5.303   -8.580  -14.632 1.00 48.35  ? 63  MET A N   1 
ATOM   402  C  CA  . MET A 1 57  ? 6.738   -8.891  -14.407 1.00 47.92  ? 63  MET A CA  1 
ATOM   403  C  C   . MET A 1 57  ? 7.403   -7.764  -13.603 1.00 46.58  ? 63  MET A C   1 
ATOM   404  O  O   . MET A 1 57  ? 8.447   -8.027  -13.009 1.00 51.11  ? 63  MET A O   1 
ATOM   405  C  CB  . MET A 1 57  ? 7.464   -9.091  -15.743 1.00 51.70  ? 63  MET A CB  1 
ATOM   406  C  CG  . MET A 1 57  ? 7.240   -10.472 -16.334 1.00 58.65  ? 63  MET A CG  1 
ATOM   407  S  SD  . MET A 1 57  ? 7.916   -11.820 -15.307 1.00 62.06  ? 63  MET A SD  1 
ATOM   408  C  CE  . MET A 1 57  ? 6.905   -13.196 -15.857 1.00 67.05  ? 63  MET A CE  1 
ATOM   409  N  N   . ASP A 1 58  ? 6.804   -6.572  -13.555 1.00 47.35  ? 64  ASP A N   1 
ATOM   410  C  CA  . ASP A 1 58  ? 7.392   -5.371  -12.898 1.00 47.88  ? 64  ASP A CA  1 
ATOM   411  C  C   . ASP A 1 58  ? 6.727   -5.110  -11.533 1.00 48.50  ? 64  ASP A C   1 
ATOM   412  O  O   . ASP A 1 58  ? 6.954   -3.999  -10.974 1.00 46.24  ? 64  ASP A O   1 
ATOM   413  C  CB  . ASP A 1 58  ? 7.234   -4.150  -13.809 1.00 51.40  ? 64  ASP A CB  1 
ATOM   414  C  CG  . ASP A 1 58  ? 7.886   -4.333  -15.178 1.00 59.56  ? 64  ASP A CG  1 
ATOM   415  O  OD1 . ASP A 1 58  ? 8.969   -4.933  -15.240 1.00 57.67  ? 64  ASP A OD1 1 
ATOM   416  O  OD2 . ASP A 1 58  ? 7.290   -3.890  -16.168 1.00 66.96  ? 64  ASP A OD2 1 
ATOM   417  N  N   . GLN A 1 59  ? 5.934   -6.059  -11.018 1.00 46.51  ? 65  GLN A N   1 
ATOM   418  C  CA  . GLN A 1 59  ? 5.165   -5.870  -9.756  1.00 46.40  ? 65  GLN A CA  1 
ATOM   419  C  C   . GLN A 1 59  ? 5.299   -7.077  -8.827  1.00 48.55  ? 65  GLN A C   1 
ATOM   420  O  O   . GLN A 1 59  ? 5.741   -8.169  -9.266  1.00 43.17  ? 65  GLN A O   1 
ATOM   421  C  CB  . GLN A 1 59  ? 3.685   -5.639  -10.046 1.00 43.21  ? 65  GLN A CB  1 
ATOM   422  C  CG  . GLN A 1 59  ? 3.410   -4.466  -10.973 1.00 44.69  ? 65  GLN A CG  1 
ATOM   423  C  CD  . GLN A 1 59  ? 1.988   -4.508  -11.469 1.00 45.65  ? 65  GLN A CD  1 
ATOM   424  O  OE1 . GLN A 1 59  ? 1.428   -5.576  -11.699 1.00 45.57  ? 65  GLN A OE1 1 
ATOM   425  N  NE2 . GLN A 1 59  ? 1.376   -3.341  -11.616 1.00 46.74  ? 65  GLN A NE2 1 
ATOM   426  N  N   . GLU A 1 60  ? 4.937   -6.850  -7.565  1.00 43.26  ? 66  GLU A N   1 
ATOM   427  C  CA  . GLU A 1 60  ? 4.697   -7.891  -6.540  1.00 46.29  ? 66  GLU A CA  1 
ATOM   428  C  C   . GLU A 1 60  ? 3.234   -7.741  -6.103  1.00 43.77  ? 66  GLU A C   1 
ATOM   429  O  O   . GLU A 1 60  ? 2.739   -6.601  -6.056  1.00 44.11  ? 66  GLU A O   1 
ATOM   430  C  CB  . GLU A 1 60  ? 5.648   -7.733  -5.350  1.00 45.61  ? 66  GLU A CB  1 
ATOM   431  C  CG  . GLU A 1 60  ? 7.127   -7.656  -5.698  1.00 46.87  ? 66  GLU A CG  1 
ATOM   432  C  CD  . GLU A 1 60  ? 7.694   -8.885  -6.388  1.00 51.11  ? 66  GLU A CD  1 
ATOM   433  O  OE1 . GLU A 1 60  ? 7.035   -9.943  -6.351  1.00 47.31  ? 66  GLU A OE1 1 
ATOM   434  O  OE2 . GLU A 1 60  ? 8.796   -8.773  -6.960  1.00 54.96  ? 66  GLU A OE2 1 
ATOM   435  N  N   . SER A 1 61  ? 2.566   -8.843  -5.793  1.00 41.62  ? 67  SER A N   1 
ATOM   436  C  CA  . SER A 1 61  ? 1.162   -8.854  -5.317  1.00 40.95  ? 67  SER A CA  1 
ATOM   437  C  C   . SER A 1 61  ? 1.156   -9.080  -3.805  1.00 43.27  ? 67  SER A C   1 
ATOM   438  O  O   . SER A 1 61  ? 1.921   -9.947  -3.339  1.00 42.74  ? 67  SER A O   1 
ATOM   439  C  CB  . SER A 1 61  ? 0.326   -9.891  -6.024  1.00 42.19  ? 67  SER A CB  1 
ATOM   440  O  OG  . SER A 1 61  ? 0.009   -9.493  -7.344  1.00 46.11  ? 67  SER A OG  1 
ATOM   441  N  N   . PHE A 1 62  ? 0.330   -8.318  -3.069  1.00 43.28  ? 68  PHE A N   1 
ATOM   442  C  CA  . PHE A 1 62  ? 0.195   -8.426  -1.591  1.00 42.22  ? 68  PHE A CA  1 
ATOM   443  C  C   . PHE A 1 62  ? -1.277  -8.460  -1.201  1.00 39.89  ? 68  PHE A C   1 
ATOM   444  O  O   . PHE A 1 62  ? -2.106  -7.926  -1.947  1.00 42.13  ? 68  PHE A O   1 
ATOM   445  C  CB  . PHE A 1 62  ? 0.816   -7.227  -0.875  1.00 42.71  ? 68  PHE A CB  1 
ATOM   446  C  CG  . PHE A 1 62  ? 2.305   -7.093  -1.034  1.00 39.69  ? 68  PHE A CG  1 
ATOM   447  C  CD1 . PHE A 1 62  ? 2.835   -6.429  -2.128  1.00 42.64  ? 68  PHE A CD1 1 
ATOM   448  C  CD2 . PHE A 1 62  ? 3.173   -7.630  -0.096  1.00 40.90  ? 68  PHE A CD2 1 
ATOM   449  C  CE1 . PHE A 1 62  ? 4.208   -6.281  -2.260  1.00 42.56  ? 68  PHE A CE1 1 
ATOM   450  C  CE2 . PHE A 1 62  ? 4.546   -7.511  -0.246  1.00 44.12  ? 68  PHE A CE2 1 
ATOM   451  C  CZ  . PHE A 1 62  ? 5.060   -6.821  -1.319  1.00 46.79  ? 68  PHE A CZ  1 
ATOM   452  N  N   . GLY A 1 63  ? -1.575  -9.058  -0.051  1.00 42.16  ? 69  GLY A N   1 
ATOM   453  C  CA  . GLY A 1 63  ? -2.873  -8.872  0.621   1.00 41.69  ? 69  GLY A CA  1 
ATOM   454  C  C   . GLY A 1 63  ? -3.126  -7.392  0.880   1.00 43.16  ? 69  GLY A C   1 
ATOM   455  O  O   . GLY A 1 63  ? -2.235  -6.733  1.480   1.00 40.17  ? 69  GLY A O   1 
ATOM   456  N  N   . GLY A 1 64  ? -4.276  -6.883  0.434   1.00 41.90  ? 70  GLY A N   1 
ATOM   457  C  CA  . GLY A 1 64  ? -4.597  -5.439  0.449   1.00 46.16  ? 70  GLY A CA  1 
ATOM   458  C  C   . GLY A 1 64  ? -4.555  -4.832  1.839   1.00 44.93  ? 70  GLY A C   1 
ATOM   459  O  O   . GLY A 1 64  ? -3.877  -3.793  2.012   1.00 44.82  ? 70  GLY A O   1 
ATOM   460  N  N   . ALA A 1 65  ? -5.255  -5.420  2.817   1.00 46.01  ? 71  ALA A N   1 
ATOM   461  C  CA  . ALA A 1 65  ? -5.381  -4.828  4.170   1.00 44.86  ? 71  ALA A CA  1 
ATOM   462  C  C   . ALA A 1 65  ? -3.988  -4.697  4.816   1.00 44.73  ? 71  ALA A C   1 
ATOM   463  O  O   . ALA A 1 65  ? -3.743  -3.679  5.506   1.00 41.78  ? 71  ALA A O   1 
ATOM   464  C  CB  . ALA A 1 65  ? -6.339  -5.633  5.010   1.00 47.35  ? 71  ALA A CB  1 
ATOM   465  N  N   . SER A 1 66  ? -3.071  -5.635  4.551   1.00 40.59  ? 72  SER A N   1 
ATOM   466  C  CA  . SER A 1 66  ? -1.709  -5.651  5.155   1.00 42.14  ? 72  SER A CA  1 
ATOM   467  C  C   . SER A 1 66  ? -0.888  -4.454  4.657   1.00 37.06  ? 72  SER A C   1 
ATOM   468  O  O   . SER A 1 66  ? 0.137   -4.122  5.304   1.00 42.93  ? 72  SER A O   1 
ATOM   469  C  CB  . SER A 1 66  ? -1.003  -6.969  4.882   1.00 43.23  ? 72  SER A CB  1 
ATOM   470  O  OG  . SER A 1 66  ? -0.656  -7.066  3.512   1.00 40.37  ? 72  SER A OG  1 
ATOM   471  N  N   . CYS A 1 67  ? -1.292  -3.860  3.526   1.00 38.69  ? 73  CYS A N   1 
ATOM   472  C  CA  . CYS A 1 67  ? -0.593  -2.744  2.840   1.00 39.79  ? 73  CYS A CA  1 
ATOM   473  C  C   . CYS A 1 67  ? -1.313  -1.408  3.046   1.00 42.59  ? 73  CYS A C   1 
ATOM   474  O  O   . CYS A 1 67  ? -0.962  -0.438  2.356   1.00 43.03  ? 73  CYS A O   1 
ATOM   475  C  CB  . CYS A 1 67  ? -0.480  -3.026  1.351   1.00 45.84  ? 73  CYS A CB  1 
ATOM   476  S  SG  . CYS A 1 67  ? 0.465   -4.533  1.020   1.00 41.97  ? 73  CYS A SG  1 
ATOM   477  N  N   . CYS A 1 68  ? -2.286  -1.354  3.952   1.00 42.71  ? 74  CYS A N   1 
ATOM   478  C  CA  . CYS A 1 68  ? -3.103  -0.142  4.200   1.00 44.46  ? 74  CYS A CA  1 
ATOM   479  C  C   . CYS A 1 68  ? -2.728  0.432   5.561   1.00 41.92  ? 74  CYS A C   1 
ATOM   480  O  O   . CYS A 1 68  ? -2.914  -0.273  6.573   1.00 41.03  ? 74  CYS A O   1 
ATOM   481  C  CB  . CYS A 1 68  ? -4.590  -0.466  4.143   1.00 48.98  ? 74  CYS A CB  1 
ATOM   482  S  SG  . CYS A 1 68  ? -5.608  0.945   4.630   1.00 44.35  ? 74  CYS A SG  1 
ATOM   483  N  N   . LEU A 1 69  ? -2.215  1.662   5.594   1.00 39.49  ? 75  LEU A N   1 
ATOM   484  C  CA  . LEU A 1 69  ? -1.839  2.322   6.868   1.00 40.47  ? 75  LEU A CA  1 
ATOM   485  C  C   . LEU A 1 69  ? -3.021  2.294   7.848   1.00 38.54  ? 75  LEU A C   1 
ATOM   486  O  O   . LEU A 1 69  ? -2.807  1.982   9.018   1.00 38.42  ? 75  LEU A O   1 
ATOM   487  C  CB  . LEU A 1 69  ? -1.383  3.758   6.601   1.00 42.95  ? 75  LEU A CB  1 
ATOM   488  C  CG  . LEU A 1 69  ? -0.899  4.513   7.836   1.00 41.62  ? 75  LEU A CG  1 
ATOM   489  C  CD1 . LEU A 1 69  ? 0.420   3.948   8.341   1.00 43.00  ? 75  LEU A CD1 1 
ATOM   490  C  CD2 . LEU A 1 69  ? -0.779  6.000   7.549   1.00 45.95  ? 75  LEU A CD2 1 
ATOM   491  N  N   . TYR A 1 70  ? -4.226  2.578   7.384   1.00 41.00  ? 76  TYR A N   1 
ATOM   492  C  CA  . TYR A 1 70  ? -5.440  2.752   8.235   1.00 41.47  ? 76  TYR A CA  1 
ATOM   493  C  C   . TYR A 1 70  ? -5.865  1.400   8.829   1.00 42.62  ? 76  TYR A C   1 
ATOM   494  O  O   . TYR A 1 70  ? -6.195  1.340   10.035  1.00 40.68  ? 76  TYR A O   1 
ATOM   495  C  CB  . TYR A 1 70  ? -6.519  3.447   7.404   1.00 44.77  ? 76  TYR A CB  1 
ATOM   496  C  CG  . TYR A 1 70  ? -6.056  4.793   6.913   1.00 45.42  ? 76  TYR A CG  1 
ATOM   497  C  CD1 . TYR A 1 70  ? -5.919  5.846   7.798   1.00 45.84  ? 76  TYR A CD1 1 
ATOM   498  C  CD2 . TYR A 1 70  ? -5.647  4.986   5.601   1.00 46.40  ? 76  TYR A CD2 1 
ATOM   499  C  CE1 . TYR A 1 70  ? -5.437  7.078   7.393   1.00 46.82  ? 76  TYR A CE1 1 
ATOM   500  C  CE2 . TYR A 1 70  ? -5.177  6.215   5.169   1.00 47.04  ? 76  TYR A CE2 1 
ATOM   501  C  CZ  . TYR A 1 70  ? -5.076  7.263   6.071   1.00 48.50  ? 76  TYR A CZ  1 
ATOM   502  O  OH  . TYR A 1 70  ? -4.593  8.470   5.695   1.00 47.16  ? 76  TYR A OH  1 
ATOM   503  N  N   . CYS A 1 71  ? -5.823  0.332   8.027   1.00 41.45  ? 77  CYS A N   1 
ATOM   504  C  CA  . CYS A 1 71  ? -6.092  -1.054  8.486   1.00 39.95  ? 77  CYS A CA  1 
ATOM   505  C  C   . CYS A 1 71  ? -5.015  -1.457  9.491   1.00 40.28  ? 77  CYS A C   1 
ATOM   506  O  O   . CYS A 1 71  ? -5.376  -1.912  10.575  1.00 42.63  ? 77  CYS A O   1 
ATOM   507  C  CB  . CYS A 1 71  ? -6.134  -2.043  7.330   1.00 41.46  ? 77  CYS A CB  1 
ATOM   508  S  SG  . CYS A 1 71  ? -7.577  -1.838  6.258   1.00 45.42  ? 77  CYS A SG  1 
ATOM   509  N  N   . ARG A 1 72  ? -3.732  -1.257  9.169   1.00 41.59  ? 78  ARG A N   1 
ATOM   510  C  CA  . ARG A 1 72  ? -2.616  -1.693  10.055  1.00 40.16  ? 78  ARG A CA  1 
ATOM   511  C  C   . ARG A 1 72  ? -2.638  -0.917  11.378  1.00 42.29  ? 78  ARG A C   1 
ATOM   512  O  O   . ARG A 1 72  ? -2.247  -1.511  12.428  1.00 39.82  ? 78  ARG A O   1 
ATOM   513  C  CB  . ARG A 1 72  ? -1.271  -1.516  9.345   1.00 40.96  ? 78  ARG A CB  1 
ATOM   514  C  CG  . ARG A 1 72  ? -1.056  -2.488  8.188   1.00 41.09  ? 78  ARG A CG  1 
ATOM   515  C  CD  . ARG A 1 72  ? -0.883  -3.920  8.674   1.00 40.01  ? 78  ARG A CD  1 
ATOM   516  N  NE  . ARG A 1 72  ? 0.328   -4.101  9.465   1.00 38.59  ? 78  ARG A NE  1 
ATOM   517  C  CZ  . ARG A 1 72  ? 1.529   -4.384  8.969   1.00 40.42  ? 78  ARG A CZ  1 
ATOM   518  N  NH1 . ARG A 1 72  ? 1.701   -4.496  7.660   1.00 41.90  ? 78  ARG A NH1 1 
ATOM   519  N  NH2 . ARG A 1 72  ? 2.561   -4.529  9.782   1.00 38.64  ? 78  ARG A NH2 1 
ATOM   520  N  N   . CYS A 1 73  ? -3.036  0.357   11.336  1.00 40.63  ? 79  CYS A N   1 
ATOM   521  C  CA  . CYS A 1 73  ? -3.188  1.233   12.530  1.00 42.78  ? 79  CYS A CA  1 
ATOM   522  C  C   . CYS A 1 73  ? -4.534  1.005   13.247  1.00 45.66  ? 79  CYS A C   1 
ATOM   523  O  O   . CYS A 1 73  ? -4.716  1.607   14.329  1.00 44.62  ? 79  CYS A O   1 
ATOM   524  C  CB  . CYS A 1 73  ? -3.073  2.704   12.137  1.00 42.60  ? 79  CYS A CB  1 
ATOM   525  S  SG  . CYS A 1 73  ? -1.377  3.204   11.770  1.00 43.96  ? 79  CYS A SG  1 
ATOM   526  N  N   . HIS A 1 74  ? -5.451  0.212   12.681  1.00 45.51  ? 80  HIS A N   1 
ATOM   527  C  CA  . HIS A 1 74  ? -6.823  -0.035  13.211  1.00 52.15  ? 80  HIS A CA  1 
ATOM   528  C  C   . HIS A 1 74  ? -7.527  1.296   13.499  1.00 51.89  ? 80  HIS A C   1 
ATOM   529  O  O   . HIS A 1 74  ? -8.083  1.420   14.589  1.00 49.98  ? 80  HIS A O   1 
ATOM   530  C  CB  . HIS A 1 74  ? -6.803  -0.872  14.507  1.00 53.14  ? 80  HIS A CB  1 
ATOM   531  C  CG  . HIS A 1 74  ? -5.907  -2.059  14.446  1.00 52.10  ? 80  HIS A CG  1 
ATOM   532  N  ND1 . HIS A 1 74  ? -6.049  -3.039  13.483  1.00 60.44  ? 80  HIS A ND1 1 
ATOM   533  C  CD2 . HIS A 1 74  ? -4.859  -2.428  15.207  1.00 56.69  ? 80  HIS A CD2 1 
ATOM   534  C  CE1 . HIS A 1 74  ? -5.110  -3.955  13.646  1.00 54.98  ? 80  HIS A CE1 1 
ATOM   535  N  NE2 . HIS A 1 74  ? -4.381  -3.609  14.705  1.00 54.54  ? 80  HIS A NE2 1 
ATOM   536  N  N   . ILE A 1 75  ? -7.483  2.248   12.566  1.00 48.04  ? 81  ILE A N   1 
ATOM   537  C  CA  . ILE A 1 75  ? -8.143  3.578   12.708  1.00 49.25  ? 81  ILE A CA  1 
ATOM   538  C  C   . ILE A 1 75  ? -9.107  3.745   11.543  1.00 51.19  ? 81  ILE A C   1 
ATOM   539  O  O   . ILE A 1 75  ? -9.048  2.931   10.600  1.00 48.48  ? 81  ILE A O   1 
ATOM   540  C  CB  . ILE A 1 75  ? -7.122  4.729   12.782  1.00 48.37  ? 81  ILE A CB  1 
ATOM   541  C  CG1 . ILE A 1 75  ? -6.208  4.769   11.549  1.00 47.15  ? 81  ILE A CG1 1 
ATOM   542  C  CG2 . ILE A 1 75  ? -6.338  4.634   14.080  1.00 51.25  ? 81  ILE A CG2 1 
ATOM   543  C  CD1 . ILE A 1 75  ? -5.304  5.976   11.482  1.00 48.07  ? 81  ILE A CD1 1 
ATOM   544  N  N   . ASP A 1 76  ? -9.943  4.775   11.611  1.00 50.74  ? 82  ASP A N   1 
ATOM   545  C  CA  . ASP A 1 76  ? -10.912 5.132   10.542  1.00 52.67  ? 82  ASP A CA  1 
ATOM   546  C  C   . ASP A 1 76  ? -10.152 5.507   9.269   1.00 47.47  ? 82  ASP A C   1 
ATOM   547  O  O   . ASP A 1 76  ? -9.062  6.106   9.357   1.00 49.28  ? 82  ASP A O   1 
ATOM   548  C  CB  . ASP A 1 76  ? -11.838 6.271   10.982  1.00 54.80  ? 82  ASP A CB  1 
ATOM   549  C  CG  . ASP A 1 76  ? -12.799 5.897   12.101  1.00 58.89  ? 82  ASP A CG  1 
ATOM   550  O  OD1 . ASP A 1 76  ? -12.963 4.689   12.370  1.00 63.95  ? 82  ASP A OD1 1 
ATOM   551  O  OD2 . ASP A 1 76  ? -13.374 6.822   12.700  1.00 70.33  ? 82  ASP A OD2 1 
ATOM   552  N  N   . HIS A 1 77  ? -10.722 5.160   8.122   1.00 48.32  ? 83  HIS A N   1 
ATOM   553  C  CA  . HIS A 1 77  ? -10.213 5.529   6.778   1.00 51.78  ? 83  HIS A CA  1 
ATOM   554  C  C   . HIS A 1 77  ? -10.676 6.946   6.484   1.00 54.38  ? 83  HIS A C   1 
ATOM   555  O  O   . HIS A 1 77  ? -11.803 7.291   6.819   1.00 56.74  ? 83  HIS A O   1 
ATOM   556  C  CB  . HIS A 1 77  ? -10.680 4.515   5.733   1.00 48.90  ? 83  HIS A CB  1 
ATOM   557  C  CG  . HIS A 1 77  ? -10.045 3.181   5.924   1.00 49.36  ? 83  HIS A CG  1 
ATOM   558  N  ND1 . HIS A 1 77  ? -10.373 2.364   6.991   1.00 46.23  ? 83  HIS A ND1 1 
ATOM   559  C  CD2 . HIS A 1 77  ? -9.087  2.534   5.216   1.00 45.28  ? 83  HIS A CD2 1 
ATOM   560  C  CE1 . HIS A 1 77  ? -9.649  1.257   6.927   1.00 49.30  ? 83  HIS A CE1 1 
ATOM   561  N  NE2 . HIS A 1 77  ? -8.847  1.347   5.850   1.00 47.22  ? 83  HIS A NE2 1 
ATOM   562  N  N   . PRO A 1 78  ? -9.822  7.802   5.888   1.00 58.41  ? 84  PRO A N   1 
ATOM   563  C  CA  . PRO A 1 78  ? -10.122 9.230   5.766   1.00 64.69  ? 84  PRO A CA  1 
ATOM   564  C  C   . PRO A 1 78  ? -10.969 9.565   4.530   1.00 64.95  ? 84  PRO A C   1 
ATOM   565  O  O   . PRO A 1 78  ? -10.460 10.139  3.599   1.00 76.43  ? 84  PRO A O   1 
ATOM   566  C  CB  . PRO A 1 78  ? -8.708  9.817   5.670   1.00 64.33  ? 84  PRO A CB  1 
ATOM   567  C  CG  . PRO A 1 78  ? -7.973  8.791   4.831   1.00 67.08  ? 84  PRO A CG  1 
ATOM   568  C  CD  . PRO A 1 78  ? -8.512  7.457   5.312   1.00 62.98  ? 84  PRO A CD  1 
ATOM   569  N  N   . ASN A 1 79  ? -12.242 9.177   4.553   1.00 73.06  ? 85  ASN A N   1 
ATOM   570  C  CA  . ASN A 1 79  ? -13.252 9.537   3.523   1.00 79.89  ? 85  ASN A CA  1 
ATOM   571  C  C   . ASN A 1 79  ? -14.622 9.483   4.191   1.00 86.43  ? 85  ASN A C   1 
ATOM   572  O  O   . ASN A 1 79  ? -14.744 8.915   5.278   1.00 79.26  ? 85  ASN A O   1 
ATOM   573  C  CB  . ASN A 1 79  ? -13.149 8.630   2.295   1.00 76.16  ? 85  ASN A CB  1 
ATOM   574  C  CG  . ASN A 1 79  ? -13.472 7.187   2.613   1.00 76.48  ? 85  ASN A CG  1 
ATOM   575  O  OD1 . ASN A 1 79  ? -14.629 6.842   2.848   1.00 79.28  ? 85  ASN A OD1 1 
ATOM   576  N  ND2 . ASN A 1 79  ? -12.457 6.341   2.624   1.00 74.34  ? 85  ASN A ND2 1 
ATOM   577  N  N   . PRO A 1 80  ? -15.688 10.039  3.567   1.00 96.72  ? 86  PRO A N   1 
ATOM   578  C  CA  . PRO A 1 80  ? -16.979 10.181  4.244   1.00 95.57  ? 86  PRO A CA  1 
ATOM   579  C  C   . PRO A 1 80  ? -17.499 8.826   4.749   1.00 92.26  ? 86  PRO A C   1 
ATOM   580  O  O   . PRO A 1 80  ? -17.855 8.734   5.903   1.00 88.04  ? 86  PRO A O   1 
ATOM   581  C  CB  . PRO A 1 80  ? -17.906 10.772  3.169   1.00 98.83  ? 86  PRO A CB  1 
ATOM   582  C  CG  . PRO A 1 80  ? -16.962 11.397  2.155   1.00 102.30 ? 86  PRO A CG  1 
ATOM   583  C  CD  . PRO A 1 80  ? -15.731 10.515  2.175   1.00 99.41  ? 86  PRO A CD  1 
ATOM   584  N  N   . LYS A 1 81  ? -17.472 7.812   3.878   1.00 92.50  ? 87  LYS A N   1 
ATOM   585  C  CA  . LYS A 1 81  ? -18.012 6.447   4.128   1.00 89.15  ? 87  LYS A CA  1 
ATOM   586  C  C   . LYS A 1 81  ? -17.111 5.650   5.086   1.00 83.71  ? 87  LYS A C   1 
ATOM   587  O  O   . LYS A 1 81  ? -17.604 4.650   5.640   1.00 76.91  ? 87  LYS A O   1 
ATOM   588  C  CB  . LYS A 1 81  ? -18.148 5.701   2.795   1.00 97.68  ? 87  LYS A CB  1 
ATOM   589  C  CG  . LYS A 1 81  ? -19.328 6.125   1.925   1.00 101.50 ? 87  LYS A CG  1 
ATOM   590  C  CD  . LYS A 1 81  ? -20.687 5.802   2.519   1.00 102.83 ? 87  LYS A CD  1 
ATOM   591  C  CE  . LYS A 1 81  ? -20.785 4.392   3.064   1.00 105.80 ? 87  LYS A CE  1 
ATOM   592  N  NZ  . LYS A 1 81  ? -22.193 3.973   3.259   1.00 106.10 ? 87  LYS A NZ  1 
ATOM   593  N  N   . GLY A 1 82  ? -15.840 6.045   5.259   1.00 79.39  ? 88  GLY A N   1 
ATOM   594  C  CA  . GLY A 1 82  ? -14.833 5.246   5.986   1.00 74.31  ? 88  GLY A CA  1 
ATOM   595  C  C   . GLY A 1 82  ? -14.576 3.912   5.292   1.00 70.93  ? 88  GLY A C   1 
ATOM   596  O  O   . GLY A 1 82  ? -14.249 2.923   5.981   1.00 66.39  ? 88  GLY A O   1 
ATOM   597  N  N   . PHE A 1 83  ? -14.726 3.883   3.967   1.00 66.68  ? 89  PHE A N   1 
ATOM   598  C  CA  . PHE A 1 83  ? -14.550 2.684   3.105   1.00 69.11  ? 89  PHE A CA  1 
ATOM   599  C  C   . PHE A 1 83  ? -13.050 2.522   2.804   1.00 63.55  ? 89  PHE A C   1 
ATOM   600  O  O   . PHE A 1 83  ? -12.351 3.545   2.597   1.00 58.47  ? 89  PHE A O   1 
ATOM   601  C  CB  . PHE A 1 83  ? -15.430 2.833   1.858   1.00 75.15  ? 89  PHE A CB  1 
ATOM   602  C  CG  . PHE A 1 83  ? -15.035 2.004   0.663   1.00 80.46  ? 89  PHE A CG  1 
ATOM   603  C  CD1 . PHE A 1 83  ? -14.174 2.517   -0.299  1.00 84.91  ? 89  PHE A CD1 1 
ATOM   604  C  CD2 . PHE A 1 83  ? -15.548 0.726   0.478   1.00 84.45  ? 89  PHE A CD2 1 
ATOM   605  C  CE1 . PHE A 1 83  ? -13.813 1.759   -1.404  1.00 85.00  ? 89  PHE A CE1 1 
ATOM   606  C  CE2 . PHE A 1 83  ? -15.189 -0.029  -0.629  1.00 81.29  ? 89  PHE A CE2 1 
ATOM   607  C  CZ  . PHE A 1 83  ? -14.324 0.490   -1.568  1.00 83.28  ? 89  PHE A CZ  1 
ATOM   608  N  N   . CYS A 1 84  ? -12.563 1.279   2.802   1.00 58.01  ? 90  CYS A N   1 
ATOM   609  C  CA  . CYS A 1 84  ? -11.162 0.923   2.443   1.00 55.32  ? 90  CYS A CA  1 
ATOM   610  C  C   . CYS A 1 84  ? -11.123 0.311   1.036   1.00 52.04  ? 90  CYS A C   1 
ATOM   611  O  O   . CYS A 1 84  ? -11.771 -0.720  0.808   1.00 52.77  ? 90  CYS A O   1 
ATOM   612  C  CB  . CYS A 1 84  ? -10.535 -0.037  3.450   1.00 56.48  ? 90  CYS A CB  1 
ATOM   613  S  SG  . CYS A 1 84  ? -8.819  -0.430  3.008   1.00 48.82  ? 90  CYS A SG  1 
ATOM   614  N  N   . ASP A 1 85  ? -10.372 0.938   0.136   1.00 47.84  ? 91  ASP A N   1 
ATOM   615  C  CA  . ASP A 1 85  ? -10.118 0.486   -1.260  1.00 56.32  ? 91  ASP A CA  1 
ATOM   616  C  C   . ASP A 1 85  ? -9.339  -0.847  -1.287  1.00 53.35  ? 91  ASP A C   1 
ATOM   617  O  O   . ASP A 1 85  ? -9.410  -1.541  -2.314  1.00 54.08  ? 91  ASP A O   1 
ATOM   618  C  CB  . ASP A 1 85  ? -9.415  1.594   -2.060  1.00 59.28  ? 91  ASP A CB  1 
ATOM   619  C  CG  . ASP A 1 85  ? -8.155  2.186   -1.426  1.00 67.38  ? 91  ASP A CG  1 
ATOM   620  O  OD1 . ASP A 1 85  ? -8.057  2.216   -0.170  1.00 73.46  ? 91  ASP A OD1 1 
ATOM   621  O  OD2 . ASP A 1 85  ? -7.272  2.634   -2.194  1.00 72.42  ? 91  ASP A OD2 1 
ATOM   622  N  N   . LEU A 1 86  ? -8.633  -1.215  -0.215  1.00 49.87  ? 92  LEU A N   1 
ATOM   623  C  CA  . LEU A 1 86  ? -7.633  -2.320  -0.236  1.00 47.20  ? 92  LEU A CA  1 
ATOM   624  C  C   . LEU A 1 86  ? -8.158  -3.579  0.468   1.00 48.79  ? 92  LEU A C   1 
ATOM   625  O  O   . LEU A 1 86  ? -7.851  -4.700  -0.010  1.00 47.21  ? 92  LEU A O   1 
ATOM   626  C  CB  . LEU A 1 86  ? -6.340  -1.809  0.407   1.00 50.15  ? 92  LEU A CB  1 
ATOM   627  C  CG  . LEU A 1 86  ? -5.570  -0.786  -0.424  1.00 49.48  ? 92  LEU A CG  1 
ATOM   628  C  CD1 . LEU A 1 86  ? -4.517  -0.077  0.418   1.00 48.12  ? 92  LEU A CD1 1 
ATOM   629  C  CD2 . LEU A 1 86  ? -4.922  -1.449  -1.629  1.00 51.37  ? 92  LEU A CD2 1 
ATOM   630  N  N   . LYS A 1 87  ? -8.930  -3.419  1.541   1.00 50.42  ? 93  LYS A N   1 
ATOM   631  C  CA  . LYS A 1 87  ? -9.410  -4.537  2.394   1.00 51.67  ? 93  LYS A CA  1 
ATOM   632  C  C   . LYS A 1 87  ? -10.147 -5.565  1.526   1.00 47.82  ? 93  LYS A C   1 
ATOM   633  O  O   . LYS A 1 87  ? -11.006 -5.158  0.723   1.00 52.08  ? 93  LYS A O   1 
ATOM   634  C  CB  . LYS A 1 87  ? -10.323 -3.982  3.496   1.00 57.29  ? 93  LYS A CB  1 
ATOM   635  C  CG  . LYS A 1 87  ? -10.581 -4.919  4.665   1.00 65.39  ? 93  LYS A CG  1 
ATOM   636  C  CD  . LYS A 1 87  ? -11.474 -4.298  5.729   1.00 72.57  ? 93  LYS A CD  1 
ATOM   637  C  CE  . LYS A 1 87  ? -11.617 -5.171  6.957   1.00 78.26  ? 93  LYS A CE  1 
ATOM   638  N  NZ  . LYS A 1 87  ? -12.725 -4.705  7.828   1.00 84.55  ? 93  LYS A NZ  1 
ATOM   639  N  N   . GLY A 1 88  ? -9.787  -6.838  1.651   1.00 47.82  ? 94  GLY A N   1 
ATOM   640  C  CA  . GLY A 1 88  ? -10.436 -7.955  0.944   1.00 49.54  ? 94  GLY A CA  1 
ATOM   641  C  C   . GLY A 1 88  ? -9.938  -8.111  -0.473  1.00 54.66  ? 94  GLY A C   1 
ATOM   642  O  O   . GLY A 1 88  ? -10.390 -9.052  -1.125  1.00 51.57  ? 94  GLY A O   1 
ATOM   643  N  N   . LYS A 1 89  ? -9.023  -7.244  -0.932  1.00 49.31  ? 95  LYS A N   1 
ATOM   644  C  CA  . LYS A 1 89  ? -8.510  -7.252  -2.321  1.00 46.59  ? 95  LYS A CA  1 
ATOM   645  C  C   . LYS A 1 89  ? -7.016  -7.582  -2.291  1.00 44.02  ? 95  LYS A C   1 
ATOM   646  O  O   . LYS A 1 89  ? -6.482  -7.839  -1.208  1.00 45.44  ? 95  LYS A O   1 
ATOM   647  C  CB  . LYS A 1 89  ? -8.745  -5.906  -3.007  1.00 49.54  ? 95  LYS A CB  1 
ATOM   648  C  CG  . LYS A 1 89  ? -10.199 -5.473  -3.148  1.00 57.44  ? 95  LYS A CG  1 
ATOM   649  C  CD  . LYS A 1 89  ? -10.940 -6.216  -4.241  1.00 64.10  ? 95  LYS A CD  1 
ATOM   650  C  CE  . LYS A 1 89  ? -11.939 -5.359  -4.992  1.00 69.48  ? 95  LYS A CE  1 
ATOM   651  N  NZ  . LYS A 1 89  ? -12.847 -4.641  -4.065  1.00 72.60  ? 95  LYS A NZ  1 
ATOM   652  N  N   . TYR A 1 90  ? -6.400  -7.627  -3.463  1.00 41.07  ? 96  TYR A N   1 
ATOM   653  C  CA  . TYR A 1 90  ? -4.945  -7.826  -3.649  1.00 44.60  ? 96  TYR A CA  1 
ATOM   654  C  C   . TYR A 1 90  ? -4.424  -6.572  -4.324  1.00 43.69  ? 96  TYR A C   1 
ATOM   655  O  O   . TYR A 1 90  ? -5.101  -6.022  -5.217  1.00 45.75  ? 96  TYR A O   1 
ATOM   656  C  CB  . TYR A 1 90  ? -4.672  -9.125  -4.410  1.00 44.49  ? 96  TYR A CB  1 
ATOM   657  C  CG  . TYR A 1 90  ? -5.258  -10.268 -3.640  1.00 43.68  ? 96  TYR A CG  1 
ATOM   658  C  CD1 . TYR A 1 90  ? -4.576  -10.781 -2.551  1.00 44.22  ? 96  TYR A CD1 1 
ATOM   659  C  CD2 . TYR A 1 90  ? -6.574  -10.665 -3.843  1.00 44.73  ? 96  TYR A CD2 1 
ATOM   660  C  CE1 . TYR A 1 90  ? -5.134  -11.759 -1.752  1.00 46.17  ? 96  TYR A CE1 1 
ATOM   661  C  CE2 . TYR A 1 90  ? -7.148  -11.655 -3.058  1.00 46.22  ? 96  TYR A CE2 1 
ATOM   662  C  CZ  . TYR A 1 90  ? -6.423  -12.203 -2.009  1.00 48.69  ? 96  TYR A CZ  1 
ATOM   663  O  OH  . TYR A 1 90  ? -6.963  -13.168 -1.211  1.00 50.33  ? 96  TYR A OH  1 
ATOM   664  N  N   . VAL A 1 91  ? -3.243  -6.145  -3.899  1.00 43.36  ? 97  VAL A N   1 
ATOM   665  C  CA  . VAL A 1 91  ? -2.640  -4.895  -4.406  1.00 40.19  ? 97  VAL A CA  1 
ATOM   666  C  C   . VAL A 1 91  ? -1.333  -5.265  -5.091  1.00 40.93  ? 97  VAL A C   1 
ATOM   667  O  O   . VAL A 1 91  ? -0.531  -6.036  -4.509  1.00 41.35  ? 97  VAL A O   1 
ATOM   668  C  CB  . VAL A 1 91  ? -2.483  -3.840  -3.289  1.00 41.27  ? 97  VAL A CB  1 
ATOM   669  C  CG1 . VAL A 1 91  ? -1.628  -4.325  -2.127  1.00 42.07  ? 97  VAL A CG1 1 
ATOM   670  C  CG2 . VAL A 1 91  ? -1.942  -2.541  -3.846  1.00 42.97  ? 97  VAL A CG2 1 
ATOM   671  N  N   . GLN A 1 92  ? -1.162  -4.707  -6.285  1.00 39.49  ? 98  GLN A N   1 
ATOM   672  C  CA  . GLN A 1 92  ? 0.051   -4.818  -7.113  1.00 41.41  ? 98  GLN A CA  1 
ATOM   673  C  C   . GLN A 1 92  ? 0.930   -3.607  -6.804  1.00 42.56  ? 98  GLN A C   1 
ATOM   674  O  O   . GLN A 1 92  ? 0.448   -2.472  -6.954  1.00 44.78  ? 98  GLN A O   1 
ATOM   675  C  CB  . GLN A 1 92  ? -0.357  -4.936  -8.580  1.00 41.97  ? 98  GLN A CB  1 
ATOM   676  C  CG  . GLN A 1 92  ? -0.806  -6.347  -8.966  1.00 42.95  ? 98  GLN A CG  1 
ATOM   677  C  CD  . GLN A 1 92  ? -2.052  -6.822  -8.257  1.00 43.87  ? 98  GLN A CD  1 
ATOM   678  O  OE1 . GLN A 1 92  ? -2.073  -7.872  -7.605  1.00 44.04  ? 98  GLN A OE1 1 
ATOM   679  N  NE2 . GLN A 1 92  ? -3.109  -6.035  -8.351  1.00 43.73  ? 98  GLN A NE2 1 
ATOM   680  N  N   . ILE A 1 93  ? 2.178   -3.851  -6.405  1.00 41.20  ? 99  ILE A N   1 
ATOM   681  C  CA  . ILE A 1 93  ? 3.172   -2.804  -6.037  1.00 43.31  ? 99  ILE A CA  1 
ATOM   682  C  C   . ILE A 1 93  ? 4.342   -2.920  -7.004  1.00 46.20  ? 99  ILE A C   1 
ATOM   683  O  O   . ILE A 1 93  ? 4.926   -3.993  -7.113  1.00 42.26  ? 99  ILE A O   1 
ATOM   684  C  CB  . ILE A 1 93  ? 3.654   -2.992  -4.582  1.00 42.37  ? 99  ILE A CB  1 
ATOM   685  C  CG1 . ILE A 1 93  ? 2.501   -3.065  -3.571  1.00 45.17  ? 99  ILE A CG1 1 
ATOM   686  C  CG2 . ILE A 1 93  ? 4.677   -1.921  -4.221  1.00 44.77  ? 99  ILE A CG2 1 
ATOM   687  C  CD1 . ILE A 1 93  ? 1.689   -1.806  -3.421  1.00 46.08  ? 99  ILE A CD1 1 
ATOM   688  N  N   . PRO A 1 94  ? 4.779   -1.831  -7.671  1.00 47.50  ? 100 PRO A N   1 
ATOM   689  C  CA  . PRO A 1 94  ? 5.961   -1.896  -8.530  1.00 48.94  ? 100 PRO A CA  1 
ATOM   690  C  C   . PRO A 1 94  ? 7.105   -2.516  -7.720  1.00 49.23  ? 100 PRO A C   1 
ATOM   691  O  O   . PRO A 1 94  ? 7.219   -2.187  -6.551  1.00 44.14  ? 100 PRO A O   1 
ATOM   692  C  CB  . PRO A 1 94  ? 6.253   -0.425  -8.876  1.00 48.46  ? 100 PRO A CB  1 
ATOM   693  C  CG  . PRO A 1 94  ? 4.906   0.258   -8.731  1.00 50.30  ? 100 PRO A CG  1 
ATOM   694  C  CD  . PRO A 1 94  ? 4.201   -0.479  -7.606  1.00 48.63  ? 100 PRO A CD  1 
ATOM   695  N  N   A THR A 1 95  ? 7.918   -3.385  -8.326  0.56 47.68  ? 101 THR A N   1 
ATOM   696  N  N   B THR A 1 95  ? 7.901   -3.390  -8.349  0.44 47.28  ? 101 THR A N   1 
ATOM   697  C  CA  A THR A 1 95  ? 9.002   -4.110  -7.610  0.56 50.68  ? 101 THR A CA  1 
ATOM   698  C  CA  B THR A 1 95  ? 9.047   -4.103  -7.717  0.44 48.94  ? 101 THR A CA  1 
ATOM   699  C  C   A THR A 1 95  ? 9.972   -3.095  -6.994  0.56 47.53  ? 101 THR A C   1 
ATOM   700  C  C   B THR A 1 95  ? 9.947   -3.095  -7.006  0.44 46.99  ? 101 THR A C   1 
ATOM   701  O  O   A THR A 1 95  ? 10.504  -3.389  -5.921  0.56 47.79  ? 101 THR A O   1 
ATOM   702  O  O   B THR A 1 95  ? 10.401  -3.398  -5.896  0.44 46.57  ? 101 THR A O   1 
ATOM   703  C  CB  A THR A 1 95  ? 9.733   -5.125  -8.498  0.56 50.13  ? 101 THR A CB  1 
ATOM   704  C  CB  B THR A 1 95  ? 9.900   -4.891  -8.721  0.44 48.38  ? 101 THR A CB  1 
ATOM   705  O  OG1 A THR A 1 95  ? 8.761   -6.022  -9.031  0.56 53.78  ? 101 THR A OG1 1 
ATOM   706  O  OG1 B THR A 1 95  ? 10.216  -4.042  -9.825  0.44 45.43  ? 101 THR A OG1 1 
ATOM   707  C  CG2 A THR A 1 95  ? 10.769  -5.922  -7.739  0.56 48.82  ? 101 THR A CG2 1 
ATOM   708  C  CG2 B THR A 1 95  ? 9.213   -6.147  -9.205  0.44 49.68  ? 101 THR A CG2 1 
ATOM   709  N  N   . THR A 1 96  ? 10.177  -1.943  -7.633  1.00 47.29  ? 102 THR A N   1 
ATOM   710  C  CA  . THR A 1 96  ? 11.103  -0.905  -7.124  1.00 52.62  ? 102 THR A CA  1 
ATOM   711  C  C   . THR A 1 96  ? 10.571  -0.280  -5.824  1.00 50.62  ? 102 THR A C   1 
ATOM   712  O  O   . THR A 1 96  ? 11.385  0.374   -5.154  1.00 49.72  ? 102 THR A O   1 
ATOM   713  C  CB  . THR A 1 96  ? 11.386  0.164   -8.187  1.00 56.87  ? 102 THR A CB  1 
ATOM   714  O  OG1 . THR A 1 96  ? 10.159  0.813   -8.510  1.00 59.19  ? 102 THR A OG1 1 
ATOM   715  C  CG2 . THR A 1 96  ? 12.015  -0.414  -9.437  1.00 61.41  ? 102 THR A CG2 1 
ATOM   716  N  N   . CYS A 1 97  ? 9.288   -0.456  -5.478  1.00 45.53  ? 103 CYS A N   1 
ATOM   717  C  CA  . CYS A 1 97  ? 8.651   0.175   -4.277  1.00 46.64  ? 103 CYS A CA  1 
ATOM   718  C  C   . CYS A 1 97  ? 8.192   -0.871  -3.254  1.00 45.23  ? 103 CYS A C   1 
ATOM   719  O  O   . CYS A 1 97  ? 7.593   -0.483  -2.234  1.00 44.31  ? 103 CYS A O   1 
ATOM   720  C  CB  . CYS A 1 97  ? 7.469   1.031   -4.705  1.00 45.89  ? 103 CYS A CB  1 
ATOM   721  S  SG  . CYS A 1 97  ? 7.956   2.441   -5.739  1.00 50.70  ? 103 CYS A SG  1 
ATOM   722  N  N   . ALA A 1 98  ? 8.444   -2.155  -3.521  1.00 43.61  ? 104 ALA A N   1 
ATOM   723  C  CA  . ALA A 1 98  ? 7.811   -3.288  -2.819  1.00 44.43  ? 104 ALA A CA  1 
ATOM   724  C  C   . ALA A 1 98  ? 8.447   -3.481  -1.439  1.00 45.13  ? 104 ALA A C   1 
ATOM   725  O  O   . ALA A 1 98  ? 7.871   -4.222  -0.640  1.00 43.89  ? 104 ALA A O   1 
ATOM   726  C  CB  . ALA A 1 98  ? 7.882   -4.540  -3.673  1.00 44.97  ? 104 ALA A CB  1 
ATOM   727  N  N   . ASN A 1 99  ? 9.554   -2.792  -1.150  1.00 43.69  ? 105 ASN A N   1 
ATOM   728  C  CA  . ASN A 1 99  ? 10.147  -2.718  0.211   1.00 45.48  ? 105 ASN A CA  1 
ATOM   729  C  C   . ASN A 1 99  ? 9.188   -1.950  1.143   1.00 46.08  ? 105 ASN A C   1 
ATOM   730  O  O   . ASN A 1 99  ? 9.299   -2.129  2.342   1.00 43.05  ? 105 ASN A O   1 
ATOM   731  C  CB  . ASN A 1 99  ? 11.539  -2.085  0.190   1.00 44.60  ? 105 ASN A CB  1 
ATOM   732  C  CG  . ASN A 1 99  ? 11.492  -0.643  -0.265  1.00 53.83  ? 105 ASN A CG  1 
ATOM   733  O  OD1 . ASN A 1 99  ? 10.911  -0.337  -1.303  1.00 56.49  ? 105 ASN A OD1 1 
ATOM   734  N  ND2 . ASN A 1 99  ? 12.052  0.259   0.526   1.00 60.68  ? 105 ASN A ND2 1 
ATOM   735  N  N   . ASP A 1 100 ? 8.273   -1.129  0.611   1.00 42.29  ? 106 ASP A N   1 
ATOM   736  C  CA  . ASP A 1 100 ? 7.365   -0.279  1.440   1.00 42.91  ? 106 ASP A CA  1 
ATOM   737  C  C   . ASP A 1 100 ? 5.979   -0.214  0.810   1.00 41.58  ? 106 ASP A C   1 
ATOM   738  O  O   . ASP A 1 100 ? 5.550   0.833   0.337   1.00 43.56  ? 106 ASP A O   1 
ATOM   739  C  CB  . ASP A 1 100 ? 7.958   1.124   1.609   1.00 42.90  ? 106 ASP A CB  1 
ATOM   740  C  CG  . ASP A 1 100 ? 7.175   2.041   2.541   1.00 45.27  ? 106 ASP A CG  1 
ATOM   741  O  OD1 . ASP A 1 100 ? 6.375   1.520   3.382   1.00 42.34  ? 106 ASP A OD1 1 
ATOM   742  O  OD2 . ASP A 1 100 ? 7.359   3.280   2.413   1.00 47.87  ? 106 ASP A OD2 1 
ATOM   743  N  N   . PRO A 1 101 ? 5.215   -1.324  0.771   1.00 40.34  ? 107 PRO A N   1 
ATOM   744  C  CA  . PRO A 1 101 ? 3.872   -1.292  0.201   1.00 39.92  ? 107 PRO A CA  1 
ATOM   745  C  C   . PRO A 1 101 ? 2.913   -0.298  0.889   1.00 40.13  ? 107 PRO A C   1 
ATOM   746  O  O   . PRO A 1 101 ? 2.086   0.286   0.216   1.00 38.69  ? 107 PRO A O   1 
ATOM   747  C  CB  . PRO A 1 101 ? 3.370   -2.722  0.439   1.00 40.32  ? 107 PRO A CB  1 
ATOM   748  C  CG  . PRO A 1 101 ? 4.622   -3.550  0.542   1.00 40.49  ? 107 PRO A CG  1 
ATOM   749  C  CD  . PRO A 1 101 ? 5.579   -2.658  1.288   1.00 41.07  ? 107 PRO A CD  1 
ATOM   750  N  N   . VAL A 1 102 ? 2.994   -0.155  2.212   1.00 37.99  ? 108 VAL A N   1 
ATOM   751  C  CA  . VAL A 1 102 ? 2.087   0.755   2.981   1.00 38.76  ? 108 VAL A CA  1 
ATOM   752  C  C   . VAL A 1 102 ? 2.332   2.194   2.501   1.00 39.82  ? 108 VAL A C   1 
ATOM   753  O  O   . VAL A 1 102 ? 1.363   2.887   2.164   1.00 40.62  ? 108 VAL A O   1 
ATOM   754  C  CB  . VAL A 1 102 ? 2.287   0.630   4.503   1.00 39.04  ? 108 VAL A CB  1 
ATOM   755  C  CG1 . VAL A 1 102 ? 1.460   1.662   5.265   1.00 42.28  ? 108 VAL A CG1 1 
ATOM   756  C  CG2 . VAL A 1 102 ? 1.974   -0.774  5.001   1.00 40.27  ? 108 VAL A CG2 1 
ATOM   757  N  N   . GLY A 1 103 ? 3.596   2.616   2.462   1.00 41.40  ? 109 GLY A N   1 
ATOM   758  C  CA  . GLY A 1 103 ? 3.974   3.953   1.958   1.00 44.62  ? 109 GLY A CA  1 
ATOM   759  C  C   . GLY A 1 103 ? 3.561   4.131   0.509   1.00 43.55  ? 109 GLY A C   1 
ATOM   760  O  O   . GLY A 1 103 ? 3.080   5.217   0.151   1.00 41.26  ? 109 GLY A O   1 
ATOM   761  N  N   . PHE A 1 104 ? 3.674   3.077   -0.301  1.00 44.24  ? 110 PHE A N   1 
ATOM   762  C  CA  . PHE A 1 104 ? 3.339   3.153   -1.743  1.00 42.72  ? 110 PHE A CA  1 
ATOM   763  C  C   . PHE A 1 104 ? 1.843   3.409   -1.906  1.00 42.40  ? 110 PHE A C   1 
ATOM   764  O  O   . PHE A 1 104 ? 1.464   4.298   -2.683  1.00 45.84  ? 110 PHE A O   1 
ATOM   765  C  CB  . PHE A 1 104 ? 3.719   1.894   -2.529  1.00 41.47  ? 110 PHE A CB  1 
ATOM   766  C  CG  . PHE A 1 104 ? 3.436   2.068   -3.994  1.00 39.75  ? 110 PHE A CG  1 
ATOM   767  C  CD1 . PHE A 1 104 ? 2.184   1.775   -4.509  1.00 42.62  ? 110 PHE A CD1 1 
ATOM   768  C  CD2 . PHE A 1 104 ? 4.387   2.629   -4.836  1.00 42.39  ? 110 PHE A CD2 1 
ATOM   769  C  CE1 . PHE A 1 104 ? 1.910   1.974   -5.853  1.00 45.76  ? 110 PHE A CE1 1 
ATOM   770  C  CE2 . PHE A 1 104 ? 4.107   2.836   -6.178  1.00 42.63  ? 110 PHE A CE2 1 
ATOM   771  C  CZ  . PHE A 1 104 ? 2.872   2.498   -6.687  1.00 42.23  ? 110 PHE A CZ  1 
ATOM   772  N  N   . THR A 1 105 ? 1.001   2.633   -1.239  1.00 41.98  ? 111 THR A N   1 
ATOM   773  C  CA  . THR A 1 105 ? -0.472  2.793   -1.375  1.00 43.18  ? 111 THR A CA  1 
ATOM   774  C  C   . THR A 1 105 ? -0.864  4.144   -0.771  1.00 44.34  ? 111 THR A C   1 
ATOM   775  O  O   . THR A 1 105 ? -1.677  4.833   -1.377  1.00 43.18  ? 111 THR A O   1 
ATOM   776  C  CB  . THR A 1 105 ? -1.273  1.654   -0.749  1.00 42.55  ? 111 THR A CB  1 
ATOM   777  O  OG1 . THR A 1 105 ? -1.034  1.668   0.657   1.00 41.82  ? 111 THR A OG1 1 
ATOM   778  C  CG2 . THR A 1 105 ? -0.924  0.312   -1.357  1.00 45.77  ? 111 THR A CG2 1 
ATOM   779  N  N   . LEU A 1 106 ? -0.269  4.523   0.357   1.00 47.13  ? 112 LEU A N   1 
ATOM   780  C  CA  . LEU A 1 106 ? -0.588  5.824   1.005   1.00 46.34  ? 112 LEU A CA  1 
ATOM   781  C  C   . LEU A 1 106 ? -0.342  6.947   -0.016  1.00 50.87  ? 112 LEU A C   1 
ATOM   782  O  O   . LEU A 1 106 ? -1.234  7.768   -0.214  1.00 48.19  ? 112 LEU A O   1 
ATOM   783  C  CB  . LEU A 1 106 ? 0.271   5.993   2.259   1.00 45.65  ? 112 LEU A CB  1 
ATOM   784  C  CG  . LEU A 1 106 ? -0.098  7.186   3.135   1.00 47.35  ? 112 LEU A CG  1 
ATOM   785  C  CD1 . LEU A 1 106 ? -1.520  7.055   3.657   1.00 47.01  ? 112 LEU A CD1 1 
ATOM   786  C  CD2 . LEU A 1 106 ? 0.896   7.348   4.264   1.00 49.31  ? 112 LEU A CD2 1 
ATOM   787  N  N   . LYS A 1 107 ? 0.797   6.934   -0.707  1.00 50.69  ? 113 LYS A N   1 
ATOM   788  C  CA  . LYS A 1 107 ? 1.257   8.107   -1.495  1.00 50.26  ? 113 LYS A CA  1 
ATOM   789  C  C   . LYS A 1 107 ? 0.626   8.130   -2.889  1.00 53.26  ? 113 LYS A C   1 
ATOM   790  O  O   . LYS A 1 107 ? 0.699   9.170   -3.535  1.00 50.38  ? 113 LYS A O   1 
ATOM   791  C  CB  . LYS A 1 107 ? 2.780   8.096   -1.626  1.00 49.61  ? 113 LYS A CB  1 
ATOM   792  C  CG  . LYS A 1 107 ? 3.529   8.310   -0.328  1.00 47.21  ? 113 LYS A CG  1 
ATOM   793  C  CD  . LYS A 1 107 ? 4.991   8.073   -0.478  1.00 47.65  ? 113 LYS A CD  1 
ATOM   794  C  CE  . LYS A 1 107 ? 5.758   8.452   0.763   1.00 47.58  ? 113 LYS A CE  1 
ATOM   795  N  NZ  . LYS A 1 107 ? 7.143   7.939   0.718   1.00 50.35  ? 113 LYS A NZ  1 
ATOM   796  N  N   . ASN A 1 108 ? 0.050   7.034   -3.371  1.00 49.93  ? 114 ASN A N   1 
ATOM   797  C  CA  . ASN A 1 108 ? -0.219  6.910   -4.826  1.00 51.69  ? 114 ASN A CA  1 
ATOM   798  C  C   . ASN A 1 108 ? -1.723  6.824   -5.061  1.00 48.76  ? 114 ASN A C   1 
ATOM   799  O  O   . ASN A 1 108 ? -2.476  6.600   -4.099  1.00 50.62  ? 114 ASN A O   1 
ATOM   800  C  CB  . ASN A 1 108 ? 0.590   5.764   -5.434  1.00 47.94  ? 114 ASN A CB  1 
ATOM   801  C  CG  . ASN A 1 108 ? 2.048   6.137   -5.549  1.00 48.76  ? 114 ASN A CG  1 
ATOM   802  O  OD1 . ASN A 1 108 ? 2.884   5.753   -4.728  1.00 52.00  ? 114 ASN A OD1 1 
ATOM   803  N  ND2 . ASN A 1 108 ? 2.359   6.930   -6.552  1.00 49.71  ? 114 ASN A ND2 1 
ATOM   804  N  N   . THR A 1 109 ? -2.120  7.023   -6.314  1.00 52.07  ? 115 THR A N   1 
ATOM   805  C  CA  . THR A 1 109 ? -3.527  7.040   -6.771  1.00 50.45  ? 115 THR A CA  1 
ATOM   806  C  C   . THR A 1 109 ? -3.691  6.111   -7.975  1.00 47.87  ? 115 THR A C   1 
ATOM   807  O  O   . THR A 1 109 ? -2.803  6.098   -8.857  1.00 49.99  ? 115 THR A O   1 
ATOM   808  C  CB  . THR A 1 109 ? -3.949  8.475   -7.107  1.00 55.39  ? 115 THR A CB  1 
ATOM   809  O  OG1 . THR A 1 109 ? -3.729  9.231   -5.915  1.00 54.51  ? 115 THR A OG1 1 
ATOM   810  C  CG2 . THR A 1 109 ? -5.393  8.572   -7.550  1.00 59.92  ? 115 THR A CG2 1 
ATOM   811  N  N   . VAL A 1 110 ? -4.805  5.390   -8.019  1.00 51.69  ? 116 VAL A N   1 
ATOM   812  C  CA  . VAL A 1 110 ? -5.168  4.491   -9.151  1.00 58.24  ? 116 VAL A CA  1 
ATOM   813  C  C   . VAL A 1 110 ? -5.825  5.345   -10.250 1.00 60.40  ? 116 VAL A C   1 
ATOM   814  O  O   . VAL A 1 110 ? -6.789  6.060   -9.930  1.00 59.17  ? 116 VAL A O   1 
ATOM   815  C  CB  . VAL A 1 110 ? -6.100  3.365   -8.663  1.00 57.53  ? 116 VAL A CB  1 
ATOM   816  C  CG1 . VAL A 1 110 ? -6.451  2.402   -9.791  1.00 56.22  ? 116 VAL A CG1 1 
ATOM   817  C  CG2 . VAL A 1 110 ? -5.500  2.612   -7.477  1.00 57.39  ? 116 VAL A CG2 1 
ATOM   818  N  N   . CYS A 1 111 ? -5.339  5.262   -11.493 1.00 63.67  ? 117 CYS A N   1 
ATOM   819  C  CA  . CYS A 1 111 ? -5.967  5.882   -12.698 1.00 64.78  ? 117 CYS A CA  1 
ATOM   820  C  C   . CYS A 1 111 ? -7.355  5.264   -12.913 1.00 70.14  ? 117 CYS A C   1 
ATOM   821  O  O   . CYS A 1 111 ? -7.441  4.028   -13.006 1.00 66.40  ? 117 CYS A O   1 
ATOM   822  C  CB  . CYS A 1 111 ? -5.082  5.693   -13.926 1.00 65.76  ? 117 CYS A CB  1 
ATOM   823  S  SG  . CYS A 1 111 ? -5.853  6.122   -15.513 1.00 63.67  ? 117 CYS A SG  1 
ATOM   824  N  N   . THR A 1 112 ? -8.406  6.089   -12.963 1.00 76.46  ? 118 THR A N   1 
ATOM   825  C  CA  . THR A 1 112 ? -9.818  5.655   -13.166 1.00 76.03  ? 118 THR A CA  1 
ATOM   826  C  C   . THR A 1 112 ? -10.024 5.165   -14.604 1.00 73.84  ? 118 THR A C   1 
ATOM   827  O  O   . THR A 1 112 ? -11.032 4.476   -14.838 1.00 73.69  ? 118 THR A O   1 
ATOM   828  C  CB  . THR A 1 112 ? -10.816 6.770   -12.828 1.00 80.12  ? 118 THR A CB  1 
ATOM   829  O  OG1 . THR A 1 112 ? -10.225 8.012   -13.212 1.00 82.15  ? 118 THR A OG1 1 
ATOM   830  C  CG2 . THR A 1 112 ? -11.184 6.807   -11.361 1.00 80.98  ? 118 THR A CG2 1 
ATOM   831  N  N   . VAL A 1 113 ? -9.106  5.485   -15.523 1.00 78.93  ? 119 VAL A N   1 
ATOM   832  C  CA  . VAL A 1 113 ? -9.172  5.023   -16.942 1.00 78.99  ? 119 VAL A CA  1 
ATOM   833  C  C   . VAL A 1 113 ? -8.671  3.575   -17.013 1.00 79.05  ? 119 VAL A C   1 
ATOM   834  O  O   . VAL A 1 113 ? -9.508  2.677   -17.208 1.00 79.03  ? 119 VAL A O   1 
ATOM   835  C  CB  . VAL A 1 113 ? -8.394  5.947   -17.901 1.00 82.24  ? 119 VAL A CB  1 
ATOM   836  C  CG1 . VAL A 1 113 ? -8.586  5.532   -19.353 1.00 80.08  ? 119 VAL A CG1 1 
ATOM   837  C  CG2 . VAL A 1 113 ? -8.784  7.407   -17.713 1.00 84.11  ? 119 VAL A CG2 1 
ATOM   838  N  N   . CYS A 1 114 ? -7.361  3.351   -16.862 1.00 74.33  ? 120 CYS A N   1 
ATOM   839  C  CA  . CYS A 1 114 ? -6.721  2.033   -17.113 1.00 66.39  ? 120 CYS A CA  1 
ATOM   840  C  C   . CYS A 1 114 ? -6.732  1.174   -15.840 1.00 62.45  ? 120 CYS A C   1 
ATOM   841  O  O   . CYS A 1 114 ? -6.568  -0.036  -15.975 1.00 59.43  ? 120 CYS A O   1 
ATOM   842  C  CB  . CYS A 1 114 ? -5.308  2.201   -17.654 1.00 66.34  ? 120 CYS A CB  1 
ATOM   843  S  SG  . CYS A 1 114 ? -4.201  3.042   -16.502 1.00 66.97  ? 120 CYS A SG  1 
ATOM   844  N  N   . GLY A 1 115 ? -6.939  1.768   -14.659 1.00 60.41  ? 121 GLY A N   1 
ATOM   845  C  CA  . GLY A 1 115 ? -6.974  1.044   -13.375 1.00 55.47  ? 121 GLY A CA  1 
ATOM   846  C  C   . GLY A 1 115 ? -5.580  0.702   -12.868 1.00 50.05  ? 121 GLY A C   1 
ATOM   847  O  O   . GLY A 1 115 ? -5.469  -0.129  -11.955 1.00 51.51  ? 121 GLY A O   1 
ATOM   848  N  N   . MET A 1 116 ? -4.539  1.329   -13.414 1.00 50.65  ? 122 MET A N   1 
ATOM   849  C  CA  . MET A 1 116 ? -3.140  1.130   -12.957 1.00 56.91  ? 122 MET A CA  1 
ATOM   850  C  C   . MET A 1 116 ? -2.680  2.360   -12.167 1.00 54.29  ? 122 MET A C   1 
ATOM   851  O  O   . MET A 1 116 ? -3.333  3.411   -12.268 1.00 53.37  ? 122 MET A O   1 
ATOM   852  C  CB  . MET A 1 116 ? -2.232  0.863   -14.158 1.00 62.70  ? 122 MET A CB  1 
ATOM   853  C  CG  . MET A 1 116 ? -2.668  -0.376  -14.927 1.00 65.93  ? 122 MET A CG  1 
ATOM   854  S  SD  . MET A 1 116 ? -1.383  -0.996  -16.019 1.00 76.68  ? 122 MET A SD  1 
ATOM   855  C  CE  . MET A 1 116 ? -1.747  -0.104  -17.529 1.00 81.92  ? 122 MET A CE  1 
ATOM   856  N  N   . TRP A 1 117 ? -1.618  2.210   -11.375 1.00 51.60  ? 123 TRP A N   1 
ATOM   857  C  CA  . TRP A 1 117 ? -1.077  3.283   -10.504 1.00 51.37  ? 123 TRP A CA  1 
ATOM   858  C  C   . TRP A 1 117 ? -0.582  4.450   -11.366 1.00 54.25  ? 123 TRP A C   1 
ATOM   859  O  O   . TRP A 1 117 ? 0.289   4.234   -12.230 1.00 52.03  ? 123 TRP A O   1 
ATOM   860  C  CB  . TRP A 1 117 ? 0.029   2.753   -9.584  1.00 49.66  ? 123 TRP A CB  1 
ATOM   861  C  CG  . TRP A 1 117 ? -0.447  1.840   -8.494  1.00 46.41  ? 123 TRP A CG  1 
ATOM   862  C  CD1 . TRP A 1 117 ? -0.224  0.496   -8.390  1.00 45.28  ? 123 TRP A CD1 1 
ATOM   863  C  CD2 . TRP A 1 117 ? -1.212  2.208   -7.332  1.00 47.56  ? 123 TRP A CD2 1 
ATOM   864  N  NE1 . TRP A 1 117 ? -0.789  0.009   -7.239  1.00 44.72  ? 123 TRP A NE1 1 
ATOM   865  C  CE2 . TRP A 1 117 ? -1.407  1.029   -6.572  1.00 46.63  ? 123 TRP A CE2 1 
ATOM   866  C  CE3 . TRP A 1 117 ? -1.736  3.411   -6.846  1.00 49.17  ? 123 TRP A CE3 1 
ATOM   867  C  CZ2 . TRP A 1 117 ? -2.120  1.019   -5.376  1.00 49.06  ? 123 TRP A CZ2 1 
ATOM   868  C  CZ3 . TRP A 1 117 ? -2.435  3.401   -5.659  1.00 50.62  ? 123 TRP A CZ3 1 
ATOM   869  C  CH2 . TRP A 1 117 ? -2.617  2.221   -4.931  1.00 52.03  ? 123 TRP A CH2 1 
ATOM   870  N  N   . LYS A 1 118 ? -1.089  5.654   -11.103 1.00 55.81  ? 124 LYS A N   1 
ATOM   871  C  CA  . LYS A 1 118 ? -0.618  6.892   -11.776 1.00 58.74  ? 124 LYS A CA  1 
ATOM   872  C  C   . LYS A 1 118 ? 0.880   7.049   -11.517 1.00 57.66  ? 124 LYS A C   1 
ATOM   873  O  O   . LYS A 1 118 ? 1.295   6.883   -10.357 1.00 57.68  ? 124 LYS A O   1 
ATOM   874  C  CB  . LYS A 1 118 ? -1.427  8.098   -11.296 1.00 62.22  ? 124 LYS A CB  1 
ATOM   875  C  CG  . LYS A 1 118 ? -2.795  8.206   -11.954 1.00 69.36  ? 124 LYS A CG  1 
ATOM   876  C  CD  . LYS A 1 118 ? -3.829  8.924   -11.119 1.00 78.48  ? 124 LYS A CD  1 
ATOM   877  C  CE  . LYS A 1 118 ? -3.419  10.335  -10.750 1.00 84.55  ? 124 LYS A CE  1 
ATOM   878  N  NZ  . LYS A 1 118 ? -4.584  11.149  -10.324 1.00 89.17  ? 124 LYS A NZ  1 
ATOM   879  N  N   . GLY A 1 119 ? 1.654   7.292   -12.579 1.00 55.94  ? 125 GLY A N   1 
ATOM   880  C  CA  . GLY A 1 119 ? 3.104   7.554   -12.510 1.00 57.50  ? 125 GLY A CA  1 
ATOM   881  C  C   . GLY A 1 119 ? 3.921   6.276   -12.555 1.00 59.70  ? 125 GLY A C   1 
ATOM   882  O  O   . GLY A 1 119 ? 5.164   6.366   -12.543 1.00 62.13  ? 125 GLY A O   1 
ATOM   883  N  N   . TYR A 1 120 ? 3.263   5.117   -12.602 1.00 58.42  ? 126 TYR A N   1 
ATOM   884  C  CA  . TYR A 1 120 ? 3.937   3.795   -12.612 1.00 60.00  ? 126 TYR A CA  1 
ATOM   885  C  C   . TYR A 1 120 ? 3.370   2.992   -13.781 1.00 61.66  ? 126 TYR A C   1 
ATOM   886  O  O   . TYR A 1 120 ? 3.784   3.270   -14.910 1.00 65.74  ? 126 TYR A O   1 
ATOM   887  C  CB  . TYR A 1 120 ? 3.827   3.133   -11.233 1.00 52.67  ? 126 TYR A CB  1 
ATOM   888  C  CG  . TYR A 1 120 ? 4.602   3.864   -10.170 1.00 51.96  ? 126 TYR A CG  1 
ATOM   889  C  CD1 . TYR A 1 120 ? 5.947   3.614   -9.969  1.00 51.31  ? 126 TYR A CD1 1 
ATOM   890  C  CD2 . TYR A 1 120 ? 4.004   4.849   -9.399  1.00 54.17  ? 126 TYR A CD2 1 
ATOM   891  C  CE1 . TYR A 1 120 ? 6.679   4.305   -9.019  1.00 52.92  ? 126 TYR A CE1 1 
ATOM   892  C  CE2 . TYR A 1 120 ? 4.720   5.544   -8.435  1.00 52.31  ? 126 TYR A CE2 1 
ATOM   893  C  CZ  . TYR A 1 120 ? 6.063   5.275   -8.250  1.00 50.43  ? 126 TYR A CZ  1 
ATOM   894  O  OH  . TYR A 1 120 ? 6.778   5.941   -7.301  1.00 52.87  ? 126 TYR A OH  1 
ATOM   895  N  N   . GLY A 1 121 ? 2.453   2.061   -13.514 1.00 60.52  ? 127 GLY A N   1 
ATOM   896  C  CA  . GLY A 1 121 ? 1.825   1.222   -14.548 1.00 67.18  ? 127 GLY A CA  1 
ATOM   897  C  C   . GLY A 1 121 ? 1.051   2.049   -15.561 1.00 65.03  ? 127 GLY A C   1 
ATOM   898  O  O   . GLY A 1 121 ? 1.078   1.675   -16.744 1.00 68.77  ? 127 GLY A O   1 
ATOM   899  N  N   . CYS A 1 122 ? 0.373   3.122   -15.131 1.00 62.98  ? 128 CYS A N   1 
ATOM   900  C  CA  . CYS A 1 122 ? -0.524  3.940   -15.998 1.00 71.71  ? 128 CYS A CA  1 
ATOM   901  C  C   . CYS A 1 122 ? 0.270   4.474   -17.191 1.00 77.35  ? 128 CYS A C   1 
ATOM   902  O  O   . CYS A 1 122 ? 1.290   5.146   -16.954 1.00 79.08  ? 128 CYS A O   1 
ATOM   903  C  CB  . CYS A 1 122 ? -1.157  5.126   -15.279 1.00 69.11  ? 128 CYS A CB  1 
ATOM   904  S  SG  . CYS A 1 122 ? -2.233  6.108   -16.363 1.00 65.67  ? 128 CYS A SG  1 
ATOM   905  N  N   . SER A 1 123 ? -0.184  4.162   -18.411 1.00 86.66  ? 129 SER A N   1 
ATOM   906  C  CA  . SER A 1 123 ? 0.419   4.606   -19.696 1.00 90.98  ? 129 SER A CA  1 
ATOM   907  C  C   . SER A 1 123 ? -0.593  5.460   -20.470 1.00 89.91  ? 129 SER A C   1 
ATOM   908  O  O   . SER A 1 123 ? -0.568  5.403   -21.710 1.00 96.21  ? 129 SER A O   1 
ATOM   909  C  CB  . SER A 1 123 ? 0.880   3.423   -20.523 1.00 91.32  ? 129 SER A CB  1 
ATOM   910  O  OG  . SER A 1 123 ? 1.818   2.628   -19.813 1.00 92.65  ? 129 SER A OG  1 
ATOM   911  N  N   . CYS A 1 124 ? -1.446  6.215   -19.767 1.00 84.89  ? 130 CYS A N   1 
ATOM   912  C  CA  . CYS A 1 124 ? -2.492  7.096   -20.367 1.00 88.40  ? 130 CYS A CA  1 
ATOM   913  C  C   . CYS A 1 124 ? -1.862  8.414   -20.839 1.00 84.20  ? 130 CYS A C   1 
ATOM   914  O  O   . CYS A 1 124 ? -0.923  8.908   -20.222 1.00 88.73  ? 130 CYS A O   1 
ATOM   915  C  CB  . CYS A 1 124 ? -3.619  7.393   -19.382 1.00 82.32  ? 130 CYS A CB  1 
ATOM   916  S  SG  . CYS A 1 124 ? -4.787  6.021   -19.177 1.00 81.38  ? 130 CYS A SG  1 
HETATM 917  ZN ZN  . ZN  B 2 .   ? -7.658  -0.067  4.913   1.00 45.57  ? 201 ZN  A ZN  1 
HETATM 918  ZN ZN  . ZN  C 2 .   ? -4.223  5.361   -16.765 1.00 71.44  ? 202 ZN  A ZN  1 
HETATM 919  C  C10 . 7WA D 3 .   ? 9.468   -11.387 -9.296  1.00 53.91  ? 203 7WA A C10 1 
HETATM 920  N  N01 . 7WA D 3 .   ? 8.892   -9.207  -10.234 1.00 55.75  ? 203 7WA A N01 1 
HETATM 921  C  C02 . 7WA D 3 .   ? 9.154   -10.540 -10.391 1.00 53.85  ? 203 7WA A C02 1 
HETATM 922  C  C03 . 7WA D 3 .   ? 9.120   -11.111 -11.657 1.00 53.40  ? 203 7WA A C03 1 
HETATM 923  C  C04 . 7WA D 3 .   ? 9.388   -12.483 -11.834 1.00 59.29  ? 203 7WA A C04 1 
HETATM 924  C  C05 . 7WA D 3 .   ? 9.686   -13.318 -10.776 1.00 55.70  ? 203 7WA A C05 1 
HETATM 925  C  C06 . 7WA D 3 .   ? 9.712   -12.748 -9.513  1.00 55.81  ? 203 7WA A C06 1 
HETATM 926  N  N07 . 7WA D 3 .   ? 9.963   -13.281 -8.271  1.00 57.07  ? 203 7WA A N07 1 
HETATM 927  C  C08 . 7WA D 3 .   ? 9.869   -12.274 -7.388  1.00 53.53  ? 203 7WA A C08 1 
HETATM 928  N  N09 . 7WA D 3 .   ? 9.568   -11.118 -7.935  1.00 54.08  ? 203 7WA A N09 1 
HETATM 929  C  C1  . GOL E 4 .   ? 4.340   15.622  14.705  1.00 75.80  ? 204 GOL A C1  1 
HETATM 930  O  O1  . GOL E 4 .   ? 4.462   16.145  16.034  1.00 65.13  ? 204 GOL A O1  1 
HETATM 931  C  C2  . GOL E 4 .   ? 4.552   14.113  14.620  1.00 74.06  ? 204 GOL A C2  1 
HETATM 932  O  O2  . GOL E 4 .   ? 3.297   13.425  14.633  1.00 68.79  ? 204 GOL A O2  1 
HETATM 933  C  C3  . GOL E 4 .   ? 5.371   13.663  13.411  1.00 70.94  ? 204 GOL A C3  1 
HETATM 934  O  O3  . GOL E 4 .   ? 4.737   13.918  12.153  1.00 76.81  ? 204 GOL A O3  1 
HETATM 935  S  S   . DMS F 5 .   ? -7.055  1.424   18.620  0.33 92.27  ? 205 DMS A S   1 
HETATM 936  O  O   . DMS F 5 .   ? -6.147  2.114   17.629  0.33 90.19  ? 205 DMS A O   1 
HETATM 937  C  C1  . DMS F 5 .   ? -6.210  -0.063  19.108  0.33 89.37  ? 205 DMS A C1  1 
HETATM 938  C  C2  . DMS F 5 .   ? -6.881  2.316   20.150  0.33 89.47  ? 205 DMS A C2  1 
HETATM 939  CL CL  . CL  G 6 .   ? 4.080   -7.347  13.336  1.00 51.29  ? 206 CL  A CL  1 
HETATM 940  CL CL  . CL  H 6 .   ? 2.192   -0.152  -11.337 1.00 56.79  ? 207 CL  A CL  1 
HETATM 941  O  O   . HOH I 7 .   ? -3.721  5.418   -2.328  1.00 56.38  ? 301 HOH A O   1 
HETATM 942  O  O   . HOH I 7 .   ? -12.209 -2.863  -0.294  1.00 55.30  ? 302 HOH A O   1 
HETATM 943  O  O   . HOH I 7 .   ? 6.982   -16.148 -12.798 1.00 60.98  ? 303 HOH A O   1 
HETATM 944  O  O   . HOH I 7 .   ? -8.271  8.320   10.248  1.00 54.26  ? 304 HOH A O   1 
HETATM 945  O  O   . HOH I 7 .   ? -0.923  10.413  -5.032  1.00 60.64  ? 305 HOH A O   1 
HETATM 946  O  O   . HOH I 7 .   ? 1.352   -9.643  -17.670 1.00 53.43  ? 306 HOH A O   1 
HETATM 947  O  O   . HOH I 7 .   ? -10.885 -1.233  -4.395  1.00 59.70  ? 307 HOH A O   1 
HETATM 948  O  O   . HOH I 7 .   ? 11.576  -1.964  6.904   1.00 55.06  ? 308 HOH A O   1 
HETATM 949  O  O   . HOH I 7 .   ? 0.234   7.482   -8.081  1.00 47.88  ? 309 HOH A O   1 
HETATM 950  O  O   . HOH I 7 .   ? -5.451  -14.181 0.638   1.00 49.24  ? 310 HOH A O   1 
HETATM 951  O  O   . HOH I 7 .   ? -4.830  3.362   -1.657  1.00 64.71  ? 311 HOH A O   1 
HETATM 952  O  O   . HOH I 7 .   ? -7.040  -9.701  0.527   1.00 50.43  ? 312 HOH A O   1 
HETATM 953  O  O   . HOH I 7 .   ? 5.364   -0.827  3.981   1.00 39.45  ? 313 HOH A O   1 
HETATM 954  O  O   . HOH I 7 .   ? 12.848  5.612   5.017   1.00 44.59  ? 314 HOH A O   1 
HETATM 955  O  O   . HOH I 7 .   ? -8.346  -10.727 -10.564 1.00 58.13  ? 315 HOH A O   1 
HETATM 956  O  O   . HOH I 7 .   ? -0.863  -3.765  12.125  1.00 41.90  ? 316 HOH A O   1 
HETATM 957  O  O   . HOH I 7 .   ? -3.718  12.928  5.935   1.00 79.14  ? 317 HOH A O   1 
HETATM 958  O  O   . HOH I 7 .   ? -1.992  13.315  18.669  1.00 42.11  ? 318 HOH A O   1 
HETATM 959  O  O   . HOH I 7 .   ? -4.294  10.294  7.623   1.00 48.94  ? 319 HOH A O   1 
HETATM 960  O  O   . HOH I 7 .   ? -7.292  -7.411  -13.577 1.00 54.69  ? 320 HOH A O   1 
HETATM 961  O  O   . HOH I 7 .   ? 7.879   -3.771  4.054   1.00 52.86  ? 321 HOH A O   1 
HETATM 962  O  O   . HOH I 7 .   ? 0.401   -5.060  -17.182 1.00 51.01  ? 322 HOH A O   1 
HETATM 963  O  O   . HOH I 7 .   ? -9.330  0.269   10.326  1.00 52.72  ? 323 HOH A O   1 
HETATM 964  O  O   . HOH I 7 .   ? -6.991  -1.289  -10.053 1.00 50.38  ? 324 HOH A O   1 
HETATM 965  O  O   . HOH I 7 .   ? 5.175   4.598   19.450  1.00 55.67  ? 325 HOH A O   1 
HETATM 966  O  O   . HOH I 7 .   ? -4.763  9.030   13.587  1.00 52.79  ? 326 HOH A O   1 
HETATM 967  O  O   . HOH I 7 .   ? 9.434   5.486   -6.921  1.00 66.91  ? 327 HOH A O   1 
HETATM 968  O  O   . HOH I 7 .   ? -1.523  -16.308 -3.979  1.00 62.45  ? 328 HOH A O   1 
HETATM 969  O  O   . HOH I 7 .   ? -1.792  -13.349 -11.648 1.00 52.52  ? 329 HOH A O   1 
HETATM 970  O  O   . HOH I 7 .   ? 3.999   -11.352 -4.954  1.00 50.09  ? 330 HOH A O   1 
HETATM 971  O  O   . HOH I 7 .   ? 7.924   9.959   2.835   1.00 49.31  ? 331 HOH A O   1 
HETATM 972  O  O   . HOH I 7 .   ? 2.797   5.517   20.609  1.00 53.45  ? 332 HOH A O   1 
HETATM 973  O  O   . HOH I 7 .   ? 13.350  -0.527  2.831   1.00 57.27  ? 333 HOH A O   1 
HETATM 974  O  O   . HOH I 7 .   ? -12.923 3.356   8.362   1.00 55.16  ? 334 HOH A O   1 
HETATM 975  O  O   . HOH I 7 .   ? 0.817   -12.563 -11.137 1.00 50.32  ? 335 HOH A O   1 
HETATM 976  O  O   . HOH I 7 .   ? 9.917   4.032   1.683   1.00 49.51  ? 336 HOH A O   1 
HETATM 977  O  O   . HOH I 7 .   ? 6.890   11.460  11.685  1.00 50.03  ? 337 HOH A O   1 
HETATM 978  O  O   . HOH I 7 .   ? 6.646   5.185   0.470   1.00 52.60  ? 338 HOH A O   1 
HETATM 979  O  O   . HOH I 7 .   ? -4.041  -4.671  8.137   1.00 49.91  ? 339 HOH A O   1 
HETATM 980  O  O   . HOH I 7 .   ? -0.108  -16.829 -1.858  1.00 50.86  ? 340 HOH A O   1 
HETATM 981  O  O   . HOH I 7 .   ? 3.751   -9.992  -17.172 1.00 60.77  ? 341 HOH A O   1 
HETATM 982  O  O   . HOH I 7 .   ? 4.965   -6.069  16.342  1.00 58.67  ? 342 HOH A O   1 
HETATM 983  O  O   . HOH I 7 .   ? 9.748   6.793   0.954   1.00 54.15  ? 343 HOH A O   1 
HETATM 984  O  O   . HOH I 7 .   ? 0.174   13.632  4.097   1.00 58.94  ? 344 HOH A O   1 
HETATM 985  O  O   . HOH I 7 .   ? 5.706   6.289   -4.662  1.00 50.27  ? 345 HOH A O   1 
HETATM 986  O  O   . HOH I 7 .   ? 8.152   9.451   -1.504  1.00 63.76  ? 346 HOH A O   1 
HETATM 987  O  O   . HOH I 7 .   ? -1.817  3.018   3.079   1.00 44.48  ? 347 HOH A O   1 
HETATM 988  O  O   . HOH I 7 .   ? -0.786  -0.700  -11.475 1.00 46.01  ? 348 HOH A O   1 
HETATM 989  O  O   . HOH I 7 .   ? 4.977   -14.982 -5.994  1.00 58.07  ? 349 HOH A O   1 
HETATM 990  O  O   . HOH I 7 .   ? 9.221   -1.340  10.755  1.00 55.69  ? 350 HOH A O   1 
HETATM 991  O  O   . HOH I 7 .   ? -6.653  5.559   -5.771  1.00 49.51  ? 351 HOH A O   1 
HETATM 992  O  O   . HOH I 7 .   ? -0.638  -15.713 -10.511 1.00 50.87  ? 352 HOH A O   1 
HETATM 993  O  O   . HOH I 7 .   ? -6.253  2.776   2.105   1.00 50.71  ? 353 HOH A O   1 
HETATM 994  O  O   . HOH I 7 .   ? 7.282   2.396   -1.575  1.00 55.45  ? 354 HOH A O   1 
HETATM 995  O  O   . HOH I 7 .   ? -8.867  -3.244  -11.156 1.00 60.49  ? 355 HOH A O   1 
HETATM 996  O  O   . HOH I 7 .   ? 3.895   -2.076  -14.922 1.00 58.65  ? 356 HOH A O   1 
HETATM 997  O  O   . HOH I 7 .   ? -5.190  10.376  11.222  1.00 58.81  ? 357 HOH A O   1 
HETATM 998  O  O   . HOH I 7 .   ? 9.598   2.348   -1.618  1.00 54.15  ? 358 HOH A O   1 
HETATM 999  O  O   . HOH I 7 .   ? -7.151  -7.781  2.765   1.00 44.16  ? 359 HOH A O   1 
HETATM 1000 O  O   . HOH I 7 .   ? 8.653   -5.274  13.997  1.00 52.39  ? 360 HOH A O   1 
HETATM 1001 O  O   . HOH I 7 .   ? 8.212   -8.641  -2.655  1.00 54.60  ? 361 HOH A O   1 
HETATM 1002 O  O   . HOH I 7 .   ? -10.144 5.914   14.466  1.00 60.70  ? 362 HOH A O   1 
HETATM 1003 O  O   . HOH I 7 .   ? -10.160 -7.452  -10.338 1.00 49.90  ? 363 HOH A O   1 
HETATM 1004 O  O   . HOH I 7 .   ? 8.901   -1.350  -10.792 1.00 64.15  ? 364 HOH A O   1 
HETATM 1005 O  O   . HOH I 7 .   ? 6.371   -6.019  3.832   1.00 53.54  ? 365 HOH A O   1 
HETATM 1006 O  O   . HOH I 7 .   ? 7.656   -2.597  17.910  1.00 44.35  ? 366 HOH A O   1 
HETATM 1007 O  O   . HOH I 7 .   ? -3.972  -8.615  3.857   1.00 41.08  ? 367 HOH A O   1 
HETATM 1008 O  O   . HOH I 7 .   ? 4.697   -8.077  -17.737 1.00 59.21  ? 368 HOH A O   1 
HETATM 1009 O  O   . HOH I 7 .   ? 13.851  2.648   11.975  1.00 50.29  ? 369 HOH A O   1 
HETATM 1010 O  O   . HOH I 7 .   ? 6.933   -4.753  16.330  1.00 61.10  ? 370 HOH A O   1 
HETATM 1011 O  O   . HOH I 7 .   ? -4.273  6.352   0.178   1.00 69.60  ? 371 HOH A O   1 
HETATM 1012 O  O   . HOH I 7 .   ? 10.573  9.040   2.138   1.00 57.50  ? 372 HOH A O   1 
HETATM 1013 O  O   . HOH I 7 .   ? -3.947  3.734   1.752   1.00 60.90  ? 373 HOH A O   1 
HETATM 1014 O  O   . HOH I 7 .   ? -8.643  -8.389  5.002   1.00 62.31  ? 374 HOH A O   1 
HETATM 1015 O  O   . HOH I 7 .   ? 1.325   -7.192  -18.759 1.00 77.65  ? 375 HOH A O   1 
HETATM 1016 O  O   . HOH I 7 .   ? 4.552   -1.097  -12.652 1.00 55.91  ? 376 HOH A O   1 
HETATM 1017 O  O   . HOH I 7 .   ? -3.917  -8.837  6.800   1.00 62.85  ? 377 HOH A O   1 
HETATM 1018 O  O   . HOH I 7 .   ? 5.019   2.197   21.115  1.00 58.04  ? 378 HOH A O   1 
HETATM 1019 O  O   . HOH I 7 .   ? 6.841   4.604   -2.431  1.00 46.15  ? 379 HOH A O   1 
HETATM 1020 O  O   . HOH I 7 .   ? 12.058  4.011   3.046   1.00 52.68  ? 380 HOH A O   1 
HETATM 1021 O  O   . HOH I 7 .   ? -2.339  -7.168  8.549   1.00 46.79  ? 381 HOH A O   1 
HETATM 1022 O  O   . HOH I 7 .   ? -4.493  -11.425 2.073   1.00 66.27  ? 382 HOH A O   1 
HETATM 1023 O  O   . HOH I 7 .   ? 1.867   15.112  4.321   1.00 64.22  ? 383 HOH A O   1 
HETATM 1024 O  O   . HOH I 7 .   ? 6.290   8.970   -4.047  1.00 63.33  ? 384 HOH A O   1 
HETATM 1025 O  O   . HOH I 7 .   ? 9.999   -6.137  4.316   1.00 58.08  ? 385 HOH A O   1 
HETATM 1026 O  O   . HOH I 7 .   ? 6.700   0.449   -12.613 1.00 66.33  ? 386 HOH A O   1 
# 
